data_1XRX
# 
_entry.id   1XRX 
# 
_audit_conform.dict_name       mmcif_pdbx.dic 
_audit_conform.dict_version    5.399 
_audit_conform.dict_location   http://mmcif.pdb.org/dictionaries/ascii/mmcif_pdbx.dic 
# 
loop_
_database_2.database_id 
_database_2.database_code 
_database_2.pdbx_database_accession 
_database_2.pdbx_DOI 
PDB   1XRX         pdb_00001xrx 10.2210/pdb1xrx/pdb 
RCSB  RCSB030696   ?            ?                   
WWPDB D_1000030696 ?            ?                   
# 
loop_
_pdbx_audit_revision_history.ordinal 
_pdbx_audit_revision_history.data_content_type 
_pdbx_audit_revision_history.major_revision 
_pdbx_audit_revision_history.minor_revision 
_pdbx_audit_revision_history.revision_date 
1 'Structure model' 1 0 2005-05-10 
2 'Structure model' 1 1 2008-04-30 
3 'Structure model' 1 2 2011-07-13 
4 'Structure model' 1 3 2013-03-06 
5 'Structure model' 1 4 2024-11-20 
# 
_pdbx_audit_revision_details.ordinal             1 
_pdbx_audit_revision_details.revision_ordinal    1 
_pdbx_audit_revision_details.data_content_type   'Structure model' 
_pdbx_audit_revision_details.provider            repository 
_pdbx_audit_revision_details.type                'Initial release' 
_pdbx_audit_revision_details.description         ? 
_pdbx_audit_revision_details.details             ? 
# 
loop_
_pdbx_audit_revision_group.ordinal 
_pdbx_audit_revision_group.revision_ordinal 
_pdbx_audit_revision_group.data_content_type 
_pdbx_audit_revision_group.group 
1 2 'Structure model' 'Version format compliance' 
2 3 'Structure model' 'Derived calculations'      
3 3 'Structure model' 'Version format compliance' 
4 4 'Structure model' Other                       
5 5 'Structure model' 'Data collection'           
6 5 'Structure model' 'Database references'       
7 5 'Structure model' 'Derived calculations'      
8 5 'Structure model' 'Structure summary'         
# 
loop_
_pdbx_audit_revision_category.ordinal 
_pdbx_audit_revision_category.revision_ordinal 
_pdbx_audit_revision_category.data_content_type 
_pdbx_audit_revision_category.category 
1 5 'Structure model' chem_comp_atom            
2 5 'Structure model' chem_comp_bond            
3 5 'Structure model' database_2                
4 5 'Structure model' pdbx_entry_details        
5 5 'Structure model' pdbx_modification_feature 
6 5 'Structure model' pdbx_struct_conn_angle    
7 5 'Structure model' struct_conn               
8 5 'Structure model' struct_ref_seq_dif        
9 5 'Structure model' struct_site               
# 
loop_
_pdbx_audit_revision_item.ordinal 
_pdbx_audit_revision_item.revision_ordinal 
_pdbx_audit_revision_item.data_content_type 
_pdbx_audit_revision_item.item 
1  5 'Structure model' '_database_2.pdbx_DOI'                        
2  5 'Structure model' '_database_2.pdbx_database_accession'         
3  5 'Structure model' '_pdbx_struct_conn_angle.ptnr1_auth_asym_id'  
4  5 'Structure model' '_pdbx_struct_conn_angle.ptnr1_auth_seq_id'   
5  5 'Structure model' '_pdbx_struct_conn_angle.ptnr1_label_asym_id' 
6  5 'Structure model' '_pdbx_struct_conn_angle.ptnr3_auth_asym_id'  
7  5 'Structure model' '_pdbx_struct_conn_angle.ptnr3_auth_seq_id'   
8  5 'Structure model' '_pdbx_struct_conn_angle.ptnr3_label_asym_id' 
9  5 'Structure model' '_pdbx_struct_conn_angle.value'               
10 5 'Structure model' '_struct_conn.conn_type_id'                   
11 5 'Structure model' '_struct_conn.id'                             
12 5 'Structure model' '_struct_conn.pdbx_dist_value'                
13 5 'Structure model' '_struct_conn.pdbx_leaving_atom_flag'         
14 5 'Structure model' '_struct_conn.ptnr1_auth_asym_id'             
15 5 'Structure model' '_struct_conn.ptnr1_auth_comp_id'             
16 5 'Structure model' '_struct_conn.ptnr1_auth_seq_id'              
17 5 'Structure model' '_struct_conn.ptnr1_label_asym_id'            
18 5 'Structure model' '_struct_conn.ptnr1_label_atom_id'            
19 5 'Structure model' '_struct_conn.ptnr1_label_comp_id'            
20 5 'Structure model' '_struct_conn.ptnr1_label_seq_id'             
21 5 'Structure model' '_struct_conn.ptnr2_auth_asym_id'             
22 5 'Structure model' '_struct_conn.ptnr2_auth_comp_id'             
23 5 'Structure model' '_struct_conn.ptnr2_auth_seq_id'              
24 5 'Structure model' '_struct_conn.ptnr2_label_asym_id'            
25 5 'Structure model' '_struct_conn.ptnr2_label_atom_id'            
26 5 'Structure model' '_struct_conn.ptnr2_label_comp_id'            
27 5 'Structure model' '_struct_conn.ptnr2_label_seq_id'             
28 5 'Structure model' '_struct_ref_seq_dif.details'                 
29 5 'Structure model' '_struct_site.pdbx_auth_asym_id'              
30 5 'Structure model' '_struct_site.pdbx_auth_comp_id'              
31 5 'Structure model' '_struct_site.pdbx_auth_seq_id'               
# 
_pdbx_database_status.status_code                     REL 
_pdbx_database_status.entry_id                        1XRX 
_pdbx_database_status.recvd_initial_deposition_date   2004-10-16 
_pdbx_database_status.deposit_site                    RCSB 
_pdbx_database_status.process_site                    RCSB 
_pdbx_database_status.status_code_sf                  REL 
_pdbx_database_status.status_code_mr                  ? 
_pdbx_database_status.SG_entry                        ? 
_pdbx_database_status.status_code_cs                  ? 
_pdbx_database_status.pdb_format_compatible           Y 
_pdbx_database_status.status_code_nmr_data            ? 
_pdbx_database_status.methods_development_category    ? 
# 
_pdbx_database_related.db_name        PDB 
_pdbx_database_related.db_id          1LRR 
_pdbx_database_related.details        'SeqA DNA binding domain complexed with hemimethylated DNA' 
_pdbx_database_related.content_type   unspecified 
# 
loop_
_audit_author.name 
_audit_author.pdbx_ordinal 
'Guarne, A.'    1 
'Brendler, T.'  2 
'Zhao, Q.'      3 
'Ghirlando, R.' 4 
'Austin, S.'    5 
'Yang, W.'      6 
# 
_citation.id                        primary 
_citation.title                     
'Crystal structure of a SeqA-N filament: implications for DNA replication and chromosome organization.' 
_citation.journal_abbrev            'Embo J.' 
_citation.journal_volume            24 
_citation.page_first                1502 
_citation.page_last                 1511 
_citation.year                      2005 
_citation.journal_id_ASTM           EMJODG 
_citation.country                   UK 
_citation.journal_id_ISSN           0261-4189 
_citation.journal_id_CSD            0897 
_citation.book_publisher            ? 
_citation.pdbx_database_id_PubMed   15933720 
_citation.pdbx_database_id_DOI      10.1038/sj.emboj.7600634 
# 
loop_
_citation_author.citation_id 
_citation_author.name 
_citation_author.ordinal 
_citation_author.identifier_ORCID 
primary 'Guarne, A.'    1 ? 
primary 'Brendler, T.'  2 ? 
primary 'Zhao, Q.'      3 ? 
primary 'Ghirlando, R.' 4 ? 
primary 'Austin, S.'    5 ? 
primary 'Yang, W.'      6 ? 
# 
loop_
_entity.id 
_entity.type 
_entity.src_method 
_entity.pdbx_description 
_entity.formula_weight 
_entity.pdbx_number_of_molecules 
_entity.pdbx_ec 
_entity.pdbx_mutation 
_entity.pdbx_fragment 
_entity.details 
1 polymer     man 'SeqA protein' 5695.182 4   ? ? 'N-terminal domain' ? 
2 non-polymer syn 'CALCIUM ION'  40.078   1   ? ? ?                   ? 
3 water       nat water          18.015   175 ? ? ?                   ? 
# 
_entity_poly.entity_id                      1 
_entity_poly.type                           'polypeptide(L)' 
_entity_poly.nstd_linkage                   no 
_entity_poly.nstd_monomer                   yes 
_entity_poly.pdbx_seq_one_letter_code       '(MSE)KTIEVDDELYSYIASHTKHIGESASDILRR(MSE)LKFSAASQPAAPVTKEVR' 
_entity_poly.pdbx_seq_one_letter_code_can   MKTIEVDDELYSYIASHTKHIGESASDILRRMLKFSAASQPAAPVTKEVR 
_entity_poly.pdbx_strand_id                 A,B,C,D 
_entity_poly.pdbx_target_identifier         ? 
# 
loop_
_pdbx_entity_nonpoly.entity_id 
_pdbx_entity_nonpoly.name 
_pdbx_entity_nonpoly.comp_id 
2 'CALCIUM ION' CA  
3 water         HOH 
# 
loop_
_entity_poly_seq.entity_id 
_entity_poly_seq.num 
_entity_poly_seq.mon_id 
_entity_poly_seq.hetero 
1 1  MSE n 
1 2  LYS n 
1 3  THR n 
1 4  ILE n 
1 5  GLU n 
1 6  VAL n 
1 7  ASP n 
1 8  ASP n 
1 9  GLU n 
1 10 LEU n 
1 11 TYR n 
1 12 SER n 
1 13 TYR n 
1 14 ILE n 
1 15 ALA n 
1 16 SER n 
1 17 HIS n 
1 18 THR n 
1 19 LYS n 
1 20 HIS n 
1 21 ILE n 
1 22 GLY n 
1 23 GLU n 
1 24 SER n 
1 25 ALA n 
1 26 SER n 
1 27 ASP n 
1 28 ILE n 
1 29 LEU n 
1 30 ARG n 
1 31 ARG n 
1 32 MSE n 
1 33 LEU n 
1 34 LYS n 
1 35 PHE n 
1 36 SER n 
1 37 ALA n 
1 38 ALA n 
1 39 SER n 
1 40 GLN n 
1 41 PRO n 
1 42 ALA n 
1 43 ALA n 
1 44 PRO n 
1 45 VAL n 
1 46 THR n 
1 47 LYS n 
1 48 GLU n 
1 49 VAL n 
1 50 ARG n 
# 
_entity_src_gen.entity_id                          1 
_entity_src_gen.pdbx_src_id                        1 
_entity_src_gen.pdbx_alt_source_flag               sample 
_entity_src_gen.pdbx_seq_type                      ? 
_entity_src_gen.pdbx_beg_seq_num                   ? 
_entity_src_gen.pdbx_end_seq_num                   ? 
_entity_src_gen.gene_src_common_name               ? 
_entity_src_gen.gene_src_genus                     Escherichia 
_entity_src_gen.pdbx_gene_src_gene                 seqA 
_entity_src_gen.gene_src_species                   ? 
_entity_src_gen.gene_src_strain                    ? 
_entity_src_gen.gene_src_tissue                    ? 
_entity_src_gen.gene_src_tissue_fraction           ? 
_entity_src_gen.gene_src_details                   ? 
_entity_src_gen.pdbx_gene_src_fragment             ? 
_entity_src_gen.pdbx_gene_src_scientific_name      'Escherichia coli' 
_entity_src_gen.pdbx_gene_src_ncbi_taxonomy_id     562 
_entity_src_gen.pdbx_gene_src_variant              ? 
_entity_src_gen.pdbx_gene_src_cell_line            ? 
_entity_src_gen.pdbx_gene_src_atcc                 ? 
_entity_src_gen.pdbx_gene_src_organ                ? 
_entity_src_gen.pdbx_gene_src_organelle            ? 
_entity_src_gen.pdbx_gene_src_cell                 ? 
_entity_src_gen.pdbx_gene_src_cellular_location    ? 
_entity_src_gen.host_org_common_name               ? 
_entity_src_gen.pdbx_host_org_scientific_name      'Escherichia coli' 
_entity_src_gen.pdbx_host_org_ncbi_taxonomy_id     562 
_entity_src_gen.host_org_genus                     Escherichia 
_entity_src_gen.pdbx_host_org_gene                 ? 
_entity_src_gen.pdbx_host_org_organ                ? 
_entity_src_gen.host_org_species                   ? 
_entity_src_gen.pdbx_host_org_tissue               ? 
_entity_src_gen.pdbx_host_org_tissue_fraction      ? 
_entity_src_gen.pdbx_host_org_strain               'B834(DE3)' 
_entity_src_gen.pdbx_host_org_variant              ? 
_entity_src_gen.pdbx_host_org_cell_line            ? 
_entity_src_gen.pdbx_host_org_atcc                 ? 
_entity_src_gen.pdbx_host_org_culture_collection   ? 
_entity_src_gen.pdbx_host_org_cell                 ? 
_entity_src_gen.pdbx_host_org_organelle            ? 
_entity_src_gen.pdbx_host_org_cellular_location    ? 
_entity_src_gen.pdbx_host_org_vector_type          plasmid 
_entity_src_gen.pdbx_host_org_vector               ? 
_entity_src_gen.host_org_details                   ? 
_entity_src_gen.expression_system_id               ? 
_entity_src_gen.plasmid_name                       pET11a 
_entity_src_gen.plasmid_details                    ? 
_entity_src_gen.pdbx_description                   ? 
# 
loop_
_chem_comp.id 
_chem_comp.type 
_chem_comp.mon_nstd_flag 
_chem_comp.name 
_chem_comp.pdbx_synonyms 
_chem_comp.formula 
_chem_comp.formula_weight 
ALA 'L-peptide linking' y ALANINE          ? 'C3 H7 N O2'     89.093  
ARG 'L-peptide linking' y ARGININE         ? 'C6 H15 N4 O2 1' 175.209 
ASP 'L-peptide linking' y 'ASPARTIC ACID'  ? 'C4 H7 N O4'     133.103 
CA  non-polymer         . 'CALCIUM ION'    ? 'Ca 2'           40.078  
GLN 'L-peptide linking' y GLUTAMINE        ? 'C5 H10 N2 O3'   146.144 
GLU 'L-peptide linking' y 'GLUTAMIC ACID'  ? 'C5 H9 N O4'     147.129 
GLY 'peptide linking'   y GLYCINE          ? 'C2 H5 N O2'     75.067  
HIS 'L-peptide linking' y HISTIDINE        ? 'C6 H10 N3 O2 1' 156.162 
HOH non-polymer         . WATER            ? 'H2 O'           18.015  
ILE 'L-peptide linking' y ISOLEUCINE       ? 'C6 H13 N O2'    131.173 
LEU 'L-peptide linking' y LEUCINE          ? 'C6 H13 N O2'    131.173 
LYS 'L-peptide linking' y LYSINE           ? 'C6 H15 N2 O2 1' 147.195 
MET 'L-peptide linking' y METHIONINE       ? 'C5 H11 N O2 S'  149.211 
MSE 'L-peptide linking' n SELENOMETHIONINE ? 'C5 H11 N O2 Se' 196.106 
PHE 'L-peptide linking' y PHENYLALANINE    ? 'C9 H11 N O2'    165.189 
PRO 'L-peptide linking' y PROLINE          ? 'C5 H9 N O2'     115.130 
SER 'L-peptide linking' y SERINE           ? 'C3 H7 N O3'     105.093 
THR 'L-peptide linking' y THREONINE        ? 'C4 H9 N O3'     119.119 
TYR 'L-peptide linking' y TYROSINE         ? 'C9 H11 N O3'    181.189 
VAL 'L-peptide linking' y VALINE           ? 'C5 H11 N O2'    117.146 
# 
loop_
_pdbx_poly_seq_scheme.asym_id 
_pdbx_poly_seq_scheme.entity_id 
_pdbx_poly_seq_scheme.seq_id 
_pdbx_poly_seq_scheme.mon_id 
_pdbx_poly_seq_scheme.ndb_seq_num 
_pdbx_poly_seq_scheme.pdb_seq_num 
_pdbx_poly_seq_scheme.auth_seq_num 
_pdbx_poly_seq_scheme.pdb_mon_id 
_pdbx_poly_seq_scheme.auth_mon_id 
_pdbx_poly_seq_scheme.pdb_strand_id 
_pdbx_poly_seq_scheme.pdb_ins_code 
_pdbx_poly_seq_scheme.hetero 
A 1 1  MSE 1  1  1  MSE MSE A . n 
A 1 2  LYS 2  2  2  LYS LYS A . n 
A 1 3  THR 3  3  3  THR THR A . n 
A 1 4  ILE 4  4  4  ILE ILE A . n 
A 1 5  GLU 5  5  5  GLU GLU A . n 
A 1 6  VAL 6  6  6  VAL VAL A . n 
A 1 7  ASP 7  7  7  ASP ASP A . n 
A 1 8  ASP 8  8  8  ASP ASP A . n 
A 1 9  GLU 9  9  9  GLU GLU A . n 
A 1 10 LEU 10 10 10 LEU LEU A . n 
A 1 11 TYR 11 11 11 TYR TYR A . n 
A 1 12 SER 12 12 12 SER SER A . n 
A 1 13 TYR 13 13 13 TYR TYR A . n 
A 1 14 ILE 14 14 14 ILE ILE A . n 
A 1 15 ALA 15 15 15 ALA ALA A . n 
A 1 16 SER 16 16 16 SER SER A . n 
A 1 17 HIS 17 17 17 HIS HIS A . n 
A 1 18 THR 18 18 18 THR THR A . n 
A 1 19 LYS 19 19 19 LYS LYS A . n 
A 1 20 HIS 20 20 20 HIS HIS A . n 
A 1 21 ILE 21 21 21 ILE ILE A . n 
A 1 22 GLY 22 22 22 GLY GLY A . n 
A 1 23 GLU 23 23 23 GLU GLU A . n 
A 1 24 SER 24 24 24 SER SER A . n 
A 1 25 ALA 25 25 25 ALA ALA A . n 
A 1 26 SER 26 26 26 SER SER A . n 
A 1 27 ASP 27 27 27 ASP ASP A . n 
A 1 28 ILE 28 28 28 ILE ILE A . n 
A 1 29 LEU 29 29 29 LEU LEU A . n 
A 1 30 ARG 30 30 30 ARG ARG A . n 
A 1 31 ARG 31 31 31 ARG ARG A . n 
A 1 32 MSE 32 32 32 MSE MSE A . n 
A 1 33 LEU 33 33 33 LEU LEU A . n 
A 1 34 LYS 34 34 34 LYS LYS A . n 
A 1 35 PHE 35 35 35 PHE PHE A . n 
A 1 36 SER 36 36 ?  ?   ?   A . n 
A 1 37 ALA 37 37 ?  ?   ?   A . n 
A 1 38 ALA 38 38 ?  ?   ?   A . n 
A 1 39 SER 39 39 ?  ?   ?   A . n 
A 1 40 GLN 40 40 ?  ?   ?   A . n 
A 1 41 PRO 41 41 ?  ?   ?   A . n 
A 1 42 ALA 42 42 ?  ?   ?   A . n 
A 1 43 ALA 43 43 ?  ?   ?   A . n 
A 1 44 PRO 44 44 ?  ?   ?   A . n 
A 1 45 VAL 45 45 ?  ?   ?   A . n 
A 1 46 THR 46 46 ?  ?   ?   A . n 
A 1 47 LYS 47 47 ?  ?   ?   A . n 
A 1 48 GLU 48 48 ?  ?   ?   A . n 
A 1 49 VAL 49 49 ?  ?   ?   A . n 
A 1 50 ARG 50 50 ?  ?   ?   A . n 
B 1 1  MSE 1  1  1  MSE MSE B . n 
B 1 2  LYS 2  2  2  LYS LYS B . n 
B 1 3  THR 3  3  3  THR THR B . n 
B 1 4  ILE 4  4  4  ILE ILE B . n 
B 1 5  GLU 5  5  5  GLU GLU B . n 
B 1 6  VAL 6  6  6  VAL VAL B . n 
B 1 7  ASP 7  7  7  ASP ASP B . n 
B 1 8  ASP 8  8  8  ASP ASP B . n 
B 1 9  GLU 9  9  9  GLU GLU B . n 
B 1 10 LEU 10 10 10 LEU LEU B . n 
B 1 11 TYR 11 11 11 TYR TYR B . n 
B 1 12 SER 12 12 12 SER SER B . n 
B 1 13 TYR 13 13 13 TYR TYR B . n 
B 1 14 ILE 14 14 14 ILE ILE B . n 
B 1 15 ALA 15 15 15 ALA ALA B . n 
B 1 16 SER 16 16 16 SER SER B . n 
B 1 17 HIS 17 17 17 HIS HIS B . n 
B 1 18 THR 18 18 18 THR THR B . n 
B 1 19 LYS 19 19 19 LYS LYS B . n 
B 1 20 HIS 20 20 20 HIS HIS B . n 
B 1 21 ILE 21 21 21 ILE ILE B . n 
B 1 22 GLY 22 22 22 GLY GLY B . n 
B 1 23 GLU 23 23 23 GLU GLU B . n 
B 1 24 SER 24 24 24 SER SER B . n 
B 1 25 ALA 25 25 25 ALA ALA B . n 
B 1 26 SER 26 26 26 SER SER B . n 
B 1 27 ASP 27 27 27 ASP ASP B . n 
B 1 28 ILE 28 28 28 ILE ILE B . n 
B 1 29 LEU 29 29 29 LEU LEU B . n 
B 1 30 ARG 30 30 30 ARG ARG B . n 
B 1 31 ARG 31 31 31 ARG ARG B . n 
B 1 32 MSE 32 32 32 MSE MSE B . n 
B 1 33 LEU 33 33 33 LEU LEU B . n 
B 1 34 LYS 34 34 34 LYS LYS B . n 
B 1 35 PHE 35 35 35 PHE PHE B . n 
B 1 36 SER 36 36 ?  ?   ?   B . n 
B 1 37 ALA 37 37 ?  ?   ?   B . n 
B 1 38 ALA 38 38 ?  ?   ?   B . n 
B 1 39 SER 39 39 ?  ?   ?   B . n 
B 1 40 GLN 40 40 ?  ?   ?   B . n 
B 1 41 PRO 41 41 ?  ?   ?   B . n 
B 1 42 ALA 42 42 ?  ?   ?   B . n 
B 1 43 ALA 43 43 ?  ?   ?   B . n 
B 1 44 PRO 44 44 ?  ?   ?   B . n 
B 1 45 VAL 45 45 ?  ?   ?   B . n 
B 1 46 THR 46 46 ?  ?   ?   B . n 
B 1 47 LYS 47 47 ?  ?   ?   B . n 
B 1 48 GLU 48 48 ?  ?   ?   B . n 
B 1 49 VAL 49 49 ?  ?   ?   B . n 
B 1 50 ARG 50 50 ?  ?   ?   B . n 
C 1 1  MSE 1  1  1  MSE MSE C . n 
C 1 2  LYS 2  2  2  LYS LYS C . n 
C 1 3  THR 3  3  3  THR THR C . n 
C 1 4  ILE 4  4  4  ILE ILE C . n 
C 1 5  GLU 5  5  5  GLU GLU C . n 
C 1 6  VAL 6  6  6  VAL VAL C . n 
C 1 7  ASP 7  7  7  ASP ASP C . n 
C 1 8  ASP 8  8  8  ASP ASP C . n 
C 1 9  GLU 9  9  9  GLU GLU C . n 
C 1 10 LEU 10 10 10 LEU LEU C . n 
C 1 11 TYR 11 11 11 TYR TYR C . n 
C 1 12 SER 12 12 12 SER SER C . n 
C 1 13 TYR 13 13 13 TYR TYR C . n 
C 1 14 ILE 14 14 14 ILE ILE C . n 
C 1 15 ALA 15 15 15 ALA ALA C . n 
C 1 16 SER 16 16 16 SER SER C . n 
C 1 17 HIS 17 17 17 HIS HIS C . n 
C 1 18 THR 18 18 18 THR THR C . n 
C 1 19 LYS 19 19 19 LYS LYS C . n 
C 1 20 HIS 20 20 20 HIS HIS C . n 
C 1 21 ILE 21 21 21 ILE ILE C . n 
C 1 22 GLY 22 22 22 GLY GLY C . n 
C 1 23 GLU 23 23 23 GLU GLU C . n 
C 1 24 SER 24 24 24 SER SER C . n 
C 1 25 ALA 25 25 25 ALA ALA C . n 
C 1 26 SER 26 26 26 SER SER C . n 
C 1 27 ASP 27 27 27 ASP ASP C . n 
C 1 28 ILE 28 28 28 ILE ILE C . n 
C 1 29 LEU 29 29 29 LEU LEU C . n 
C 1 30 ARG 30 30 30 ARG ARG C . n 
C 1 31 ARG 31 31 31 ARG ARG C . n 
C 1 32 MSE 32 32 32 MSE MSE C . n 
C 1 33 LEU 33 33 33 LEU LEU C . n 
C 1 34 LYS 34 34 34 LYS LYS C . n 
C 1 35 PHE 35 35 35 PHE PHE C . n 
C 1 36 SER 36 36 ?  ?   ?   C . n 
C 1 37 ALA 37 37 ?  ?   ?   C . n 
C 1 38 ALA 38 38 ?  ?   ?   C . n 
C 1 39 SER 39 39 ?  ?   ?   C . n 
C 1 40 GLN 40 40 ?  ?   ?   C . n 
C 1 41 PRO 41 41 ?  ?   ?   C . n 
C 1 42 ALA 42 42 ?  ?   ?   C . n 
C 1 43 ALA 43 43 ?  ?   ?   C . n 
C 1 44 PRO 44 44 ?  ?   ?   C . n 
C 1 45 VAL 45 45 ?  ?   ?   C . n 
C 1 46 THR 46 46 ?  ?   ?   C . n 
C 1 47 LYS 47 47 ?  ?   ?   C . n 
C 1 48 GLU 48 48 ?  ?   ?   C . n 
C 1 49 VAL 49 49 ?  ?   ?   C . n 
C 1 50 ARG 50 50 ?  ?   ?   C . n 
D 1 1  MSE 1  1  1  MSE MSE D . n 
D 1 2  LYS 2  2  2  LYS LYS D . n 
D 1 3  THR 3  3  3  THR THR D . n 
D 1 4  ILE 4  4  4  ILE ILE D . n 
D 1 5  GLU 5  5  5  GLU GLU D . n 
D 1 6  VAL 6  6  6  VAL VAL D . n 
D 1 7  ASP 7  7  7  ASP ASP D . n 
D 1 8  ASP 8  8  8  ASP ASP D . n 
D 1 9  GLU 9  9  9  GLU GLU D . n 
D 1 10 LEU 10 10 10 LEU LEU D . n 
D 1 11 TYR 11 11 11 TYR TYR D . n 
D 1 12 SER 12 12 12 SER SER D . n 
D 1 13 TYR 13 13 13 TYR TYR D . n 
D 1 14 ILE 14 14 14 ILE ILE D . n 
D 1 15 ALA 15 15 15 ALA ALA D . n 
D 1 16 SER 16 16 16 SER SER D . n 
D 1 17 HIS 17 17 17 HIS HIS D . n 
D 1 18 THR 18 18 18 THR THR D . n 
D 1 19 LYS 19 19 19 LYS LYS D . n 
D 1 20 HIS 20 20 20 HIS HIS D . n 
D 1 21 ILE 21 21 21 ILE ILE D . n 
D 1 22 GLY 22 22 22 GLY GLY D . n 
D 1 23 GLU 23 23 23 GLU GLU D . n 
D 1 24 SER 24 24 24 SER SER D . n 
D 1 25 ALA 25 25 25 ALA ALA D . n 
D 1 26 SER 26 26 26 SER SER D . n 
D 1 27 ASP 27 27 27 ASP ASP D . n 
D 1 28 ILE 28 28 28 ILE ILE D . n 
D 1 29 LEU 29 29 29 LEU LEU D . n 
D 1 30 ARG 30 30 30 ARG ARG D . n 
D 1 31 ARG 31 31 31 ARG ARG D . n 
D 1 32 MSE 32 32 32 MSE MSE D . n 
D 1 33 LEU 33 33 33 LEU LEU D . n 
D 1 34 LYS 34 34 34 LYS LYS D . n 
D 1 35 PHE 35 35 35 PHE PHE D . n 
D 1 36 SER 36 36 ?  ?   ?   D . n 
D 1 37 ALA 37 37 ?  ?   ?   D . n 
D 1 38 ALA 38 38 ?  ?   ?   D . n 
D 1 39 SER 39 39 ?  ?   ?   D . n 
D 1 40 GLN 40 40 ?  ?   ?   D . n 
D 1 41 PRO 41 41 ?  ?   ?   D . n 
D 1 42 ALA 42 42 ?  ?   ?   D . n 
D 1 43 ALA 43 43 ?  ?   ?   D . n 
D 1 44 PRO 44 44 ?  ?   ?   D . n 
D 1 45 VAL 45 45 ?  ?   ?   D . n 
D 1 46 THR 46 46 ?  ?   ?   D . n 
D 1 47 LYS 47 47 ?  ?   ?   D . n 
D 1 48 GLU 48 48 ?  ?   ?   D . n 
D 1 49 VAL 49 49 ?  ?   ?   D . n 
D 1 50 ARG 50 50 ?  ?   ?   D . n 
# 
loop_
_pdbx_nonpoly_scheme.asym_id 
_pdbx_nonpoly_scheme.entity_id 
_pdbx_nonpoly_scheme.mon_id 
_pdbx_nonpoly_scheme.ndb_seq_num 
_pdbx_nonpoly_scheme.pdb_seq_num 
_pdbx_nonpoly_scheme.auth_seq_num 
_pdbx_nonpoly_scheme.pdb_mon_id 
_pdbx_nonpoly_scheme.auth_mon_id 
_pdbx_nonpoly_scheme.pdb_strand_id 
_pdbx_nonpoly_scheme.pdb_ins_code 
E 2 CA  1  501 501 CA  CA  A . 
F 3 HOH 1  502 10  HOH WAT A . 
F 3 HOH 2  503 12  HOH WAT A . 
F 3 HOH 3  504 15  HOH WAT A . 
F 3 HOH 4  505 23  HOH WAT A . 
F 3 HOH 5  506 24  HOH WAT A . 
F 3 HOH 6  507 25  HOH WAT A . 
F 3 HOH 7  508 26  HOH WAT A . 
F 3 HOH 8  509 27  HOH WAT A . 
F 3 HOH 9  510 28  HOH WAT A . 
F 3 HOH 10 511 29  HOH WAT A . 
F 3 HOH 11 512 30  HOH WAT A . 
F 3 HOH 12 513 31  HOH WAT A . 
F 3 HOH 13 514 32  HOH WAT A . 
F 3 HOH 14 515 34  HOH WAT A . 
F 3 HOH 15 516 35  HOH WAT A . 
F 3 HOH 16 517 36  HOH WAT A . 
F 3 HOH 17 518 37  HOH WAT A . 
F 3 HOH 18 519 64  HOH WAT A . 
F 3 HOH 19 520 65  HOH WAT A . 
F 3 HOH 20 521 66  HOH WAT A . 
F 3 HOH 21 522 67  HOH WAT A . 
F 3 HOH 22 523 68  HOH WAT A . 
F 3 HOH 23 524 76  HOH WAT A . 
F 3 HOH 24 525 77  HOH WAT A . 
F 3 HOH 25 526 78  HOH WAT A . 
F 3 HOH 26 527 98  HOH WAT A . 
F 3 HOH 27 528 101 HOH WAT A . 
F 3 HOH 28 529 106 HOH WAT A . 
F 3 HOH 29 530 107 HOH WAT A . 
F 3 HOH 30 531 108 HOH WAT A . 
F 3 HOH 31 532 109 HOH WAT A . 
F 3 HOH 32 533 110 HOH WAT A . 
F 3 HOH 33 534 111 HOH WAT A . 
F 3 HOH 34 535 112 HOH WAT A . 
F 3 HOH 35 536 113 HOH WAT A . 
F 3 HOH 36 537 125 HOH WAT A . 
F 3 HOH 37 538 126 HOH WAT A . 
F 3 HOH 38 539 127 HOH WAT A . 
F 3 HOH 39 540 128 HOH WAT A . 
F 3 HOH 40 541 140 HOH WAT A . 
F 3 HOH 41 542 141 HOH WAT A . 
F 3 HOH 42 543 167 HOH WAT A . 
F 3 HOH 43 544 171 HOH WAT A . 
F 3 HOH 44 545 179 HOH WAT A . 
F 3 HOH 45 546 180 HOH WAT A . 
G 3 HOH 1  51  1   HOH WAT B . 
G 3 HOH 2  52  9   HOH WAT B . 
G 3 HOH 3  53  13  HOH WAT B . 
G 3 HOH 4  54  14  HOH WAT B . 
G 3 HOH 5  55  16  HOH WAT B . 
G 3 HOH 6  56  19  HOH WAT B . 
G 3 HOH 7  57  33  HOH WAT B . 
G 3 HOH 8  58  38  HOH WAT B . 
G 3 HOH 9  59  39  HOH WAT B . 
G 3 HOH 10 60  42  HOH WAT B . 
G 3 HOH 11 61  43  HOH WAT B . 
G 3 HOH 12 62  70  HOH WAT B . 
G 3 HOH 13 63  74  HOH WAT B . 
G 3 HOH 14 64  79  HOH WAT B . 
G 3 HOH 15 65  80  HOH WAT B . 
G 3 HOH 16 66  81  HOH WAT B . 
G 3 HOH 17 67  82  HOH WAT B . 
G 3 HOH 18 68  92  HOH WAT B . 
G 3 HOH 19 69  97  HOH WAT B . 
G 3 HOH 20 70  99  HOH WAT B . 
G 3 HOH 21 71  102 HOH WAT B . 
G 3 HOH 22 72  103 HOH WAT B . 
G 3 HOH 23 73  115 HOH WAT B . 
G 3 HOH 24 74  116 HOH WAT B . 
G 3 HOH 25 75  117 HOH WAT B . 
G 3 HOH 26 76  129 HOH WAT B . 
G 3 HOH 27 77  138 HOH WAT B . 
G 3 HOH 28 78  142 HOH WAT B . 
G 3 HOH 29 79  143 HOH WAT B . 
G 3 HOH 30 80  144 HOH WAT B . 
G 3 HOH 31 81  145 HOH WAT B . 
G 3 HOH 32 82  146 HOH WAT B . 
G 3 HOH 33 83  147 HOH WAT B . 
G 3 HOH 34 84  148 HOH WAT B . 
G 3 HOH 35 85  149 HOH WAT B . 
G 3 HOH 36 86  150 HOH WAT B . 
G 3 HOH 37 87  151 HOH WAT B . 
G 3 HOH 38 88  152 HOH WAT B . 
G 3 HOH 39 89  169 HOH WAT B . 
G 3 HOH 40 90  170 HOH WAT B . 
G 3 HOH 41 91  172 HOH WAT B . 
G 3 HOH 42 92  176 HOH WAT B . 
H 3 HOH 1  51  3   HOH WAT C . 
H 3 HOH 2  52  4   HOH WAT C . 
H 3 HOH 3  53  5   HOH WAT C . 
H 3 HOH 4  54  7   HOH WAT C . 
H 3 HOH 5  55  8   HOH WAT C . 
H 3 HOH 6  56  11  HOH WAT C . 
H 3 HOH 7  57  17  HOH WAT C . 
H 3 HOH 8  58  18  HOH WAT C . 
H 3 HOH 9  59  41  HOH WAT C . 
H 3 HOH 10 60  45  HOH WAT C . 
H 3 HOH 11 61  46  HOH WAT C . 
H 3 HOH 12 62  47  HOH WAT C . 
H 3 HOH 13 63  49  HOH WAT C . 
H 3 HOH 14 64  50  HOH WAT C . 
H 3 HOH 15 65  51  HOH WAT C . 
H 3 HOH 16 66  52  HOH WAT C . 
H 3 HOH 17 67  61  HOH WAT C . 
H 3 HOH 18 68  69  HOH WAT C . 
H 3 HOH 19 69  72  HOH WAT C . 
H 3 HOH 20 70  73  HOH WAT C . 
H 3 HOH 21 71  75  HOH WAT C . 
H 3 HOH 22 72  84  HOH WAT C . 
H 3 HOH 23 73  87  HOH WAT C . 
H 3 HOH 24 74  91  HOH WAT C . 
H 3 HOH 25 75  94  HOH WAT C . 
H 3 HOH 26 76  95  HOH WAT C . 
H 3 HOH 27 77  96  HOH WAT C . 
H 3 HOH 28 78  104 HOH WAT C . 
H 3 HOH 29 79  114 HOH WAT C . 
H 3 HOH 30 80  118 HOH WAT C . 
H 3 HOH 31 81  119 HOH WAT C . 
H 3 HOH 32 82  130 HOH WAT C . 
H 3 HOH 33 83  131 HOH WAT C . 
H 3 HOH 34 84  154 HOH WAT C . 
H 3 HOH 35 85  155 HOH WAT C . 
H 3 HOH 36 86  156 HOH WAT C . 
H 3 HOH 37 87  157 HOH WAT C . 
H 3 HOH 38 88  158 HOH WAT C . 
H 3 HOH 39 89  159 HOH WAT C . 
H 3 HOH 40 90  160 HOH WAT C . 
H 3 HOH 41 91  161 HOH WAT C . 
H 3 HOH 42 92  162 HOH WAT C . 
H 3 HOH 43 93  173 HOH WAT C . 
H 3 HOH 44 94  174 HOH WAT C . 
H 3 HOH 45 95  175 HOH WAT C . 
H 3 HOH 46 96  177 HOH WAT C . 
H 3 HOH 47 97  178 HOH WAT C . 
H 3 HOH 48 98  181 HOH WAT C . 
H 3 HOH 49 99  182 HOH WAT C . 
I 3 HOH 1  51  2   HOH WAT D . 
I 3 HOH 2  52  6   HOH WAT D . 
I 3 HOH 3  53  20  HOH WAT D . 
I 3 HOH 4  54  21  HOH WAT D . 
I 3 HOH 5  55  22  HOH WAT D . 
I 3 HOH 6  56  48  HOH WAT D . 
I 3 HOH 7  57  53  HOH WAT D . 
I 3 HOH 8  58  54  HOH WAT D . 
I 3 HOH 9  59  55  HOH WAT D . 
I 3 HOH 10 60  56  HOH WAT D . 
I 3 HOH 11 61  57  HOH WAT D . 
I 3 HOH 12 62  58  HOH WAT D . 
I 3 HOH 13 63  59  HOH WAT D . 
I 3 HOH 14 64  60  HOH WAT D . 
I 3 HOH 15 65  62  HOH WAT D . 
I 3 HOH 16 66  63  HOH WAT D . 
I 3 HOH 17 67  83  HOH WAT D . 
I 3 HOH 18 68  85  HOH WAT D . 
I 3 HOH 19 69  86  HOH WAT D . 
I 3 HOH 20 70  88  HOH WAT D . 
I 3 HOH 21 71  89  HOH WAT D . 
I 3 HOH 22 72  90  HOH WAT D . 
I 3 HOH 23 73  93  HOH WAT D . 
I 3 HOH 24 74  100 HOH WAT D . 
I 3 HOH 25 75  120 HOH WAT D . 
I 3 HOH 26 76  121 HOH WAT D . 
I 3 HOH 27 77  122 HOH WAT D . 
I 3 HOH 28 78  123 HOH WAT D . 
I 3 HOH 29 79  132 HOH WAT D . 
I 3 HOH 30 80  133 HOH WAT D . 
I 3 HOH 31 81  134 HOH WAT D . 
I 3 HOH 32 82  135 HOH WAT D . 
I 3 HOH 33 83  136 HOH WAT D . 
I 3 HOH 34 84  137 HOH WAT D . 
I 3 HOH 35 85  153 HOH WAT D . 
I 3 HOH 36 86  163 HOH WAT D . 
I 3 HOH 37 87  164 HOH WAT D . 
I 3 HOH 38 88  165 HOH WAT D . 
I 3 HOH 39 89  166 HOH WAT D . 
# 
loop_
_software.name 
_software.classification 
_software.version 
_software.citation_id 
_software.pdbx_ordinal 
CNS       refinement       1.1 ? 1 
HKL-2000  'data reduction' .   ? 2 
SCALEPACK 'data scaling'   .   ? 3 
SOLVE     phasing          .   ? 4 
# 
_cell.entry_id           1XRX 
_cell.length_a           112.179 
_cell.length_b           112.179 
_cell.length_c           62.021 
_cell.angle_alpha        90.00 
_cell.angle_beta         90.00 
_cell.angle_gamma        120.00 
_cell.Z_PDB              24 
_cell.pdbx_unique_axis   ? 
# 
_symmetry.entry_id                         1XRX 
_symmetry.space_group_name_H-M             'P 31 2 1' 
_symmetry.pdbx_full_space_group_name_H-M   ? 
_symmetry.cell_setting                     ? 
_symmetry.Int_Tables_number                152 
_symmetry.space_group_name_Hall            ? 
# 
_exptl.entry_id          1XRX 
_exptl.method            'X-RAY DIFFRACTION' 
_exptl.crystals_number   1 
# 
_exptl_crystal.id                    1 
_exptl_crystal.density_meas          ? 
_exptl_crystal.density_Matthews      5.04 
_exptl_crystal.density_percent_sol   75.39 
_exptl_crystal.description           ? 
_exptl_crystal.F_000                 ? 
_exptl_crystal.preparation           ? 
# 
_exptl_crystal_grow.crystal_id      1 
_exptl_crystal_grow.method          'VAPOR DIFFUSION, SITTING DROP' 
_exptl_crystal_grow.temp            277 
_exptl_crystal_grow.temp_details    ? 
_exptl_crystal_grow.pH              8 
_exptl_crystal_grow.pdbx_details    
'MPD, calcium chloride, TRIS, isopropanol, pH 8, VAPOR DIFFUSION, SITTING DROP, temperature 277K' 
_exptl_crystal_grow.pdbx_pH_range   . 
# 
loop_
_diffrn.id 
_diffrn.ambient_temp 
_diffrn.ambient_temp_details 
_diffrn.crystal_id 
1   100 ? 1 
2   100 ? 1 
1,2 ?   ? 1 
# 
loop_
_diffrn_detector.diffrn_id 
_diffrn_detector.detector 
_diffrn_detector.type 
_diffrn_detector.pdbx_collection_date 
_diffrn_detector.details 
1 CCD           'ADSC QUANTUM 4' 2003-03-04 ?       
2 'IMAGE PLATE' 'RIGAKU RAXIS'   2003-03-24 mirrors 
# 
loop_
_diffrn_radiation.diffrn_id 
_diffrn_radiation.wavelength_id 
_diffrn_radiation.pdbx_monochromatic_or_laue_m_l 
_diffrn_radiation.monochromator 
_diffrn_radiation.pdbx_diffrn_protocol 
_diffrn_radiation.pdbx_scattering_type 
1 1 M 'Two Si crystals' MAD                 x-ray 
2 1 M 'Yale mirrors'    'SINGLE WAVELENGTH' x-ray 
# 
loop_
_diffrn_radiation_wavelength.id 
_diffrn_radiation_wavelength.wavelength 
_diffrn_radiation_wavelength.wt 
1 0.97938 1.0 
2 0.96859 1.0 
3 0.98241 1.0 
4 1.5418  1.0 
# 
loop_
_diffrn_source.diffrn_id 
_diffrn_source.source 
_diffrn_source.type 
_diffrn_source.pdbx_synchrotron_site 
_diffrn_source.pdbx_synchrotron_beamline 
_diffrn_source.pdbx_wavelength 
_diffrn_source.pdbx_wavelength_list 
1 SYNCHROTRON      'NSLS BEAMLINE X9B' NSLS X9B ? '0.97938, 0.96859, 0.98241' 
2 'ROTATING ANODE' 'RIGAKU RU200'      ?    ?   ? 1.5418                      
# 
_reflns.entry_id                     1XRX 
_reflns.observed_criterion_sigma_I   0 
_reflns.observed_criterion_sigma_F   0 
_reflns.d_resolution_low             25 
_reflns.d_resolution_high            2.15 
_reflns.number_obs                   24398 
_reflns.number_all                   24769 
_reflns.percent_possible_obs         98.5 
_reflns.pdbx_Rmerge_I_obs            0.076 
_reflns.pdbx_Rsym_value              0.054 
_reflns.pdbx_netI_over_sigmaI        26.1 
_reflns.B_iso_Wilson_estimate        35.4 
_reflns.pdbx_redundancy              15.7 
_reflns.R_free_details               ? 
_reflns.limit_h_max                  ? 
_reflns.limit_h_min                  ? 
_reflns.limit_k_max                  ? 
_reflns.limit_k_min                  ? 
_reflns.limit_l_max                  ? 
_reflns.limit_l_min                  ? 
_reflns.observed_criterion_F_max     ? 
_reflns.observed_criterion_F_min     ? 
_reflns.pdbx_chi_squared             ? 
_reflns.pdbx_scaling_rejects         ? 
_reflns.pdbx_ordinal                 1 
_reflns.pdbx_diffrn_id               1,2 
# 
_reflns_shell.d_res_high             2.15 
_reflns_shell.d_res_low              2.19 
_reflns_shell.percent_possible_all   84.6 
_reflns_shell.Rmerge_I_obs           0.46 
_reflns_shell.pdbx_Rsym_value        0.411 
_reflns_shell.meanI_over_sigI_obs    2.1 
_reflns_shell.pdbx_redundancy        9.8 
_reflns_shell.percent_possible_obs   ? 
_reflns_shell.number_unique_all      1200 
_reflns_shell.number_measured_all    ? 
_reflns_shell.number_measured_obs    ? 
_reflns_shell.number_unique_obs      ? 
_reflns_shell.pdbx_chi_squared       ? 
_reflns_shell.pdbx_ordinal           1 
_reflns_shell.pdbx_diffrn_id         1,2 
# 
_refine.entry_id                                 1XRX 
_refine.ls_number_reflns_obs                     24365 
_refine.ls_number_reflns_all                     24736 
_refine.pdbx_ls_sigma_I                          0 
_refine.pdbx_ls_sigma_F                          0.0 
_refine.pdbx_data_cutoff_high_absF               1242499.83 
_refine.pdbx_data_cutoff_low_absF                0.000000 
_refine.pdbx_data_cutoff_high_rms_absF           ? 
_refine.ls_d_res_low                             24.71 
_refine.ls_d_res_high                            2.15 
_refine.ls_percent_reflns_obs                    98.4 
_refine.ls_R_factor_obs                          ? 
_refine.ls_R_factor_all                          0.223 
_refine.ls_R_factor_R_work                       0.222 
_refine.ls_R_factor_R_free                       0.237 
_refine.ls_R_factor_R_free_error                 0.006 
_refine.ls_R_factor_R_free_error_details         ? 
_refine.ls_percent_reflns_R_free                 6.8 
_refine.ls_number_reflns_R_free                  1665 
_refine.ls_number_parameters                     ? 
_refine.ls_number_restraints                     ? 
_refine.occupancy_min                            ? 
_refine.occupancy_max                            ? 
_refine.correlation_coeff_Fo_to_Fc               ? 
_refine.correlation_coeff_Fo_to_Fc_free          ? 
_refine.B_iso_mean                               48.3 
_refine.aniso_B[1][1]                            -10.23 
_refine.aniso_B[2][2]                            -10.23 
_refine.aniso_B[3][3]                            20.47 
_refine.aniso_B[1][2]                            -2.74 
_refine.aniso_B[1][3]                            0.00 
_refine.aniso_B[2][3]                            0.00 
_refine.solvent_model_details                    'FLAT MODEL' 
_refine.solvent_model_param_ksol                 0.346944 
_refine.solvent_model_param_bsol                 59.1499 
_refine.pdbx_solvent_vdw_probe_radii             ? 
_refine.pdbx_solvent_ion_probe_radii             ? 
_refine.pdbx_solvent_shrinkage_radii             ? 
_refine.pdbx_ls_cross_valid_method               THROUGHOUT 
_refine.details                                  ? 
_refine.pdbx_starting_model                      ? 
_refine.pdbx_method_to_determine_struct          MAD 
_refine.pdbx_isotropic_thermal_model             RESTRAINED 
_refine.pdbx_stereochemistry_target_values       'Engh & Huber' 
_refine.pdbx_stereochem_target_val_spec_case     ? 
_refine.pdbx_R_Free_selection_details            RANDOM 
_refine.pdbx_overall_ESU_R                       ? 
_refine.pdbx_overall_ESU_R_Free                  ? 
_refine.overall_SU_ML                            ? 
_refine.overall_SU_B                             ? 
_refine.ls_redundancy_reflns_obs                 ? 
_refine.B_iso_min                                ? 
_refine.B_iso_max                                ? 
_refine.overall_SU_R_Cruickshank_DPI             ? 
_refine.overall_SU_R_free                        ? 
_refine.ls_wR_factor_R_free                      ? 
_refine.ls_wR_factor_R_work                      ? 
_refine.overall_FOM_free_R_set                   ? 
_refine.overall_FOM_work_R_set                   ? 
_refine.pdbx_refine_id                           'X-RAY DIFFRACTION' 
_refine.pdbx_diffrn_id                           1 
_refine.pdbx_TLS_residual_ADP_flag               ? 
_refine.pdbx_overall_phase_error                 ? 
_refine.pdbx_overall_SU_R_free_Cruickshank_DPI   ? 
_refine.pdbx_overall_SU_R_Blow_DPI               ? 
_refine.pdbx_overall_SU_R_free_Blow_DPI          ? 
# 
_refine_analyze.entry_id                        1XRX 
_refine_analyze.Luzzati_coordinate_error_obs    0.32 
_refine_analyze.Luzzati_sigma_a_obs             0.49 
_refine_analyze.Luzzati_d_res_low_obs           25.00 
_refine_analyze.Luzzati_coordinate_error_free   0.35 
_refine_analyze.Luzzati_sigma_a_free            0.50 
_refine_analyze.Luzzati_d_res_low_free          ? 
_refine_analyze.number_disordered_residues      ? 
_refine_analyze.occupancy_sum_hydrogen          ? 
_refine_analyze.occupancy_sum_non_hydrogen      ? 
_refine_analyze.pdbx_Luzzati_d_res_high_obs     ? 
_refine_analyze.pdbx_refine_id                  'X-RAY DIFFRACTION' 
# 
_refine_hist.pdbx_refine_id                   'X-RAY DIFFRACTION' 
_refine_hist.cycle_id                         LAST 
_refine_hist.pdbx_number_atoms_protein        1144 
_refine_hist.pdbx_number_atoms_nucleic_acid   0 
_refine_hist.pdbx_number_atoms_ligand         1 
_refine_hist.number_atoms_solvent             175 
_refine_hist.number_atoms_total               1320 
_refine_hist.d_res_high                       2.15 
_refine_hist.d_res_low                        24.71 
# 
loop_
_refine_ls_restr.type 
_refine_ls_restr.dev_ideal 
_refine_ls_restr.dev_ideal_target 
_refine_ls_restr.weight 
_refine_ls_restr.number 
_refine_ls_restr.pdbx_refine_id 
_refine_ls_restr.pdbx_restraint_function 
c_bond_d           0.006 ?    ? ? 'X-RAY DIFFRACTION' ? 
c_angle_deg        0.9   ?    ? ? 'X-RAY DIFFRACTION' ? 
c_dihedral_angle_d 22.0  ?    ? ? 'X-RAY DIFFRACTION' ? 
c_improper_angle_d 0.61  ?    ? ? 'X-RAY DIFFRACTION' ? 
c_mcbond_it        3.69  1.50 ? ? 'X-RAY DIFFRACTION' ? 
c_mcangle_it       5.28  2.00 ? ? 'X-RAY DIFFRACTION' ? 
c_scbond_it        6.19  2.00 ? ? 'X-RAY DIFFRACTION' ? 
c_scangle_it       8.08  2.50 ? ? 'X-RAY DIFFRACTION' ? 
# 
_refine_ls_shell.pdbx_total_number_of_bins_used   6 
_refine_ls_shell.d_res_high                       2.15 
_refine_ls_shell.d_res_low                        2.28 
_refine_ls_shell.number_reflns_R_work             3491 
_refine_ls_shell.R_factor_R_work                  0.438 
_refine_ls_shell.percent_reflns_obs               91.8 
_refine_ls_shell.R_factor_R_free                  0.475 
_refine_ls_shell.R_factor_R_free_error            0.030 
_refine_ls_shell.percent_reflns_R_free            6.8 
_refine_ls_shell.number_reflns_R_free             254 
_refine_ls_shell.number_reflns_obs                3001 
_refine_ls_shell.redundancy_reflns_obs            ? 
_refine_ls_shell.number_reflns_all                ? 
_refine_ls_shell.pdbx_refine_id                   'X-RAY DIFFRACTION' 
_refine_ls_shell.R_factor_all                     ? 
# 
loop_
_pdbx_xplor_file.serial_no 
_pdbx_xplor_file.param_file 
_pdbx_xplor_file.topol_file 
_pdbx_xplor_file.pdbx_refine_id 
1 PROTEIN_REP.PARAM PROTEIN.TOP   'X-RAY DIFFRACTION' 
2 WATER_REP.PARAM   WATER_REP.TOP 'X-RAY DIFFRACTION' 
3 ION.PARAM         ION.TOP       'X-RAY DIFFRACTION' 
# 
_struct_ncs_oper.id             1 
_struct_ncs_oper.code           given 
_struct_ncs_oper.details        ? 
_struct_ncs_oper.matrix[1][1]   0.07802597 
_struct_ncs_oper.matrix[1][2]   -0.92121609 
_struct_ncs_oper.matrix[1][3]   -0.38119976 
_struct_ncs_oper.matrix[2][1]   0.99623133 
_struct_ncs_oper.matrix[2][2]   0.05799606 
_struct_ncs_oper.matrix[2][3]   0.06384545 
_struct_ncs_oper.matrix[3][1]   -0.03678360 
_struct_ncs_oper.matrix[3][2]   -0.38481677 
_struct_ncs_oper.matrix[3][3]   0.92227797 
_struct_ncs_oper.vector[1]      6.55950 
_struct_ncs_oper.vector[2]      4.03758 
_struct_ncs_oper.vector[3]      -26.98202 
# 
_struct.entry_id                  1XRX 
_struct.title                     'Crystal structure of a DNA-binding protein' 
_struct.pdbx_model_details        ? 
_struct.pdbx_CASP_flag            ? 
_struct.pdbx_model_type_details   ? 
# 
_struct_keywords.entry_id        1XRX 
_struct_keywords.pdbx_keywords   'REPLICATION INHIBITOR' 
_struct_keywords.text            'Protein filament, Left-handed helix, DNA replication inhibitor, REPLICATION INHIBITOR' 
# 
loop_
_struct_asym.id 
_struct_asym.pdbx_blank_PDB_chainid_flag 
_struct_asym.pdbx_modified 
_struct_asym.entity_id 
_struct_asym.details 
A N N 1 ? 
B N N 1 ? 
C N N 1 ? 
D N N 1 ? 
E N N 2 ? 
F N N 3 ? 
G N N 3 ? 
H N N 3 ? 
I N N 3 ? 
# 
_struct_ref.id                         1 
_struct_ref.db_name                    UNP 
_struct_ref.db_code                    SEQA_ECOLI 
_struct_ref.pdbx_db_accession          P36658 
_struct_ref.entity_id                  1 
_struct_ref.pdbx_seq_one_letter_code   MKTIEVDDELYSYIASHTKHIGESASDILRRMLKFSAASQPAAPVTKEVR 
_struct_ref.pdbx_align_begin           1 
_struct_ref.pdbx_db_isoform            ? 
# 
loop_
_struct_ref_seq.align_id 
_struct_ref_seq.ref_id 
_struct_ref_seq.pdbx_PDB_id_code 
_struct_ref_seq.pdbx_strand_id 
_struct_ref_seq.seq_align_beg 
_struct_ref_seq.pdbx_seq_align_beg_ins_code 
_struct_ref_seq.seq_align_end 
_struct_ref_seq.pdbx_seq_align_end_ins_code 
_struct_ref_seq.pdbx_db_accession 
_struct_ref_seq.db_align_beg 
_struct_ref_seq.pdbx_db_align_beg_ins_code 
_struct_ref_seq.db_align_end 
_struct_ref_seq.pdbx_db_align_end_ins_code 
_struct_ref_seq.pdbx_auth_seq_align_beg 
_struct_ref_seq.pdbx_auth_seq_align_end 
1 1 1XRX A 1 ? 50 ? P36658 1 ? 50 ? 1 50 
2 1 1XRX B 1 ? 50 ? P36658 1 ? 50 ? 1 50 
3 1 1XRX C 1 ? 50 ? P36658 1 ? 50 ? 1 50 
4 1 1XRX D 1 ? 50 ? P36658 1 ? 50 ? 1 50 
# 
loop_
_struct_ref_seq_dif.align_id 
_struct_ref_seq_dif.pdbx_pdb_id_code 
_struct_ref_seq_dif.mon_id 
_struct_ref_seq_dif.pdbx_pdb_strand_id 
_struct_ref_seq_dif.seq_num 
_struct_ref_seq_dif.pdbx_pdb_ins_code 
_struct_ref_seq_dif.pdbx_seq_db_name 
_struct_ref_seq_dif.pdbx_seq_db_accession_code 
_struct_ref_seq_dif.db_mon_id 
_struct_ref_seq_dif.pdbx_seq_db_seq_num 
_struct_ref_seq_dif.details 
_struct_ref_seq_dif.pdbx_auth_seq_num 
_struct_ref_seq_dif.pdbx_ordinal 
1 1XRX MSE A 1  ? UNP P36658 MET 1  'modified residue' 1  1 
1 1XRX MSE A 32 ? UNP P36658 MET 32 'modified residue' 32 2 
2 1XRX MSE B 1  ? UNP P36658 MET 1  'modified residue' 1  3 
2 1XRX MSE B 32 ? UNP P36658 MET 32 'modified residue' 32 4 
3 1XRX MSE C 1  ? UNP P36658 MET 1  'modified residue' 1  5 
3 1XRX MSE C 32 ? UNP P36658 MET 32 'modified residue' 32 6 
4 1XRX MSE D 1  ? UNP P36658 MET 1  'modified residue' 1  7 
4 1XRX MSE D 32 ? UNP P36658 MET 32 'modified residue' 32 8 
# 
loop_
_pdbx_struct_assembly.id 
_pdbx_struct_assembly.details 
_pdbx_struct_assembly.method_details 
_pdbx_struct_assembly.oligomeric_details 
_pdbx_struct_assembly.oligomeric_count 
1 author_defined_assembly   ?   octameric 8 
2 software_defined_assembly PQS dimeric   2 
3 software_defined_assembly PQS dimeric   2 
# 
loop_
_pdbx_struct_assembly_gen.assembly_id 
_pdbx_struct_assembly_gen.oper_expression 
_pdbx_struct_assembly_gen.asym_id_list 
1 1,2 A,B,C,D,E,F,G,H,I 
2 1   A,B,E,F,G         
3 1   C,D,H,I           
# 
loop_
_pdbx_struct_oper_list.id 
_pdbx_struct_oper_list.type 
_pdbx_struct_oper_list.name 
_pdbx_struct_oper_list.symmetry_operation 
_pdbx_struct_oper_list.matrix[1][1] 
_pdbx_struct_oper_list.matrix[1][2] 
_pdbx_struct_oper_list.matrix[1][3] 
_pdbx_struct_oper_list.vector[1] 
_pdbx_struct_oper_list.matrix[2][1] 
_pdbx_struct_oper_list.matrix[2][2] 
_pdbx_struct_oper_list.matrix[2][3] 
_pdbx_struct_oper_list.vector[2] 
_pdbx_struct_oper_list.matrix[3][1] 
_pdbx_struct_oper_list.matrix[3][2] 
_pdbx_struct_oper_list.matrix[3][3] 
_pdbx_struct_oper_list.vector[3] 
1 'identity operation'         1_555 x,y,z      1.0000000000  0.0000000000 0.0000000000  0.0000000000   0.0000000000 1.0000000000  0.0000000000  0.0000000000   0.0000000000  0.0000000000  1.0000000000 0.0000000000  
2 'crystal symmetry operation' 4_546 y,x-1,-z+1 -0.8912699757 0.0821275831 -0.4459740919 -12.0561358186 0.0821275831 -0.9379661695 -0.3368598002 -10.5618324567 -0.4459740919 -0.3368598002 0.8292361451 53.7648207410 
# 
loop_
_struct_biol.id 
_struct_biol.details 
_struct_biol.pdbx_parent_biol_id 
1 
'Structural Assembly: dimer. Two monomers are related by a dyad axis. The a.s.u. contains two of these dimers (AB and CD molecules)' 
? 
2 
;Biological Assembly: filament. Adjacent dimers are related by a dyad axis (perpendicular to the filament) and a four-fold screw axis (parallel to the filament axis)
;
? 
# 
loop_
_struct_conf.conf_type_id 
_struct_conf.id 
_struct_conf.pdbx_PDB_helix_id 
_struct_conf.beg_label_comp_id 
_struct_conf.beg_label_asym_id 
_struct_conf.beg_label_seq_id 
_struct_conf.pdbx_beg_PDB_ins_code 
_struct_conf.end_label_comp_id 
_struct_conf.end_label_asym_id 
_struct_conf.end_label_seq_id 
_struct_conf.pdbx_end_PDB_ins_code 
_struct_conf.beg_auth_comp_id 
_struct_conf.beg_auth_asym_id 
_struct_conf.beg_auth_seq_id 
_struct_conf.end_auth_comp_id 
_struct_conf.end_auth_asym_id 
_struct_conf.end_auth_seq_id 
_struct_conf.pdbx_PDB_helix_class 
_struct_conf.details 
_struct_conf.pdbx_PDB_helix_length 
HELX_P HELX_P1 1 ASP A 7  ? SER A 16 ? ASP A 7  SER A 16 1 ? 10 
HELX_P HELX_P2 2 SER A 24 ? LYS A 34 ? SER A 24 LYS A 34 1 ? 11 
HELX_P HELX_P3 3 ASP B 7  ? SER B 16 ? ASP B 7  SER B 16 1 ? 10 
HELX_P HELX_P4 4 SER B 24 ? LYS B 34 ? SER B 24 LYS B 34 1 ? 11 
HELX_P HELX_P5 5 ASP C 7  ? SER C 16 ? ASP C 7  SER C 16 1 ? 10 
HELX_P HELX_P6 6 SER C 24 ? LYS C 34 ? SER C 24 LYS C 34 1 ? 11 
HELX_P HELX_P7 7 ASP D 7  ? SER D 16 ? ASP D 7  SER D 16 1 ? 10 
HELX_P HELX_P8 8 SER D 24 ? LYS D 34 ? SER D 24 LYS D 34 1 ? 11 
# 
_struct_conf_type.id          HELX_P 
_struct_conf_type.criteria    ? 
_struct_conf_type.reference   ? 
# 
loop_
_struct_conn.id 
_struct_conn.conn_type_id 
_struct_conn.pdbx_leaving_atom_flag 
_struct_conn.pdbx_PDB_id 
_struct_conn.ptnr1_label_asym_id 
_struct_conn.ptnr1_label_comp_id 
_struct_conn.ptnr1_label_seq_id 
_struct_conn.ptnr1_label_atom_id 
_struct_conn.pdbx_ptnr1_label_alt_id 
_struct_conn.pdbx_ptnr1_PDB_ins_code 
_struct_conn.pdbx_ptnr1_standard_comp_id 
_struct_conn.ptnr1_symmetry 
_struct_conn.ptnr2_label_asym_id 
_struct_conn.ptnr2_label_comp_id 
_struct_conn.ptnr2_label_seq_id 
_struct_conn.ptnr2_label_atom_id 
_struct_conn.pdbx_ptnr2_label_alt_id 
_struct_conn.pdbx_ptnr2_PDB_ins_code 
_struct_conn.ptnr1_auth_asym_id 
_struct_conn.ptnr1_auth_comp_id 
_struct_conn.ptnr1_auth_seq_id 
_struct_conn.ptnr2_auth_asym_id 
_struct_conn.ptnr2_auth_comp_id 
_struct_conn.ptnr2_auth_seq_id 
_struct_conn.ptnr2_symmetry 
_struct_conn.pdbx_ptnr3_label_atom_id 
_struct_conn.pdbx_ptnr3_label_seq_id 
_struct_conn.pdbx_ptnr3_label_comp_id 
_struct_conn.pdbx_ptnr3_label_asym_id 
_struct_conn.pdbx_ptnr3_label_alt_id 
_struct_conn.pdbx_ptnr3_PDB_ins_code 
_struct_conn.details 
_struct_conn.pdbx_dist_value 
_struct_conn.pdbx_value_order 
_struct_conn.pdbx_role 
covale1  covale both ? A MSE 1  C  ? ? ? 1_555 A LYS 2  N ? ? A MSE 1   A LYS 2   1_555 ? ? ? ? ? ? ? 1.326 ? ? 
covale2  covale both ? A ARG 31 C  ? ? ? 1_555 A MSE 32 N ? ? A ARG 31  A MSE 32  1_555 ? ? ? ? ? ? ? 1.334 ? ? 
covale3  covale both ? A MSE 32 C  ? ? ? 1_555 A LEU 33 N ? ? A MSE 32  A LEU 33  1_555 ? ? ? ? ? ? ? 1.327 ? ? 
covale4  covale both ? B MSE 1  C  ? ? ? 1_555 B LYS 2  N ? ? B MSE 1   B LYS 2   1_555 ? ? ? ? ? ? ? 1.328 ? ? 
covale5  covale both ? B ARG 31 C  ? ? ? 1_555 B MSE 32 N ? ? B ARG 31  B MSE 32  1_555 ? ? ? ? ? ? ? 1.333 ? ? 
covale6  covale both ? B MSE 32 C  ? ? ? 1_555 B LEU 33 N ? ? B MSE 32  B LEU 33  1_555 ? ? ? ? ? ? ? 1.329 ? ? 
covale7  covale both ? C MSE 1  C  ? ? ? 1_555 C LYS 2  N ? ? C MSE 1   C LYS 2   1_555 ? ? ? ? ? ? ? 1.327 ? ? 
covale8  covale both ? C ARG 31 C  ? ? ? 1_555 C MSE 32 N ? ? C ARG 31  C MSE 32  1_555 ? ? ? ? ? ? ? 1.330 ? ? 
covale9  covale both ? C MSE 32 C  ? ? ? 1_555 C LEU 33 N ? ? C MSE 32  C LEU 33  1_555 ? ? ? ? ? ? ? 1.331 ? ? 
covale10 covale both ? D MSE 1  C  ? ? ? 1_555 D LYS 2  N ? ? D MSE 1   D LYS 2   1_555 ? ? ? ? ? ? ? 1.328 ? ? 
covale11 covale both ? D ARG 31 C  ? ? ? 1_555 D MSE 32 N ? ? D ARG 31  D MSE 32  1_555 ? ? ? ? ? ? ? 1.333 ? ? 
covale12 covale both ? D MSE 32 C  ? ? ? 1_555 D LEU 33 N ? ? D MSE 32  D LEU 33  1_555 ? ? ? ? ? ? ? 1.329 ? ? 
metalc1  metalc ?    ? E CA  .  CA ? ? ? 1_555 F HOH .  O ? ? A CA  501 A HOH 545 1_555 ? ? ? ? ? ? ? 2.985 ? ? 
metalc2  metalc ?    ? E CA  .  CA ? ? ? 1_555 G HOH .  O ? ? A CA  501 B HOH 92  1_555 ? ? ? ? ? ? ? 3.007 ? ? 
metalc3  metalc ?    ? E CA  .  CA ? ? ? 1_555 H HOH .  O ? ? A CA  501 C HOH 78  1_555 ? ? ? ? ? ? ? 2.793 ? ? 
metalc4  metalc ?    ? E CA  .  CA ? ? ? 1_555 H HOH .  O ? ? A CA  501 C HOH 96  1_555 ? ? ? ? ? ? ? 2.789 ? ? 
metalc5  metalc ?    ? E CA  .  CA ? ? ? 1_555 H HOH .  O ? ? A CA  501 C HOH 99  6_766 ? ? ? ? ? ? ? 2.865 ? ? 
# 
loop_
_struct_conn_type.id 
_struct_conn_type.criteria 
_struct_conn_type.reference 
covale ? ? 
metalc ? ? 
# 
loop_
_pdbx_struct_conn_angle.id 
_pdbx_struct_conn_angle.ptnr1_label_atom_id 
_pdbx_struct_conn_angle.ptnr1_label_alt_id 
_pdbx_struct_conn_angle.ptnr1_label_asym_id 
_pdbx_struct_conn_angle.ptnr1_label_comp_id 
_pdbx_struct_conn_angle.ptnr1_label_seq_id 
_pdbx_struct_conn_angle.ptnr1_auth_atom_id 
_pdbx_struct_conn_angle.ptnr1_auth_asym_id 
_pdbx_struct_conn_angle.ptnr1_auth_comp_id 
_pdbx_struct_conn_angle.ptnr1_auth_seq_id 
_pdbx_struct_conn_angle.ptnr1_PDB_ins_code 
_pdbx_struct_conn_angle.ptnr1_symmetry 
_pdbx_struct_conn_angle.ptnr2_label_atom_id 
_pdbx_struct_conn_angle.ptnr2_label_alt_id 
_pdbx_struct_conn_angle.ptnr2_label_asym_id 
_pdbx_struct_conn_angle.ptnr2_label_comp_id 
_pdbx_struct_conn_angle.ptnr2_label_seq_id 
_pdbx_struct_conn_angle.ptnr2_auth_atom_id 
_pdbx_struct_conn_angle.ptnr2_auth_asym_id 
_pdbx_struct_conn_angle.ptnr2_auth_comp_id 
_pdbx_struct_conn_angle.ptnr2_auth_seq_id 
_pdbx_struct_conn_angle.ptnr2_PDB_ins_code 
_pdbx_struct_conn_angle.ptnr2_symmetry 
_pdbx_struct_conn_angle.ptnr3_label_atom_id 
_pdbx_struct_conn_angle.ptnr3_label_alt_id 
_pdbx_struct_conn_angle.ptnr3_label_asym_id 
_pdbx_struct_conn_angle.ptnr3_label_comp_id 
_pdbx_struct_conn_angle.ptnr3_label_seq_id 
_pdbx_struct_conn_angle.ptnr3_auth_atom_id 
_pdbx_struct_conn_angle.ptnr3_auth_asym_id 
_pdbx_struct_conn_angle.ptnr3_auth_comp_id 
_pdbx_struct_conn_angle.ptnr3_auth_seq_id 
_pdbx_struct_conn_angle.ptnr3_PDB_ins_code 
_pdbx_struct_conn_angle.ptnr3_symmetry 
_pdbx_struct_conn_angle.value 
_pdbx_struct_conn_angle.value_esd 
1  O ? F HOH . ? A HOH 545 ? 1_555 CA ? E CA . ? A CA 501 ? 1_555 O ? G HOH . ? B HOH 92 ? 1_555 88.0  ? 
2  O ? F HOH . ? A HOH 545 ? 1_555 CA ? E CA . ? A CA 501 ? 1_555 O ? H HOH . ? C HOH 78 ? 1_555 128.4 ? 
3  O ? G HOH . ? B HOH 92  ? 1_555 CA ? E CA . ? A CA 501 ? 1_555 O ? H HOH . ? C HOH 78 ? 1_555 74.7  ? 
4  O ? F HOH . ? A HOH 545 ? 1_555 CA ? E CA . ? A CA 501 ? 1_555 O ? H HOH . ? C HOH 96 ? 1_555 161.3 ? 
5  O ? G HOH . ? B HOH 92  ? 1_555 CA ? E CA . ? A CA 501 ? 1_555 O ? H HOH . ? C HOH 96 ? 1_555 81.2  ? 
6  O ? H HOH . ? C HOH 78  ? 1_555 CA ? E CA . ? A CA 501 ? 1_555 O ? H HOH . ? C HOH 96 ? 1_555 63.1  ? 
7  O ? F HOH . ? A HOH 545 ? 1_555 CA ? E CA . ? A CA 501 ? 1_555 O ? H HOH . ? C HOH 99 ? 6_766 98.3  ? 
8  O ? G HOH . ? B HOH 92  ? 1_555 CA ? E CA . ? A CA 501 ? 1_555 O ? H HOH . ? C HOH 99 ? 6_766 172.7 ? 
9  O ? H HOH . ? C HOH 78  ? 1_555 CA ? E CA . ? A CA 501 ? 1_555 O ? H HOH . ? C HOH 99 ? 6_766 103.9 ? 
10 O ? H HOH . ? C HOH 96  ? 1_555 CA ? E CA . ? A CA 501 ? 1_555 O ? H HOH . ? C HOH 99 ? 6_766 91.8  ? 
# 
loop_
_pdbx_modification_feature.ordinal 
_pdbx_modification_feature.label_comp_id 
_pdbx_modification_feature.label_asym_id 
_pdbx_modification_feature.label_seq_id 
_pdbx_modification_feature.label_alt_id 
_pdbx_modification_feature.modified_residue_label_comp_id 
_pdbx_modification_feature.modified_residue_label_asym_id 
_pdbx_modification_feature.modified_residue_label_seq_id 
_pdbx_modification_feature.modified_residue_label_alt_id 
_pdbx_modification_feature.auth_comp_id 
_pdbx_modification_feature.auth_asym_id 
_pdbx_modification_feature.auth_seq_id 
_pdbx_modification_feature.PDB_ins_code 
_pdbx_modification_feature.symmetry 
_pdbx_modification_feature.modified_residue_auth_comp_id 
_pdbx_modification_feature.modified_residue_auth_asym_id 
_pdbx_modification_feature.modified_residue_auth_seq_id 
_pdbx_modification_feature.modified_residue_PDB_ins_code 
_pdbx_modification_feature.modified_residue_symmetry 
_pdbx_modification_feature.comp_id_linking_atom 
_pdbx_modification_feature.modified_residue_id_linking_atom 
_pdbx_modification_feature.modified_residue_id 
_pdbx_modification_feature.ref_pcm_id 
_pdbx_modification_feature.ref_comp_id 
_pdbx_modification_feature.type 
_pdbx_modification_feature.category 
1 MSE A 1  ? . . . . MSE A 1  ? 1_555 . . . . . . . MET 1 MSE Selenomethionine 'Named protein modification' 
2 MSE A 32 ? . . . . MSE A 32 ? 1_555 . . . . . . . MET 1 MSE Selenomethionine 'Named protein modification' 
3 MSE B 1  ? . . . . MSE B 1  ? 1_555 . . . . . . . MET 1 MSE Selenomethionine 'Named protein modification' 
4 MSE B 32 ? . . . . MSE B 32 ? 1_555 . . . . . . . MET 1 MSE Selenomethionine 'Named protein modification' 
5 MSE C 1  ? . . . . MSE C 1  ? 1_555 . . . . . . . MET 1 MSE Selenomethionine 'Named protein modification' 
6 MSE C 32 ? . . . . MSE C 32 ? 1_555 . . . . . . . MET 1 MSE Selenomethionine 'Named protein modification' 
7 MSE D 1  ? . . . . MSE D 1  ? 1_555 . . . . . . . MET 1 MSE Selenomethionine 'Named protein modification' 
8 MSE D 32 ? . . . . MSE D 32 ? 1_555 . . . . . . . MET 1 MSE Selenomethionine 'Named protein modification' 
# 
loop_
_struct_sheet.id 
_struct_sheet.type 
_struct_sheet.number_strands 
_struct_sheet.details 
A ? 2 ? 
B ? 2 ? 
# 
loop_
_struct_sheet_order.sheet_id 
_struct_sheet_order.range_id_1 
_struct_sheet_order.range_id_2 
_struct_sheet_order.offset 
_struct_sheet_order.sense 
A 1 2 ? anti-parallel 
B 1 2 ? anti-parallel 
# 
loop_
_struct_sheet_range.sheet_id 
_struct_sheet_range.id 
_struct_sheet_range.beg_label_comp_id 
_struct_sheet_range.beg_label_asym_id 
_struct_sheet_range.beg_label_seq_id 
_struct_sheet_range.pdbx_beg_PDB_ins_code 
_struct_sheet_range.end_label_comp_id 
_struct_sheet_range.end_label_asym_id 
_struct_sheet_range.end_label_seq_id 
_struct_sheet_range.pdbx_end_PDB_ins_code 
_struct_sheet_range.beg_auth_comp_id 
_struct_sheet_range.beg_auth_asym_id 
_struct_sheet_range.beg_auth_seq_id 
_struct_sheet_range.end_auth_comp_id 
_struct_sheet_range.end_auth_asym_id 
_struct_sheet_range.end_auth_seq_id 
A 1 LYS A 2 ? VAL A 6 ? LYS A 2 VAL A 6 
A 2 LYS B 2 ? VAL B 6 ? LYS B 2 VAL B 6 
B 1 LYS C 2 ? VAL C 6 ? LYS C 2 VAL C 6 
B 2 LYS D 2 ? VAL D 6 ? LYS D 2 VAL D 6 
# 
loop_
_pdbx_struct_sheet_hbond.sheet_id 
_pdbx_struct_sheet_hbond.range_id_1 
_pdbx_struct_sheet_hbond.range_id_2 
_pdbx_struct_sheet_hbond.range_1_label_atom_id 
_pdbx_struct_sheet_hbond.range_1_label_comp_id 
_pdbx_struct_sheet_hbond.range_1_label_asym_id 
_pdbx_struct_sheet_hbond.range_1_label_seq_id 
_pdbx_struct_sheet_hbond.range_1_PDB_ins_code 
_pdbx_struct_sheet_hbond.range_1_auth_atom_id 
_pdbx_struct_sheet_hbond.range_1_auth_comp_id 
_pdbx_struct_sheet_hbond.range_1_auth_asym_id 
_pdbx_struct_sheet_hbond.range_1_auth_seq_id 
_pdbx_struct_sheet_hbond.range_2_label_atom_id 
_pdbx_struct_sheet_hbond.range_2_label_comp_id 
_pdbx_struct_sheet_hbond.range_2_label_asym_id 
_pdbx_struct_sheet_hbond.range_2_label_seq_id 
_pdbx_struct_sheet_hbond.range_2_PDB_ins_code 
_pdbx_struct_sheet_hbond.range_2_auth_atom_id 
_pdbx_struct_sheet_hbond.range_2_auth_comp_id 
_pdbx_struct_sheet_hbond.range_2_auth_asym_id 
_pdbx_struct_sheet_hbond.range_2_auth_seq_id 
A 1 2 N LYS A 2 ? N LYS A 2 O VAL B 6 ? O VAL B 6 
B 1 2 N LYS C 2 ? N LYS C 2 O VAL D 6 ? O VAL D 6 
# 
_struct_site.id                   AC1 
_struct_site.pdbx_evidence_code   Software 
_struct_site.pdbx_auth_asym_id    A 
_struct_site.pdbx_auth_comp_id    CA 
_struct_site.pdbx_auth_seq_id     501 
_struct_site.pdbx_auth_ins_code   ? 
_struct_site.pdbx_num_residues    5 
_struct_site.details              'BINDING SITE FOR RESIDUE CA A 501' 
# 
loop_
_struct_site_gen.id 
_struct_site_gen.site_id 
_struct_site_gen.pdbx_num_res 
_struct_site_gen.label_comp_id 
_struct_site_gen.label_asym_id 
_struct_site_gen.label_seq_id 
_struct_site_gen.pdbx_auth_ins_code 
_struct_site_gen.auth_comp_id 
_struct_site_gen.auth_asym_id 
_struct_site_gen.auth_seq_id 
_struct_site_gen.label_atom_id 
_struct_site_gen.label_alt_id 
_struct_site_gen.symmetry 
_struct_site_gen.details 
1 AC1 5 HOH F . ? HOH A 545 . ? 1_555 ? 
2 AC1 5 HOH G . ? HOH B 92  . ? 1_555 ? 
3 AC1 5 HOH H . ? HOH C 78  . ? 1_555 ? 
4 AC1 5 HOH H . ? HOH C 96  . ? 1_555 ? 
5 AC1 5 HOH H . ? HOH C 99  . ? 6_766 ? 
# 
_pdbx_entry_details.entry_id                   1XRX 
_pdbx_entry_details.compound_details           ? 
_pdbx_entry_details.source_details             ? 
_pdbx_entry_details.nonpolymer_details         ? 
_pdbx_entry_details.sequence_details           ? 
_pdbx_entry_details.has_ligand_of_interest     ? 
_pdbx_entry_details.has_protein_modification   Y 
# 
loop_
_pdbx_validate_torsion.id 
_pdbx_validate_torsion.PDB_model_num 
_pdbx_validate_torsion.auth_comp_id 
_pdbx_validate_torsion.auth_asym_id 
_pdbx_validate_torsion.auth_seq_id 
_pdbx_validate_torsion.PDB_ins_code 
_pdbx_validate_torsion.label_alt_id 
_pdbx_validate_torsion.phi 
_pdbx_validate_torsion.psi 
1 1 LYS B 34 ? ? 93.20 -5.35  
2 1 LYS C 34 ? ? 91.18 -20.65 
# 
loop_
_pdbx_struct_mod_residue.id 
_pdbx_struct_mod_residue.label_asym_id 
_pdbx_struct_mod_residue.label_comp_id 
_pdbx_struct_mod_residue.label_seq_id 
_pdbx_struct_mod_residue.auth_asym_id 
_pdbx_struct_mod_residue.auth_comp_id 
_pdbx_struct_mod_residue.auth_seq_id 
_pdbx_struct_mod_residue.PDB_ins_code 
_pdbx_struct_mod_residue.parent_comp_id 
_pdbx_struct_mod_residue.details 
1 A MSE 1  A MSE 1  ? MET SELENOMETHIONINE 
2 A MSE 32 A MSE 32 ? MET SELENOMETHIONINE 
3 B MSE 1  B MSE 1  ? MET SELENOMETHIONINE 
4 B MSE 32 B MSE 32 ? MET SELENOMETHIONINE 
5 C MSE 1  C MSE 1  ? MET SELENOMETHIONINE 
6 C MSE 32 C MSE 32 ? MET SELENOMETHIONINE 
7 D MSE 1  D MSE 1  ? MET SELENOMETHIONINE 
8 D MSE 32 D MSE 32 ? MET SELENOMETHIONINE 
# 
_pdbx_struct_special_symmetry.id              1 
_pdbx_struct_special_symmetry.PDB_model_num   1 
_pdbx_struct_special_symmetry.auth_asym_id    C 
_pdbx_struct_special_symmetry.auth_comp_id    HOH 
_pdbx_struct_special_symmetry.auth_seq_id     98 
_pdbx_struct_special_symmetry.PDB_ins_code    ? 
_pdbx_struct_special_symmetry.label_asym_id   H 
_pdbx_struct_special_symmetry.label_comp_id   HOH 
_pdbx_struct_special_symmetry.label_seq_id    . 
# 
loop_
_pdbx_database_remark.id 
_pdbx_database_remark.text 
295 
;NON-CRYSTALLOGRAPHIC SYMMETRY
THE TRANSFORMATIONS PRESENTED ON THE MTRIX RECORDS BELOW
DESCRIBE NON-CRYSTALLOGRAPHIC RELATIONSHIPS AMONG ATOMS
IN THIS ENTRY.  APPLYING THE APPROPRIATE MTRIX
TRANSFORMATION TO THE RESIDUES LISTED FIRST WILL YIELD
APPROXIMATE COORDINATES FOR THE RESIDUES LISTED SECOND.

              APPLIED TO          TRANSFORMED TO
  TRANSFORM CHAIN  RESIDUES       CHAIN  RESIDUES     RMSD
    SSS
   M  1       A    1 ..  50         C  1  .. 50
   M  2       B    1 ..  50         D  1  .. 50

   WHERE SSS -> COLUMNS 8-10 OF MTRIX RECORDS
;
300 
;
BIOMOLECULE: 1    
THIS ENTRY CONTAINS THE CRYSTALLOGRAPHIC ASYMMETRIC
UNIT WHICH CONSISTS OF 4 CHAINS (2 DIMERS). SEE REMARK
350 FOR INFORMATION ON GENERATING THE BIOLOGICAL
MOLECULE(S).

The asymmetric unit contains two dimers that form a 
linear polymer representing the known biologically 
significant oligomerization state of the molecule by
applying the non-crystallographic and crystallographic
operations given in remarks 295 and 350 and the MTRIX
records below.
;
# 
loop_
_pdbx_unobs_or_zero_occ_residues.id 
_pdbx_unobs_or_zero_occ_residues.PDB_model_num 
_pdbx_unobs_or_zero_occ_residues.polymer_flag 
_pdbx_unobs_or_zero_occ_residues.occupancy_flag 
_pdbx_unobs_or_zero_occ_residues.auth_asym_id 
_pdbx_unobs_or_zero_occ_residues.auth_comp_id 
_pdbx_unobs_or_zero_occ_residues.auth_seq_id 
_pdbx_unobs_or_zero_occ_residues.PDB_ins_code 
_pdbx_unobs_or_zero_occ_residues.label_asym_id 
_pdbx_unobs_or_zero_occ_residues.label_comp_id 
_pdbx_unobs_or_zero_occ_residues.label_seq_id 
1  1 Y 1 A SER 36 ? A SER 36 
2  1 Y 1 A ALA 37 ? A ALA 37 
3  1 Y 1 A ALA 38 ? A ALA 38 
4  1 Y 1 A SER 39 ? A SER 39 
5  1 Y 1 A GLN 40 ? A GLN 40 
6  1 Y 1 A PRO 41 ? A PRO 41 
7  1 Y 1 A ALA 42 ? A ALA 42 
8  1 Y 1 A ALA 43 ? A ALA 43 
9  1 Y 1 A PRO 44 ? A PRO 44 
10 1 Y 1 A VAL 45 ? A VAL 45 
11 1 Y 1 A THR 46 ? A THR 46 
12 1 Y 1 A LYS 47 ? A LYS 47 
13 1 Y 1 A GLU 48 ? A GLU 48 
14 1 Y 1 A VAL 49 ? A VAL 49 
15 1 Y 1 A ARG 50 ? A ARG 50 
16 1 Y 1 B SER 36 ? B SER 36 
17 1 Y 1 B ALA 37 ? B ALA 37 
18 1 Y 1 B ALA 38 ? B ALA 38 
19 1 Y 1 B SER 39 ? B SER 39 
20 1 Y 1 B GLN 40 ? B GLN 40 
21 1 Y 1 B PRO 41 ? B PRO 41 
22 1 Y 1 B ALA 42 ? B ALA 42 
23 1 Y 1 B ALA 43 ? B ALA 43 
24 1 Y 1 B PRO 44 ? B PRO 44 
25 1 Y 1 B VAL 45 ? B VAL 45 
26 1 Y 1 B THR 46 ? B THR 46 
27 1 Y 1 B LYS 47 ? B LYS 47 
28 1 Y 1 B GLU 48 ? B GLU 48 
29 1 Y 1 B VAL 49 ? B VAL 49 
30 1 Y 1 B ARG 50 ? B ARG 50 
31 1 Y 1 C SER 36 ? C SER 36 
32 1 Y 1 C ALA 37 ? C ALA 37 
33 1 Y 1 C ALA 38 ? C ALA 38 
34 1 Y 1 C SER 39 ? C SER 39 
35 1 Y 1 C GLN 40 ? C GLN 40 
36 1 Y 1 C PRO 41 ? C PRO 41 
37 1 Y 1 C ALA 42 ? C ALA 42 
38 1 Y 1 C ALA 43 ? C ALA 43 
39 1 Y 1 C PRO 44 ? C PRO 44 
40 1 Y 1 C VAL 45 ? C VAL 45 
41 1 Y 1 C THR 46 ? C THR 46 
42 1 Y 1 C LYS 47 ? C LYS 47 
43 1 Y 1 C GLU 48 ? C GLU 48 
44 1 Y 1 C VAL 49 ? C VAL 49 
45 1 Y 1 C ARG 50 ? C ARG 50 
46 1 Y 1 D SER 36 ? D SER 36 
47 1 Y 1 D ALA 37 ? D ALA 37 
48 1 Y 1 D ALA 38 ? D ALA 38 
49 1 Y 1 D SER 39 ? D SER 39 
50 1 Y 1 D GLN 40 ? D GLN 40 
51 1 Y 1 D PRO 41 ? D PRO 41 
52 1 Y 1 D ALA 42 ? D ALA 42 
53 1 Y 1 D ALA 43 ? D ALA 43 
54 1 Y 1 D PRO 44 ? D PRO 44 
55 1 Y 1 D VAL 45 ? D VAL 45 
56 1 Y 1 D THR 46 ? D THR 46 
57 1 Y 1 D LYS 47 ? D LYS 47 
58 1 Y 1 D GLU 48 ? D GLU 48 
59 1 Y 1 D VAL 49 ? D VAL 49 
60 1 Y 1 D ARG 50 ? D ARG 50 
# 
loop_
_chem_comp_atom.comp_id 
_chem_comp_atom.atom_id 
_chem_comp_atom.type_symbol 
_chem_comp_atom.pdbx_aromatic_flag 
_chem_comp_atom.pdbx_stereo_config 
_chem_comp_atom.pdbx_ordinal 
ALA N    N  N N 1   
ALA CA   C  N S 2   
ALA C    C  N N 3   
ALA O    O  N N 4   
ALA CB   C  N N 5   
ALA OXT  O  N N 6   
ALA H    H  N N 7   
ALA H2   H  N N 8   
ALA HA   H  N N 9   
ALA HB1  H  N N 10  
ALA HB2  H  N N 11  
ALA HB3  H  N N 12  
ALA HXT  H  N N 13  
ARG N    N  N N 14  
ARG CA   C  N S 15  
ARG C    C  N N 16  
ARG O    O  N N 17  
ARG CB   C  N N 18  
ARG CG   C  N N 19  
ARG CD   C  N N 20  
ARG NE   N  N N 21  
ARG CZ   C  N N 22  
ARG NH1  N  N N 23  
ARG NH2  N  N N 24  
ARG OXT  O  N N 25  
ARG H    H  N N 26  
ARG H2   H  N N 27  
ARG HA   H  N N 28  
ARG HB2  H  N N 29  
ARG HB3  H  N N 30  
ARG HG2  H  N N 31  
ARG HG3  H  N N 32  
ARG HD2  H  N N 33  
ARG HD3  H  N N 34  
ARG HE   H  N N 35  
ARG HH11 H  N N 36  
ARG HH12 H  N N 37  
ARG HH21 H  N N 38  
ARG HH22 H  N N 39  
ARG HXT  H  N N 40  
ASP N    N  N N 41  
ASP CA   C  N S 42  
ASP C    C  N N 43  
ASP O    O  N N 44  
ASP CB   C  N N 45  
ASP CG   C  N N 46  
ASP OD1  O  N N 47  
ASP OD2  O  N N 48  
ASP OXT  O  N N 49  
ASP H    H  N N 50  
ASP H2   H  N N 51  
ASP HA   H  N N 52  
ASP HB2  H  N N 53  
ASP HB3  H  N N 54  
ASP HD2  H  N N 55  
ASP HXT  H  N N 56  
CA  CA   CA N N 57  
GLN N    N  N N 58  
GLN CA   C  N S 59  
GLN C    C  N N 60  
GLN O    O  N N 61  
GLN CB   C  N N 62  
GLN CG   C  N N 63  
GLN CD   C  N N 64  
GLN OE1  O  N N 65  
GLN NE2  N  N N 66  
GLN OXT  O  N N 67  
GLN H    H  N N 68  
GLN H2   H  N N 69  
GLN HA   H  N N 70  
GLN HB2  H  N N 71  
GLN HB3  H  N N 72  
GLN HG2  H  N N 73  
GLN HG3  H  N N 74  
GLN HE21 H  N N 75  
GLN HE22 H  N N 76  
GLN HXT  H  N N 77  
GLU N    N  N N 78  
GLU CA   C  N S 79  
GLU C    C  N N 80  
GLU O    O  N N 81  
GLU CB   C  N N 82  
GLU CG   C  N N 83  
GLU CD   C  N N 84  
GLU OE1  O  N N 85  
GLU OE2  O  N N 86  
GLU OXT  O  N N 87  
GLU H    H  N N 88  
GLU H2   H  N N 89  
GLU HA   H  N N 90  
GLU HB2  H  N N 91  
GLU HB3  H  N N 92  
GLU HG2  H  N N 93  
GLU HG3  H  N N 94  
GLU HE2  H  N N 95  
GLU HXT  H  N N 96  
GLY N    N  N N 97  
GLY CA   C  N N 98  
GLY C    C  N N 99  
GLY O    O  N N 100 
GLY OXT  O  N N 101 
GLY H    H  N N 102 
GLY H2   H  N N 103 
GLY HA2  H  N N 104 
GLY HA3  H  N N 105 
GLY HXT  H  N N 106 
HIS N    N  N N 107 
HIS CA   C  N S 108 
HIS C    C  N N 109 
HIS O    O  N N 110 
HIS CB   C  N N 111 
HIS CG   C  Y N 112 
HIS ND1  N  Y N 113 
HIS CD2  C  Y N 114 
HIS CE1  C  Y N 115 
HIS NE2  N  Y N 116 
HIS OXT  O  N N 117 
HIS H    H  N N 118 
HIS H2   H  N N 119 
HIS HA   H  N N 120 
HIS HB2  H  N N 121 
HIS HB3  H  N N 122 
HIS HD1  H  N N 123 
HIS HD2  H  N N 124 
HIS HE1  H  N N 125 
HIS HE2  H  N N 126 
HIS HXT  H  N N 127 
HOH O    O  N N 128 
HOH H1   H  N N 129 
HOH H2   H  N N 130 
ILE N    N  N N 131 
ILE CA   C  N S 132 
ILE C    C  N N 133 
ILE O    O  N N 134 
ILE CB   C  N S 135 
ILE CG1  C  N N 136 
ILE CG2  C  N N 137 
ILE CD1  C  N N 138 
ILE OXT  O  N N 139 
ILE H    H  N N 140 
ILE H2   H  N N 141 
ILE HA   H  N N 142 
ILE HB   H  N N 143 
ILE HG12 H  N N 144 
ILE HG13 H  N N 145 
ILE HG21 H  N N 146 
ILE HG22 H  N N 147 
ILE HG23 H  N N 148 
ILE HD11 H  N N 149 
ILE HD12 H  N N 150 
ILE HD13 H  N N 151 
ILE HXT  H  N N 152 
LEU N    N  N N 153 
LEU CA   C  N S 154 
LEU C    C  N N 155 
LEU O    O  N N 156 
LEU CB   C  N N 157 
LEU CG   C  N N 158 
LEU CD1  C  N N 159 
LEU CD2  C  N N 160 
LEU OXT  O  N N 161 
LEU H    H  N N 162 
LEU H2   H  N N 163 
LEU HA   H  N N 164 
LEU HB2  H  N N 165 
LEU HB3  H  N N 166 
LEU HG   H  N N 167 
LEU HD11 H  N N 168 
LEU HD12 H  N N 169 
LEU HD13 H  N N 170 
LEU HD21 H  N N 171 
LEU HD22 H  N N 172 
LEU HD23 H  N N 173 
LEU HXT  H  N N 174 
LYS N    N  N N 175 
LYS CA   C  N S 176 
LYS C    C  N N 177 
LYS O    O  N N 178 
LYS CB   C  N N 179 
LYS CG   C  N N 180 
LYS CD   C  N N 181 
LYS CE   C  N N 182 
LYS NZ   N  N N 183 
LYS OXT  O  N N 184 
LYS H    H  N N 185 
LYS H2   H  N N 186 
LYS HA   H  N N 187 
LYS HB2  H  N N 188 
LYS HB3  H  N N 189 
LYS HG2  H  N N 190 
LYS HG3  H  N N 191 
LYS HD2  H  N N 192 
LYS HD3  H  N N 193 
LYS HE2  H  N N 194 
LYS HE3  H  N N 195 
LYS HZ1  H  N N 196 
LYS HZ2  H  N N 197 
LYS HZ3  H  N N 198 
LYS HXT  H  N N 199 
MET N    N  N N 200 
MET CA   C  N S 201 
MET C    C  N N 202 
MET O    O  N N 203 
MET CB   C  N N 204 
MET CG   C  N N 205 
MET SD   S  N N 206 
MET CE   C  N N 207 
MET OXT  O  N N 208 
MET H    H  N N 209 
MET H2   H  N N 210 
MET HA   H  N N 211 
MET HB2  H  N N 212 
MET HB3  H  N N 213 
MET HG2  H  N N 214 
MET HG3  H  N N 215 
MET HE1  H  N N 216 
MET HE2  H  N N 217 
MET HE3  H  N N 218 
MET HXT  H  N N 219 
MSE N    N  N N 220 
MSE CA   C  N S 221 
MSE C    C  N N 222 
MSE O    O  N N 223 
MSE OXT  O  N N 224 
MSE CB   C  N N 225 
MSE CG   C  N N 226 
MSE SE   SE N N 227 
MSE CE   C  N N 228 
MSE H    H  N N 229 
MSE H2   H  N N 230 
MSE HA   H  N N 231 
MSE HXT  H  N N 232 
MSE HB2  H  N N 233 
MSE HB3  H  N N 234 
MSE HG2  H  N N 235 
MSE HG3  H  N N 236 
MSE HE1  H  N N 237 
MSE HE2  H  N N 238 
MSE HE3  H  N N 239 
PHE N    N  N N 240 
PHE CA   C  N S 241 
PHE C    C  N N 242 
PHE O    O  N N 243 
PHE CB   C  N N 244 
PHE CG   C  Y N 245 
PHE CD1  C  Y N 246 
PHE CD2  C  Y N 247 
PHE CE1  C  Y N 248 
PHE CE2  C  Y N 249 
PHE CZ   C  Y N 250 
PHE OXT  O  N N 251 
PHE H    H  N N 252 
PHE H2   H  N N 253 
PHE HA   H  N N 254 
PHE HB2  H  N N 255 
PHE HB3  H  N N 256 
PHE HD1  H  N N 257 
PHE HD2  H  N N 258 
PHE HE1  H  N N 259 
PHE HE2  H  N N 260 
PHE HZ   H  N N 261 
PHE HXT  H  N N 262 
PRO N    N  N N 263 
PRO CA   C  N S 264 
PRO C    C  N N 265 
PRO O    O  N N 266 
PRO CB   C  N N 267 
PRO CG   C  N N 268 
PRO CD   C  N N 269 
PRO OXT  O  N N 270 
PRO H    H  N N 271 
PRO HA   H  N N 272 
PRO HB2  H  N N 273 
PRO HB3  H  N N 274 
PRO HG2  H  N N 275 
PRO HG3  H  N N 276 
PRO HD2  H  N N 277 
PRO HD3  H  N N 278 
PRO HXT  H  N N 279 
SER N    N  N N 280 
SER CA   C  N S 281 
SER C    C  N N 282 
SER O    O  N N 283 
SER CB   C  N N 284 
SER OG   O  N N 285 
SER OXT  O  N N 286 
SER H    H  N N 287 
SER H2   H  N N 288 
SER HA   H  N N 289 
SER HB2  H  N N 290 
SER HB3  H  N N 291 
SER HG   H  N N 292 
SER HXT  H  N N 293 
THR N    N  N N 294 
THR CA   C  N S 295 
THR C    C  N N 296 
THR O    O  N N 297 
THR CB   C  N R 298 
THR OG1  O  N N 299 
THR CG2  C  N N 300 
THR OXT  O  N N 301 
THR H    H  N N 302 
THR H2   H  N N 303 
THR HA   H  N N 304 
THR HB   H  N N 305 
THR HG1  H  N N 306 
THR HG21 H  N N 307 
THR HG22 H  N N 308 
THR HG23 H  N N 309 
THR HXT  H  N N 310 
TYR N    N  N N 311 
TYR CA   C  N S 312 
TYR C    C  N N 313 
TYR O    O  N N 314 
TYR CB   C  N N 315 
TYR CG   C  Y N 316 
TYR CD1  C  Y N 317 
TYR CD2  C  Y N 318 
TYR CE1  C  Y N 319 
TYR CE2  C  Y N 320 
TYR CZ   C  Y N 321 
TYR OH   O  N N 322 
TYR OXT  O  N N 323 
TYR H    H  N N 324 
TYR H2   H  N N 325 
TYR HA   H  N N 326 
TYR HB2  H  N N 327 
TYR HB3  H  N N 328 
TYR HD1  H  N N 329 
TYR HD2  H  N N 330 
TYR HE1  H  N N 331 
TYR HE2  H  N N 332 
TYR HH   H  N N 333 
TYR HXT  H  N N 334 
VAL N    N  N N 335 
VAL CA   C  N S 336 
VAL C    C  N N 337 
VAL O    O  N N 338 
VAL CB   C  N N 339 
VAL CG1  C  N N 340 
VAL CG2  C  N N 341 
VAL OXT  O  N N 342 
VAL H    H  N N 343 
VAL H2   H  N N 344 
VAL HA   H  N N 345 
VAL HB   H  N N 346 
VAL HG11 H  N N 347 
VAL HG12 H  N N 348 
VAL HG13 H  N N 349 
VAL HG21 H  N N 350 
VAL HG22 H  N N 351 
VAL HG23 H  N N 352 
VAL HXT  H  N N 353 
# 
loop_
_chem_comp_bond.comp_id 
_chem_comp_bond.atom_id_1 
_chem_comp_bond.atom_id_2 
_chem_comp_bond.value_order 
_chem_comp_bond.pdbx_aromatic_flag 
_chem_comp_bond.pdbx_stereo_config 
_chem_comp_bond.pdbx_ordinal 
ALA N   CA   sing N N 1   
ALA N   H    sing N N 2   
ALA N   H2   sing N N 3   
ALA CA  C    sing N N 4   
ALA CA  CB   sing N N 5   
ALA CA  HA   sing N N 6   
ALA C   O    doub N N 7   
ALA C   OXT  sing N N 8   
ALA CB  HB1  sing N N 9   
ALA CB  HB2  sing N N 10  
ALA CB  HB3  sing N N 11  
ALA OXT HXT  sing N N 12  
ARG N   CA   sing N N 13  
ARG N   H    sing N N 14  
ARG N   H2   sing N N 15  
ARG CA  C    sing N N 16  
ARG CA  CB   sing N N 17  
ARG CA  HA   sing N N 18  
ARG C   O    doub N N 19  
ARG C   OXT  sing N N 20  
ARG CB  CG   sing N N 21  
ARG CB  HB2  sing N N 22  
ARG CB  HB3  sing N N 23  
ARG CG  CD   sing N N 24  
ARG CG  HG2  sing N N 25  
ARG CG  HG3  sing N N 26  
ARG CD  NE   sing N N 27  
ARG CD  HD2  sing N N 28  
ARG CD  HD3  sing N N 29  
ARG NE  CZ   sing N N 30  
ARG NE  HE   sing N N 31  
ARG CZ  NH1  sing N N 32  
ARG CZ  NH2  doub N N 33  
ARG NH1 HH11 sing N N 34  
ARG NH1 HH12 sing N N 35  
ARG NH2 HH21 sing N N 36  
ARG NH2 HH22 sing N N 37  
ARG OXT HXT  sing N N 38  
ASP N   CA   sing N N 39  
ASP N   H    sing N N 40  
ASP N   H2   sing N N 41  
ASP CA  C    sing N N 42  
ASP CA  CB   sing N N 43  
ASP CA  HA   sing N N 44  
ASP C   O    doub N N 45  
ASP C   OXT  sing N N 46  
ASP CB  CG   sing N N 47  
ASP CB  HB2  sing N N 48  
ASP CB  HB3  sing N N 49  
ASP CG  OD1  doub N N 50  
ASP CG  OD2  sing N N 51  
ASP OD2 HD2  sing N N 52  
ASP OXT HXT  sing N N 53  
GLN N   CA   sing N N 54  
GLN N   H    sing N N 55  
GLN N   H2   sing N N 56  
GLN CA  C    sing N N 57  
GLN CA  CB   sing N N 58  
GLN CA  HA   sing N N 59  
GLN C   O    doub N N 60  
GLN C   OXT  sing N N 61  
GLN CB  CG   sing N N 62  
GLN CB  HB2  sing N N 63  
GLN CB  HB3  sing N N 64  
GLN CG  CD   sing N N 65  
GLN CG  HG2  sing N N 66  
GLN CG  HG3  sing N N 67  
GLN CD  OE1  doub N N 68  
GLN CD  NE2  sing N N 69  
GLN NE2 HE21 sing N N 70  
GLN NE2 HE22 sing N N 71  
GLN OXT HXT  sing N N 72  
GLU N   CA   sing N N 73  
GLU N   H    sing N N 74  
GLU N   H2   sing N N 75  
GLU CA  C    sing N N 76  
GLU CA  CB   sing N N 77  
GLU CA  HA   sing N N 78  
GLU C   O    doub N N 79  
GLU C   OXT  sing N N 80  
GLU CB  CG   sing N N 81  
GLU CB  HB2  sing N N 82  
GLU CB  HB3  sing N N 83  
GLU CG  CD   sing N N 84  
GLU CG  HG2  sing N N 85  
GLU CG  HG3  sing N N 86  
GLU CD  OE1  doub N N 87  
GLU CD  OE2  sing N N 88  
GLU OE2 HE2  sing N N 89  
GLU OXT HXT  sing N N 90  
GLY N   CA   sing N N 91  
GLY N   H    sing N N 92  
GLY N   H2   sing N N 93  
GLY CA  C    sing N N 94  
GLY CA  HA2  sing N N 95  
GLY CA  HA3  sing N N 96  
GLY C   O    doub N N 97  
GLY C   OXT  sing N N 98  
GLY OXT HXT  sing N N 99  
HIS N   CA   sing N N 100 
HIS N   H    sing N N 101 
HIS N   H2   sing N N 102 
HIS CA  C    sing N N 103 
HIS CA  CB   sing N N 104 
HIS CA  HA   sing N N 105 
HIS C   O    doub N N 106 
HIS C   OXT  sing N N 107 
HIS CB  CG   sing N N 108 
HIS CB  HB2  sing N N 109 
HIS CB  HB3  sing N N 110 
HIS CG  ND1  sing Y N 111 
HIS CG  CD2  doub Y N 112 
HIS ND1 CE1  doub Y N 113 
HIS ND1 HD1  sing N N 114 
HIS CD2 NE2  sing Y N 115 
HIS CD2 HD2  sing N N 116 
HIS CE1 NE2  sing Y N 117 
HIS CE1 HE1  sing N N 118 
HIS NE2 HE2  sing N N 119 
HIS OXT HXT  sing N N 120 
HOH O   H1   sing N N 121 
HOH O   H2   sing N N 122 
ILE N   CA   sing N N 123 
ILE N   H    sing N N 124 
ILE N   H2   sing N N 125 
ILE CA  C    sing N N 126 
ILE CA  CB   sing N N 127 
ILE CA  HA   sing N N 128 
ILE C   O    doub N N 129 
ILE C   OXT  sing N N 130 
ILE CB  CG1  sing N N 131 
ILE CB  CG2  sing N N 132 
ILE CB  HB   sing N N 133 
ILE CG1 CD1  sing N N 134 
ILE CG1 HG12 sing N N 135 
ILE CG1 HG13 sing N N 136 
ILE CG2 HG21 sing N N 137 
ILE CG2 HG22 sing N N 138 
ILE CG2 HG23 sing N N 139 
ILE CD1 HD11 sing N N 140 
ILE CD1 HD12 sing N N 141 
ILE CD1 HD13 sing N N 142 
ILE OXT HXT  sing N N 143 
LEU N   CA   sing N N 144 
LEU N   H    sing N N 145 
LEU N   H2   sing N N 146 
LEU CA  C    sing N N 147 
LEU CA  CB   sing N N 148 
LEU CA  HA   sing N N 149 
LEU C   O    doub N N 150 
LEU C   OXT  sing N N 151 
LEU CB  CG   sing N N 152 
LEU CB  HB2  sing N N 153 
LEU CB  HB3  sing N N 154 
LEU CG  CD1  sing N N 155 
LEU CG  CD2  sing N N 156 
LEU CG  HG   sing N N 157 
LEU CD1 HD11 sing N N 158 
LEU CD1 HD12 sing N N 159 
LEU CD1 HD13 sing N N 160 
LEU CD2 HD21 sing N N 161 
LEU CD2 HD22 sing N N 162 
LEU CD2 HD23 sing N N 163 
LEU OXT HXT  sing N N 164 
LYS N   CA   sing N N 165 
LYS N   H    sing N N 166 
LYS N   H2   sing N N 167 
LYS CA  C    sing N N 168 
LYS CA  CB   sing N N 169 
LYS CA  HA   sing N N 170 
LYS C   O    doub N N 171 
LYS C   OXT  sing N N 172 
LYS CB  CG   sing N N 173 
LYS CB  HB2  sing N N 174 
LYS CB  HB3  sing N N 175 
LYS CG  CD   sing N N 176 
LYS CG  HG2  sing N N 177 
LYS CG  HG3  sing N N 178 
LYS CD  CE   sing N N 179 
LYS CD  HD2  sing N N 180 
LYS CD  HD3  sing N N 181 
LYS CE  NZ   sing N N 182 
LYS CE  HE2  sing N N 183 
LYS CE  HE3  sing N N 184 
LYS NZ  HZ1  sing N N 185 
LYS NZ  HZ2  sing N N 186 
LYS NZ  HZ3  sing N N 187 
LYS OXT HXT  sing N N 188 
MET N   CA   sing N N 189 
MET N   H    sing N N 190 
MET N   H2   sing N N 191 
MET CA  C    sing N N 192 
MET CA  CB   sing N N 193 
MET CA  HA   sing N N 194 
MET C   O    doub N N 195 
MET C   OXT  sing N N 196 
MET CB  CG   sing N N 197 
MET CB  HB2  sing N N 198 
MET CB  HB3  sing N N 199 
MET CG  SD   sing N N 200 
MET CG  HG2  sing N N 201 
MET CG  HG3  sing N N 202 
MET SD  CE   sing N N 203 
MET CE  HE1  sing N N 204 
MET CE  HE2  sing N N 205 
MET CE  HE3  sing N N 206 
MET OXT HXT  sing N N 207 
MSE N   CA   sing N N 208 
MSE N   H    sing N N 209 
MSE N   H2   sing N N 210 
MSE CA  C    sing N N 211 
MSE CA  CB   sing N N 212 
MSE CA  HA   sing N N 213 
MSE C   O    doub N N 214 
MSE C   OXT  sing N N 215 
MSE OXT HXT  sing N N 216 
MSE CB  CG   sing N N 217 
MSE CB  HB2  sing N N 218 
MSE CB  HB3  sing N N 219 
MSE CG  SE   sing N N 220 
MSE CG  HG2  sing N N 221 
MSE CG  HG3  sing N N 222 
MSE SE  CE   sing N N 223 
MSE CE  HE1  sing N N 224 
MSE CE  HE2  sing N N 225 
MSE CE  HE3  sing N N 226 
PHE N   CA   sing N N 227 
PHE N   H    sing N N 228 
PHE N   H2   sing N N 229 
PHE CA  C    sing N N 230 
PHE CA  CB   sing N N 231 
PHE CA  HA   sing N N 232 
PHE C   O    doub N N 233 
PHE C   OXT  sing N N 234 
PHE CB  CG   sing N N 235 
PHE CB  HB2  sing N N 236 
PHE CB  HB3  sing N N 237 
PHE CG  CD1  doub Y N 238 
PHE CG  CD2  sing Y N 239 
PHE CD1 CE1  sing Y N 240 
PHE CD1 HD1  sing N N 241 
PHE CD2 CE2  doub Y N 242 
PHE CD2 HD2  sing N N 243 
PHE CE1 CZ   doub Y N 244 
PHE CE1 HE1  sing N N 245 
PHE CE2 CZ   sing Y N 246 
PHE CE2 HE2  sing N N 247 
PHE CZ  HZ   sing N N 248 
PHE OXT HXT  sing N N 249 
PRO N   CA   sing N N 250 
PRO N   CD   sing N N 251 
PRO N   H    sing N N 252 
PRO CA  C    sing N N 253 
PRO CA  CB   sing N N 254 
PRO CA  HA   sing N N 255 
PRO C   O    doub N N 256 
PRO C   OXT  sing N N 257 
PRO CB  CG   sing N N 258 
PRO CB  HB2  sing N N 259 
PRO CB  HB3  sing N N 260 
PRO CG  CD   sing N N 261 
PRO CG  HG2  sing N N 262 
PRO CG  HG3  sing N N 263 
PRO CD  HD2  sing N N 264 
PRO CD  HD3  sing N N 265 
PRO OXT HXT  sing N N 266 
SER N   CA   sing N N 267 
SER N   H    sing N N 268 
SER N   H2   sing N N 269 
SER CA  C    sing N N 270 
SER CA  CB   sing N N 271 
SER CA  HA   sing N N 272 
SER C   O    doub N N 273 
SER C   OXT  sing N N 274 
SER CB  OG   sing N N 275 
SER CB  HB2  sing N N 276 
SER CB  HB3  sing N N 277 
SER OG  HG   sing N N 278 
SER OXT HXT  sing N N 279 
THR N   CA   sing N N 280 
THR N   H    sing N N 281 
THR N   H2   sing N N 282 
THR CA  C    sing N N 283 
THR CA  CB   sing N N 284 
THR CA  HA   sing N N 285 
THR C   O    doub N N 286 
THR C   OXT  sing N N 287 
THR CB  OG1  sing N N 288 
THR CB  CG2  sing N N 289 
THR CB  HB   sing N N 290 
THR OG1 HG1  sing N N 291 
THR CG2 HG21 sing N N 292 
THR CG2 HG22 sing N N 293 
THR CG2 HG23 sing N N 294 
THR OXT HXT  sing N N 295 
TYR N   CA   sing N N 296 
TYR N   H    sing N N 297 
TYR N   H2   sing N N 298 
TYR CA  C    sing N N 299 
TYR CA  CB   sing N N 300 
TYR CA  HA   sing N N 301 
TYR C   O    doub N N 302 
TYR C   OXT  sing N N 303 
TYR CB  CG   sing N N 304 
TYR CB  HB2  sing N N 305 
TYR CB  HB3  sing N N 306 
TYR CG  CD1  doub Y N 307 
TYR CG  CD2  sing Y N 308 
TYR CD1 CE1  sing Y N 309 
TYR CD1 HD1  sing N N 310 
TYR CD2 CE2  doub Y N 311 
TYR CD2 HD2  sing N N 312 
TYR CE1 CZ   doub Y N 313 
TYR CE1 HE1  sing N N 314 
TYR CE2 CZ   sing Y N 315 
TYR CE2 HE2  sing N N 316 
TYR CZ  OH   sing N N 317 
TYR OH  HH   sing N N 318 
TYR OXT HXT  sing N N 319 
VAL N   CA   sing N N 320 
VAL N   H    sing N N 321 
VAL N   H2   sing N N 322 
VAL CA  C    sing N N 323 
VAL CA  CB   sing N N 324 
VAL CA  HA   sing N N 325 
VAL C   O    doub N N 326 
VAL C   OXT  sing N N 327 
VAL CB  CG1  sing N N 328 
VAL CB  CG2  sing N N 329 
VAL CB  HB   sing N N 330 
VAL CG1 HG11 sing N N 331 
VAL CG1 HG12 sing N N 332 
VAL CG1 HG13 sing N N 333 
VAL CG2 HG21 sing N N 334 
VAL CG2 HG22 sing N N 335 
VAL CG2 HG23 sing N N 336 
VAL OXT HXT  sing N N 337 
# 
_atom_sites.entry_id                    1XRX 
_atom_sites.Cartn_transform_axes        ? 
_atom_sites.fract_transf_matrix[1][1]   -0.00121053 
_atom_sites.fract_transf_matrix[1][2]   -0.00210174 
_atom_sites.fract_transf_matrix[1][3]   -0.01000342 
_atom_sites.fract_transf_matrix[2][1]   0.00536762 
_atom_sites.fract_transf_matrix[2][2]   0.00524179 
_atom_sites.fract_transf_matrix[2][3]   -0.00704685 
_atom_sites.fract_transf_matrix[3][1]   0.01181756 
_atom_sites.fract_transf_matrix[3][2]   -0.01093509 
_atom_sites.fract_transf_matrix[3][3]   0.00086743 
_atom_sites.fract_transf_vector[1]      0.973051 
_atom_sites.fract_transf_vector[2]      0.472013 
_atom_sites.fract_transf_vector[3]      0.490184 
# 
loop_
_atom_type.symbol 
C  
CA 
N  
O  
SE 
# 
loop_
_atom_site.group_PDB 
_atom_site.id 
_atom_site.type_symbol 
_atom_site.label_atom_id 
_atom_site.label_alt_id 
_atom_site.label_comp_id 
_atom_site.label_asym_id 
_atom_site.label_entity_id 
_atom_site.label_seq_id 
_atom_site.pdbx_PDB_ins_code 
_atom_site.Cartn_x 
_atom_site.Cartn_y 
_atom_site.Cartn_z 
_atom_site.occupancy 
_atom_site.B_iso_or_equiv 
_atom_site.pdbx_formal_charge 
_atom_site.auth_seq_id 
_atom_site.auth_comp_id 
_atom_site.auth_asym_id 
_atom_site.auth_atom_id 
_atom_site.pdbx_PDB_model_num 
HETATM 1    N  N   . MSE A 1 1  ? -11.538 -12.203 8.519   1.00 58.41  ? 1   MSE A N   1 
HETATM 2    C  CA  . MSE A 1 1  ? -10.400 -11.718 9.353   1.00 55.15  ? 1   MSE A CA  1 
HETATM 3    C  C   . MSE A 1 1  ? -9.085  -11.808 8.591   1.00 51.84  ? 1   MSE A C   1 
HETATM 4    O  O   . MSE A 1 1  ? -8.841  -12.758 7.847   1.00 48.62  ? 1   MSE A O   1 
HETATM 5    C  CB  . MSE A 1 1  ? -10.286 -12.536 10.652  1.00 58.46  ? 1   MSE A CB  1 
HETATM 6    C  CG  . MSE A 1 1  ? -11.330 -12.224 11.723  1.00 70.51  ? 1   MSE A CG  1 
HETATM 7    SE SE  . MSE A 1 1  ? -11.189 -10.428 12.476  1.00 89.15  ? 1   MSE A SE  1 
HETATM 8    C  CE  . MSE A 1 1  ? -9.553  -10.641 13.403  1.00 75.48  ? 1   MSE A CE  1 
ATOM   9    N  N   . LYS A 1 2  ? -8.243  -10.801 8.778   1.00 49.03  ? 2   LYS A N   1 
ATOM   10   C  CA  . LYS A 1 2  ? -6.944  -10.768 8.130   1.00 49.12  ? 2   LYS A CA  1 
ATOM   11   C  C   . LYS A 1 2  ? -5.850  -10.618 9.180   1.00 48.34  ? 2   LYS A C   1 
ATOM   12   O  O   . LYS A 1 2  ? -6.055  -10.020 10.237  1.00 53.48  ? 2   LYS A O   1 
ATOM   13   C  CB  . LYS A 1 2  ? -6.869  -9.611  7.130   1.00 51.26  ? 2   LYS A CB  1 
ATOM   14   C  CG  . LYS A 1 2  ? -7.787  -9.743  5.918   1.00 56.51  ? 2   LYS A CG  1 
ATOM   15   C  CD  . LYS A 1 2  ? -6.979  -9.767  4.620   1.00 65.47  ? 2   LYS A CD  1 
ATOM   16   C  CE  . LYS A 1 2  ? -7.854  -9.508  3.394   1.00 69.03  ? 2   LYS A CE  1 
ATOM   17   N  NZ  . LYS A 1 2  ? -8.961  -10.495 3.266   1.00 69.58  ? 2   LYS A NZ  1 
ATOM   18   N  N   . THR A 1 3  ? -4.687  -11.172 8.869   1.00 46.47  ? 3   THR A N   1 
ATOM   19   C  CA  . THR A 1 3  ? -3.538  -11.124 9.755   1.00 44.62  ? 3   THR A CA  1 
ATOM   20   C  C   . THR A 1 3  ? -2.500  -10.089 9.323   1.00 44.96  ? 3   THR A C   1 
ATOM   21   O  O   . THR A 1 3  ? -2.203  -9.948  8.147   1.00 49.10  ? 3   THR A O   1 
ATOM   22   C  CB  . THR A 1 3  ? -2.866  -12.525 9.845   1.00 45.38  ? 3   THR A CB  1 
ATOM   23   O  OG1 . THR A 1 3  ? -3.423  -13.242 10.955  1.00 54.24  ? 3   THR A OG1 1 
ATOM   24   C  CG2 . THR A 1 3  ? -1.346  -12.407 10.021  1.00 49.56  ? 3   THR A CG2 1 
ATOM   25   N  N   A ILE A 1 4  ? -1.990  -9.353  10.290  0.50 40.28  ? 4   ILE A N   1 
ATOM   26   N  N   B ILE A 1 4  ? -1.949  -9.370  10.300  0.50 41.91  ? 4   ILE A N   1 
ATOM   27   C  CA  A ILE A 1 4  ? -0.986  -8.328  10.080  0.50 37.31  ? 4   ILE A CA  1 
ATOM   28   C  CA  B ILE A 1 4  ? -0.921  -8.394  10.012  0.50 40.50  ? 4   ILE A CA  1 
ATOM   29   C  C   A ILE A 1 4  ? 0.126   -8.527  11.106  0.50 39.35  ? 4   ILE A C   1 
ATOM   30   C  C   B ILE A 1 4  ? 0.123   -8.513  11.094  0.50 41.14  ? 4   ILE A C   1 
ATOM   31   O  O   A ILE A 1 4  ? -0.112  -8.986  12.220  0.50 39.47  ? 4   ILE A O   1 
ATOM   32   O  O   B ILE A 1 4  ? -0.172  -8.872  12.244  0.50 42.07  ? 4   ILE A O   1 
ATOM   33   C  CB  A ILE A 1 4  ? -1.562  -6.925  10.306  0.50 32.20  ? 4   ILE A CB  1 
ATOM   34   C  CB  B ILE A 1 4  ? -1.452  -6.941  9.960   0.50 38.31  ? 4   ILE A CB  1 
ATOM   35   C  CG1 A ILE A 1 4  ? -2.617  -6.612  9.227   0.50 35.83  ? 4   ILE A CG1 1 
ATOM   36   C  CG1 B ILE A 1 4  ? -1.548  -6.324  11.358  0.50 38.36  ? 4   ILE A CG1 1 
ATOM   37   C  CG2 A ILE A 1 4  ? -0.439  -5.906  10.271  0.50 29.04  ? 4   ILE A CG2 1 
ATOM   38   C  CG2 B ILE A 1 4  ? -2.816  -6.921  9.318   0.50 47.28  ? 4   ILE A CG2 1 
ATOM   39   C  CD1 A ILE A 1 4  ? -3.178  -5.212  9.310   0.50 26.40  ? 4   ILE A CD1 1 
ATOM   40   C  CD1 B ILE A 1 4  ? -1.807  -4.805  11.341  0.50 33.33  ? 4   ILE A CD1 1 
ATOM   41   N  N   . GLU A 1 5  ? 1.354   -8.207  10.732  1.00 34.19  ? 5   GLU A N   1 
ATOM   42   C  CA  . GLU A 1 5  ? 2.441   -8.316  11.673  1.00 40.97  ? 5   GLU A CA  1 
ATOM   43   C  C   . GLU A 1 5  ? 3.012   -6.936  11.974  1.00 36.83  ? 5   GLU A C   1 
ATOM   44   O  O   . GLU A 1 5  ? 3.268   -6.139  11.080  1.00 33.68  ? 5   GLU A O   1 
ATOM   45   C  CB  . GLU A 1 5  ? 3.469   -9.307  11.126  1.00 42.38  ? 5   GLU A CB  1 
ATOM   46   C  CG  . GLU A 1 5  ? 3.937   -9.053  9.699   1.00 54.20  ? 5   GLU A CG  1 
ATOM   47   C  CD  . GLU A 1 5  ? 5.051   -9.994  9.313   1.00 62.11  ? 5   GLU A CD  1 
ATOM   48   O  OE1 . GLU A 1 5  ? 5.129   -11.088 9.915   1.00 61.92  ? 5   GLU A OE1 1 
ATOM   49   O  OE2 . GLU A 1 5  ? 5.836   -9.651  8.408   1.00 61.90  ? 5   GLU A OE2 1 
ATOM   50   N  N   . VAL A 1 6  ? 3.162   -6.656  13.263  1.00 35.04  ? 6   VAL A N   1 
ATOM   51   C  CA  . VAL A 1 6  ? 3.684   -5.372  13.717  1.00 33.40  ? 6   VAL A CA  1 
ATOM   52   C  C   . VAL A 1 6  ? 4.918   -5.619  14.575  1.00 33.06  ? 6   VAL A C   1 
ATOM   53   O  O   . VAL A 1 6  ? 5.062   -6.694  15.149  1.00 36.96  ? 6   VAL A O   1 
ATOM   54   C  CB  . VAL A 1 6  ? 2.642   -4.623  14.569  1.00 40.21  ? 6   VAL A CB  1 
ATOM   55   C  CG1 . VAL A 1 6  ? 1.460   -4.210  13.713  1.00 36.30  ? 6   VAL A CG1 1 
ATOM   56   C  CG2 . VAL A 1 6  ? 2.171   -5.548  15.675  1.00 35.06  ? 6   VAL A CG2 1 
ATOM   57   N  N   . ASP A 1 7  ? 5.805   -4.633  14.679  1.00 32.78  ? 7   ASP A N   1 
ATOM   58   C  CA  . ASP A 1 7  ? 6.996   -4.811  15.501  1.00 38.15  ? 7   ASP A CA  1 
ATOM   59   C  C   . ASP A 1 7  ? 6.605   -4.885  16.977  1.00 39.53  ? 7   ASP A C   1 
ATOM   60   O  O   . ASP A 1 7  ? 5.583   -4.337  17.384  1.00 36.17  ? 7   ASP A O   1 
ATOM   61   C  CB  . ASP A 1 7  ? 8.004   -3.677  15.246  1.00 37.53  ? 7   ASP A CB  1 
ATOM   62   C  CG  . ASP A 1 7  ? 7.459   -2.306  15.595  1.00 41.44  ? 7   ASP A CG  1 
ATOM   63   O  OD1 . ASP A 1 7  ? 7.339   -1.993  16.796  1.00 45.50  ? 7   ASP A OD1 1 
ATOM   64   O  OD2 . ASP A 1 7  ? 7.147   -1.541  14.664  1.00 45.39  ? 7   ASP A OD2 1 
ATOM   65   N  N   . ASP A 1 8  ? 7.418   -5.582  17.765  1.00 39.09  ? 8   ASP A N   1 
ATOM   66   C  CA  . ASP A 1 8  ? 7.176   -5.767  19.195  1.00 37.19  ? 8   ASP A CA  1 
ATOM   67   C  C   . ASP A 1 8  ? 6.771   -4.504  19.948  1.00 34.17  ? 8   ASP A C   1 
ATOM   68   O  O   . ASP A 1 8  ? 5.805   -4.506  20.709  1.00 40.20  ? 8   ASP A O   1 
ATOM   69   C  CB  . ASP A 1 8  ? 8.417   -6.377  19.846  1.00 36.21  ? 8   ASP A CB  1 
ATOM   70   C  CG  . ASP A 1 8  ? 8.722   -7.762  19.322  1.00 40.56  ? 8   ASP A CG  1 
ATOM   71   O  OD1 . ASP A 1 8  ? 9.794   -8.305  19.655  1.00 55.96  ? 8   ASP A OD1 1 
ATOM   72   O  OD2 . ASP A 1 8  ? 7.885   -8.316  18.578  1.00 46.29  ? 8   ASP A OD2 1 
ATOM   73   N  N   . GLU A 1 9  ? 7.512   -3.426  19.731  1.00 35.81  ? 9   GLU A N   1 
ATOM   74   C  CA  . GLU A 1 9  ? 7.231   -2.166  20.399  1.00 39.12  ? 9   GLU A CA  1 
ATOM   75   C  C   . GLU A 1 9  ? 5.836   -1.641  20.054  1.00 40.57  ? 9   GLU A C   1 
ATOM   76   O  O   . GLU A 1 9  ? 5.113   -1.157  20.925  1.00 41.05  ? 9   GLU A O   1 
ATOM   77   C  CB  . GLU A 1 9  ? 8.298   -1.141  20.011  1.00 39.15  ? 9   GLU A CB  1 
ATOM   78   C  CG  . GLU A 1 9  ? 8.409   0.047   20.945  1.00 59.07  ? 9   GLU A CG  1 
ATOM   79   C  CD  . GLU A 1 9  ? 9.408   1.080   20.450  1.00 70.08  ? 9   GLU A CD  1 
ATOM   80   O  OE1 . GLU A 1 9  ? 10.629  0.915   20.694  1.00 77.33  ? 9   GLU A OE1 1 
ATOM   81   O  OE2 . GLU A 1 9  ? 8.965   2.053   19.800  1.00 65.95  ? 9   GLU A OE2 1 
ATOM   82   N  N   . LEU A 1 10 ? 5.464   -1.745  18.782  1.00 40.55  ? 10  LEU A N   1 
ATOM   83   C  CA  . LEU A 1 10 ? 4.161   -1.283  18.312  1.00 37.34  ? 10  LEU A CA  1 
ATOM   84   C  C   . LEU A 1 10 ? 3.035   -2.162  18.843  1.00 37.58  ? 10  LEU A C   1 
ATOM   85   O  O   . LEU A 1 10 ? 1.920   -1.688  19.056  1.00 37.22  ? 10  LEU A O   1 
ATOM   86   C  CB  . LEU A 1 10 ? 4.127   -1.265  16.779  1.00 36.16  ? 10  LEU A CB  1 
ATOM   87   C  CG  . LEU A 1 10 ? 2.802   -0.889  16.104  1.00 40.28  ? 10  LEU A CG  1 
ATOM   88   C  CD1 . LEU A 1 10 ? 2.359   0.503   16.539  1.00 30.64  ? 10  LEU A CD1 1 
ATOM   89   C  CD2 . LEU A 1 10 ? 2.969   -0.950  14.597  1.00 39.21  ? 10  LEU A CD2 1 
ATOM   90   N  N   . TYR A 1 11 ? 3.325   -3.442  19.052  1.00 34.14  ? 11  TYR A N   1 
ATOM   91   C  CA  . TYR A 1 11 ? 2.323   -4.357  19.573  1.00 37.76  ? 11  TYR A CA  1 
ATOM   92   C  C   . TYR A 1 11 ? 2.007   -3.982  21.021  1.00 40.55  ? 11  TYR A C   1 
ATOM   93   O  O   . TYR A 1 11 ? 0.841   -3.879  21.406  1.00 37.66  ? 11  TYR A O   1 
ATOM   94   C  CB  . TYR A 1 11 ? 2.828   -5.798  19.498  1.00 33.35  ? 11  TYR A CB  1 
ATOM   95   C  CG  . TYR A 1 11 ? 1.833   -6.821  19.999  1.00 35.81  ? 11  TYR A CG  1 
ATOM   96   C  CD1 . TYR A 1 11 ? 1.619   -7.006  21.366  1.00 33.40  ? 11  TYR A CD1 1 
ATOM   97   C  CD2 . TYR A 1 11 ? 1.084   -7.585  19.107  1.00 29.84  ? 11  TYR A CD2 1 
ATOM   98   C  CE1 . TYR A 1 11 ? 0.681   -7.925  21.829  1.00 33.40  ? 11  TYR A CE1 1 
ATOM   99   C  CE2 . TYR A 1 11 ? 0.144   -8.505  19.562  1.00 31.65  ? 11  TYR A CE2 1 
ATOM   100  C  CZ  . TYR A 1 11 ? -0.052  -8.670  20.921  1.00 35.93  ? 11  TYR A CZ  1 
ATOM   101  O  OH  . TYR A 1 11 ? -0.981  -9.574  21.375  1.00 44.44  ? 11  TYR A OH  1 
ATOM   102  N  N   . SER A 1 12 ? 3.050   -3.772  21.818  1.00 38.92  ? 12  SER A N   1 
ATOM   103  C  CA  . SER A 1 12 ? 2.872   -3.400  23.217  1.00 41.47  ? 12  SER A CA  1 
ATOM   104  C  C   . SER A 1 12 ? 2.104   -2.092  23.308  1.00 40.37  ? 12  SER A C   1 
ATOM   105  O  O   . SER A 1 12 ? 1.216   -1.937  24.147  1.00 39.90  ? 12  SER A O   1 
ATOM   106  C  CB  . SER A 1 12 ? 4.230   -3.237  23.900  1.00 38.25  ? 12  SER A CB  1 
ATOM   107  O  OG  . SER A 1 12 ? 4.946   -4.457  23.895  1.00 56.31  ? 12  SER A OG  1 
ATOM   108  N  N   . TYR A 1 13 ? 2.458   -1.155  22.434  1.00 38.73  ? 13  TYR A N   1 
ATOM   109  C  CA  . TYR A 1 13 ? 1.819   0.150   22.397  1.00 37.50  ? 13  TYR A CA  1 
ATOM   110  C  C   . TYR A 1 13 ? 0.319   -0.003  22.188  1.00 42.80  ? 13  TYR A C   1 
ATOM   111  O  O   . TYR A 1 13 ? -0.483  0.638   22.867  1.00 46.46  ? 13  TYR A O   1 
ATOM   112  C  CB  . TYR A 1 13 ? 2.411   0.997   21.269  1.00 40.29  ? 13  TYR A CB  1 
ATOM   113  C  CG  . TYR A 1 13 ? 1.861   2.404   21.206  1.00 44.64  ? 13  TYR A CG  1 
ATOM   114  C  CD1 . TYR A 1 13 ? 2.137   3.330   22.212  1.00 39.13  ? 13  TYR A CD1 1 
ATOM   115  C  CD2 . TYR A 1 13 ? 1.051   2.807   20.146  1.00 47.94  ? 13  TYR A CD2 1 
ATOM   116  C  CE1 . TYR A 1 13 ? 1.622   4.623   22.165  1.00 39.36  ? 13  TYR A CE1 1 
ATOM   117  C  CE2 . TYR A 1 13 ? 0.530   4.098   20.089  1.00 48.63  ? 13  TYR A CE2 1 
ATOM   118  C  CZ  . TYR A 1 13 ? 0.817   4.999   21.099  1.00 45.54  ? 13  TYR A CZ  1 
ATOM   119  O  OH  . TYR A 1 13 ? 0.300   6.272   21.036  1.00 52.26  ? 13  TYR A OH  1 
ATOM   120  N  N   . ILE A 1 14 ? -0.057  -0.857  21.242  1.00 39.37  ? 14  ILE A N   1 
ATOM   121  C  CA  . ILE A 1 14 ? -1.462  -1.095  20.942  1.00 37.00  ? 14  ILE A CA  1 
ATOM   122  C  C   . ILE A 1 14 ? -2.166  -1.814  22.092  1.00 39.06  ? 14  ILE A C   1 
ATOM   123  O  O   . ILE A 1 14 ? -3.268  -1.434  22.484  1.00 35.94  ? 14  ILE A O   1 
ATOM   124  C  CB  . ILE A 1 14 ? -1.611  -1.931  19.654  1.00 31.81  ? 14  ILE A CB  1 
ATOM   125  C  CG1 . ILE A 1 14 ? -1.087  -1.131  18.460  1.00 35.20  ? 14  ILE A CG1 1 
ATOM   126  C  CG2 . ILE A 1 14 ? -3.067  -2.326  19.452  1.00 28.11  ? 14  ILE A CG2 1 
ATOM   127  C  CD1 . ILE A 1 14 ? -1.127  -1.880  17.146  1.00 32.58  ? 14  ILE A CD1 1 
ATOM   128  N  N   . ALA A 1 15 ? -1.525  -2.846  22.628  1.00 32.69  ? 15  ALA A N   1 
ATOM   129  C  CA  . ALA A 1 15 ? -2.100  -3.614  23.726  1.00 40.61  ? 15  ALA A CA  1 
ATOM   130  C  C   . ALA A 1 15 ? -2.371  -2.739  24.946  1.00 36.60  ? 15  ALA A C   1 
ATOM   131  O  O   . ALA A 1 15 ? -3.372  -2.920  25.634  1.00 44.62  ? 15  ALA A O   1 
ATOM   132  C  CB  . ALA A 1 15 ? -1.174  -4.762  24.104  1.00 35.97  ? 15  ALA A CB  1 
ATOM   133  N  N   . SER A 1 16 ? -1.483  -1.785  25.203  1.00 36.67  ? 16  SER A N   1 
ATOM   134  C  CA  . SER A 1 16 ? -1.631  -0.893  26.346  1.00 41.73  ? 16  SER A CA  1 
ATOM   135  C  C   . SER A 1 16 ? -2.816  0.064   26.209  1.00 43.87  ? 16  SER A C   1 
ATOM   136  O  O   . SER A 1 16 ? -3.190  0.732   27.170  1.00 47.29  ? 16  SER A O   1 
ATOM   137  C  CB  . SER A 1 16 ? -0.350  -0.087  26.554  1.00 39.99  ? 16  SER A CB  1 
ATOM   138  O  OG  . SER A 1 16 ? -0.142  0.815   25.482  1.00 47.67  ? 16  SER A OG  1 
ATOM   139  N  N   . HIS A 1 17 ? -3.402  0.140   25.019  1.00 42.30  ? 17  HIS A N   1 
ATOM   140  C  CA  . HIS A 1 17 ? -4.547  1.018   24.813  1.00 36.29  ? 17  HIS A CA  1 
ATOM   141  C  C   . HIS A 1 17 ? -5.870  0.311   25.054  1.00 34.86  ? 17  HIS A C   1 
ATOM   142  O  O   . HIS A 1 17 ? -6.934  0.864   24.781  1.00 37.31  ? 17  HIS A O   1 
ATOM   143  C  CB  . HIS A 1 17 ? -4.536  1.612   23.404  1.00 38.75  ? 17  HIS A CB  1 
ATOM   144  C  CG  . HIS A 1 17 ? -3.652  2.808   23.267  1.00 34.84  ? 17  HIS A CG  1 
ATOM   145  N  ND1 . HIS A 1 17 ? -2.277  2.721   23.273  1.00 37.49  ? 17  HIS A ND1 1 
ATOM   146  C  CD2 . HIS A 1 17 ? -3.946  4.125   23.161  1.00 33.95  ? 17  HIS A CD2 1 
ATOM   147  C  CE1 . HIS A 1 17 ? -1.761  3.934   23.177  1.00 37.66  ? 17  HIS A CE1 1 
ATOM   148  N  NE2 . HIS A 1 17 ? -2.753  4.803   23.109  1.00 40.58  ? 17  HIS A NE2 1 
ATOM   149  N  N   . THR A 1 18 ? -5.805  -0.915  25.559  1.00 39.62  ? 18  THR A N   1 
ATOM   150  C  CA  . THR A 1 18 ? -7.015  -1.667  25.850  1.00 41.83  ? 18  THR A CA  1 
ATOM   151  C  C   . THR A 1 18 ? -7.841  -0.858  26.845  1.00 44.80  ? 18  THR A C   1 
ATOM   152  O  O   . THR A 1 18 ? -7.322  -0.389  27.859  1.00 41.67  ? 18  THR A O   1 
ATOM   153  C  CB  . THR A 1 18 ? -6.685  -3.042  26.466  1.00 41.90  ? 18  THR A CB  1 
ATOM   154  O  OG1 . THR A 1 18 ? -5.888  -3.798  25.548  1.00 42.20  ? 18  THR A OG1 1 
ATOM   155  C  CG2 . THR A 1 18 ? -7.963  -3.814  26.774  1.00 38.36  ? 18  THR A CG2 1 
ATOM   156  N  N   . LYS A 1 19 ? -9.120  -0.676  26.536  1.00 45.08  ? 19  LYS A N   1 
ATOM   157  C  CA  . LYS A 1 19 ? -10.021 0.076   27.403  1.00 43.95  ? 19  LYS A CA  1 
ATOM   158  C  C   . LYS A 1 19 ? -11.071 -0.863  27.980  1.00 45.04  ? 19  LYS A C   1 
ATOM   159  O  O   . LYS A 1 19 ? -11.577 -0.645  29.077  1.00 45.32  ? 19  LYS A O   1 
ATOM   160  C  CB  . LYS A 1 19 ? -10.688 1.207   26.617  1.00 47.83  ? 19  LYS A CB  1 
ATOM   161  C  CG  . LYS A 1 19 ? -9.729  2.315   26.179  1.00 54.80  ? 19  LYS A CG  1 
ATOM   162  C  CD  . LYS A 1 19 ? -9.159  3.058   27.387  1.00 60.47  ? 19  LYS A CD  1 
ATOM   163  C  CE  . LYS A 1 19 ? -8.336  4.279   26.981  1.00 60.42  ? 19  LYS A CE  1 
ATOM   164  N  NZ  . LYS A 1 19 ? -7.081  3.912   26.266  1.00 61.50  ? 19  LYS A NZ  1 
ATOM   165  N  N   . HIS A 1 20 ? -11.390 -1.906  27.221  1.00 41.43  ? 20  HIS A N   1 
ATOM   166  C  CA  . HIS A 1 20 ? -12.346 -2.918  27.642  1.00 44.02  ? 20  HIS A CA  1 
ATOM   167  C  C   . HIS A 1 20 ? -11.616 -4.253  27.639  1.00 50.30  ? 20  HIS A C   1 
ATOM   168  O  O   . HIS A 1 20 ? -11.306 -4.806  26.583  1.00 53.80  ? 20  HIS A O   1 
ATOM   169  C  CB  . HIS A 1 20 ? -13.537 -2.959  26.689  1.00 47.71  ? 20  HIS A CB  1 
ATOM   170  C  CG  . HIS A 1 20 ? -14.270 -1.655  26.590  1.00 60.20  ? 20  HIS A CG  1 
ATOM   171  N  ND1 . HIS A 1 20 ? -14.298 -0.748  27.630  1.00 67.96  ? 20  HIS A ND1 1 
ATOM   172  C  CD2 . HIS A 1 20 ? -15.015 -1.121  25.602  1.00 66.98  ? 20  HIS A CD2 1 
ATOM   173  C  CE1 . HIS A 1 20 ? -15.032 0.291   27.281  1.00 65.13  ? 20  HIS A CE1 1 
ATOM   174  N  NE2 . HIS A 1 20 ? -15.482 0.095   26.054  1.00 70.78  ? 20  HIS A NE2 1 
ATOM   175  N  N   . ILE A 1 21 ? -11.328 -4.753  28.834  1.00 43.88  ? 21  ILE A N   1 
ATOM   176  C  CA  . ILE A 1 21 ? -10.611 -6.008  29.005  1.00 38.34  ? 21  ILE A CA  1 
ATOM   177  C  C   . ILE A 1 21 ? -11.076 -7.122  28.081  1.00 42.16  ? 21  ILE A C   1 
ATOM   178  O  O   . ILE A 1 21 ? -12.267 -7.426  28.003  1.00 42.74  ? 21  ILE A O   1 
ATOM   179  C  CB  . ILE A 1 21 ? -10.715 -6.493  30.464  1.00 37.81  ? 21  ILE A CB  1 
ATOM   180  C  CG1 . ILE A 1 21 ? -10.046 -5.475  31.389  1.00 38.47  ? 21  ILE A CG1 1 
ATOM   181  C  CG2 . ILE A 1 21 ? -10.068 -7.862  30.612  1.00 32.37  ? 21  ILE A CG2 1 
ATOM   182  C  CD1 . ILE A 1 21 ? -10.149 -5.813  32.862  1.00 36.62  ? 21  ILE A CD1 1 
ATOM   183  N  N   . GLY A 1 22 ? -10.119 -7.723  27.378  1.00 40.62  ? 22  GLY A N   1 
ATOM   184  C  CA  . GLY A 1 22 ? -10.421 -8.816  26.472  1.00 42.96  ? 22  GLY A CA  1 
ATOM   185  C  C   . GLY A 1 22 ? -10.866 -8.421  25.075  1.00 42.93  ? 22  GLY A C   1 
ATOM   186  O  O   . GLY A 1 22 ? -11.171 -9.292  24.262  1.00 46.30  ? 22  GLY A O   1 
ATOM   187  N  N   . GLU A 1 23 ? -10.898 -7.123  24.783  1.00 39.80  ? 23  GLU A N   1 
ATOM   188  C  CA  . GLU A 1 23 ? -11.331 -6.669  23.466  1.00 44.29  ? 23  GLU A CA  1 
ATOM   189  C  C   . GLU A 1 23 ? -10.310 -6.993  22.377  1.00 48.37  ? 23  GLU A C   1 
ATOM   190  O  O   . GLU A 1 23 ? -9.122  -7.168  22.651  1.00 47.16  ? 23  GLU A O   1 
ATOM   191  C  CB  . GLU A 1 23 ? -11.630 -5.168  23.487  1.00 35.39  ? 23  GLU A CB  1 
ATOM   192  C  CG  . GLU A 1 23 ? -10.423 -4.260  23.574  1.00 39.92  ? 23  GLU A CG  1 
ATOM   193  C  CD  . GLU A 1 23 ? -10.821 -2.802  23.687  1.00 40.42  ? 23  GLU A CD  1 
ATOM   194  O  OE1 . GLU A 1 23 ? -11.820 -2.414  23.048  1.00 44.36  ? 23  GLU A OE1 1 
ATOM   195  O  OE2 . GLU A 1 23 ? -10.134 -2.043  24.404  1.00 41.19  ? 23  GLU A OE2 1 
ATOM   196  N  N   . SER A 1 24 ? -10.789 -7.071  21.139  1.00 47.14  ? 24  SER A N   1 
ATOM   197  C  CA  . SER A 1 24 ? -9.950  -7.398  19.991  1.00 42.79  ? 24  SER A CA  1 
ATOM   198  C  C   . SER A 1 24 ? -9.060  -6.250  19.546  1.00 39.92  ? 24  SER A C   1 
ATOM   199  O  O   . SER A 1 24 ? -9.267  -5.102  19.932  1.00 44.94  ? 24  SER A O   1 
ATOM   200  C  CB  . SER A 1 24 ? -10.826 -7.819  18.817  1.00 35.03  ? 24  SER A CB  1 
ATOM   201  O  OG  . SER A 1 24 ? -11.585 -6.716  18.351  1.00 44.47  ? 24  SER A OG  1 
ATOM   202  N  N   . ALA A 1 25 ? -8.070  -6.574  18.721  1.00 43.39  ? 25  ALA A N   1 
ATOM   203  C  CA  . ALA A 1 25 ? -7.141  -5.581  18.196  1.00 39.78  ? 25  ALA A CA  1 
ATOM   204  C  C   . ALA A 1 25 ? -7.889  -4.611  17.292  1.00 36.38  ? 25  ALA A C   1 
ATOM   205  O  O   . ALA A 1 25 ? -7.532  -3.438  17.190  1.00 36.53  ? 25  ALA A O   1 
ATOM   206  C  CB  . ALA A 1 25 ? -6.025  -6.268  17.420  1.00 41.01  ? 25  ALA A CB  1 
ATOM   207  N  N   . SER A 1 26 ? -8.935  -5.109  16.637  1.00 37.01  ? 26  SER A N   1 
ATOM   208  C  CA  . SER A 1 26 ? -9.739  -4.284  15.746  1.00 42.33  ? 26  SER A CA  1 
ATOM   209  C  C   . SER A 1 26 ? -10.432 -3.168  16.522  1.00 44.97  ? 26  SER A C   1 
ATOM   210  O  O   . SER A 1 26 ? -10.447 -2.019  16.081  1.00 48.32  ? 26  SER A O   1 
ATOM   211  C  CB  . SER A 1 26 ? -10.785 -5.139  15.026  1.00 44.86  ? 26  SER A CB  1 
ATOM   212  O  OG  . SER A 1 26 ? -10.173 -6.101  14.184  1.00 47.04  ? 26  SER A OG  1 
ATOM   213  N  N   . ASP A 1 27 ? -11.002 -3.506  17.677  1.00 49.35  ? 27  ASP A N   1 
ATOM   214  C  CA  . ASP A 1 27 ? -11.688 -2.512  18.496  1.00 45.37  ? 27  ASP A CA  1 
ATOM   215  C  C   . ASP A 1 27 ? -10.719 -1.436  18.969  1.00 42.40  ? 27  ASP A C   1 
ATOM   216  O  O   . ASP A 1 27 ? -11.048 -0.252  18.975  1.00 42.99  ? 27  ASP A O   1 
ATOM   217  C  CB  . ASP A 1 27 ? -12.351 -3.163  19.714  1.00 51.62  ? 27  ASP A CB  1 
ATOM   218  C  CG  . ASP A 1 27 ? -13.401 -4.192  19.335  1.00 58.93  ? 27  ASP A CG  1 
ATOM   219  O  OD1 . ASP A 1 27 ? -14.131 -3.977  18.341  1.00 60.36  ? 27  ASP A OD1 1 
ATOM   220  O  OD2 . ASP A 1 27 ? -13.509 -5.212  20.048  1.00 64.38  ? 27  ASP A OD2 1 
ATOM   221  N  N   . ILE A 1 28 ? -9.523  -1.853  19.362  1.00 39.20  ? 28  ILE A N   1 
ATOM   222  C  CA  . ILE A 1 28 ? -8.510  -0.919  19.838  1.00 39.74  ? 28  ILE A CA  1 
ATOM   223  C  C   . ILE A 1 28 ? -8.049  0.010   18.722  1.00 39.30  ? 28  ILE A C   1 
ATOM   224  O  O   . ILE A 1 28 ? -8.094  1.234   18.863  1.00 46.55  ? 28  ILE A O   1 
ATOM   225  C  CB  . ILE A 1 28 ? -7.292  -1.672  20.399  1.00 35.38  ? 28  ILE A CB  1 
ATOM   226  C  CG1 . ILE A 1 28 ? -7.751  -2.632  21.497  1.00 34.36  ? 28  ILE A CG1 1 
ATOM   227  C  CG2 . ILE A 1 28 ? -6.260  -0.684  20.928  1.00 32.03  ? 28  ILE A CG2 1 
ATOM   228  C  CD1 . ILE A 1 28 ? -6.646  -3.477  22.073  1.00 37.43  ? 28  ILE A CD1 1 
ATOM   229  N  N   . LEU A 1 29 ? -7.608  -0.572  17.612  1.00 43.87  ? 29  LEU A N   1 
ATOM   230  C  CA  . LEU A 1 29 ? -7.139  0.220   16.480  1.00 42.81  ? 29  LEU A CA  1 
ATOM   231  C  C   . LEU A 1 29 ? -8.229  1.154   15.972  1.00 43.90  ? 29  LEU A C   1 
ATOM   232  O  O   . LEU A 1 29 ? -7.969  2.331   15.715  1.00 45.97  ? 29  LEU A O   1 
ATOM   233  C  CB  . LEU A 1 29 ? -6.655  -0.699  15.355  1.00 39.56  ? 29  LEU A CB  1 
ATOM   234  C  CG  . LEU A 1 29 ? -5.308  -1.387  15.608  1.00 35.36  ? 29  LEU A CG  1 
ATOM   235  C  CD1 . LEU A 1 29 ? -5.026  -2.396  14.508  1.00 36.24  ? 29  LEU A CD1 1 
ATOM   236  C  CD2 . LEU A 1 29 ? -4.203  -0.339  15.668  1.00 37.82  ? 29  LEU A CD2 1 
ATOM   237  N  N   . ARG A 1 30 ? -9.448  0.641   15.835  1.00 40.45  ? 30  ARG A N   1 
ATOM   238  C  CA  . ARG A 1 30 ? -10.553 1.470   15.372  1.00 44.77  ? 30  ARG A CA  1 
ATOM   239  C  C   . ARG A 1 30 ? -10.732 2.669   16.288  1.00 45.89  ? 30  ARG A C   1 
ATOM   240  O  O   . ARG A 1 30 ? -10.989 3.781   15.830  1.00 49.52  ? 30  ARG A O   1 
ATOM   241  C  CB  . ARG A 1 30 ? -11.845 0.653   15.302  1.00 42.42  ? 30  ARG A CB  1 
ATOM   242  C  CG  . ARG A 1 30 ? -11.963 -0.149  14.025  1.00 43.33  ? 30  ARG A CG  1 
ATOM   243  C  CD  . ARG A 1 30 ? -13.085 -1.155  14.092  1.00 52.60  ? 30  ARG A CD  1 
ATOM   244  N  NE  . ARG A 1 30 ? -13.208 -1.903  12.841  1.00 47.73  ? 30  ARG A NE  1 
ATOM   245  C  CZ  . ARG A 1 30 ? -13.618 -1.371  11.694  1.00 51.56  ? 30  ARG A CZ  1 
ATOM   246  N  NH1 . ARG A 1 30 ? -13.947 -0.087  11.638  1.00 49.23  ? 30  ARG A NH1 1 
ATOM   247  N  NH2 . ARG A 1 30 ? -13.695 -2.118  10.599  1.00 51.73  ? 30  ARG A NH2 1 
ATOM   248  N  N   . ARG A 1 31 ? -10.566 2.452   17.586  1.00 48.83  ? 31  ARG A N   1 
ATOM   249  C  CA  . ARG A 1 31 ? -10.719 3.538   18.540  1.00 45.37  ? 31  ARG A CA  1 
ATOM   250  C  C   . ARG A 1 31 ? -9.534  4.512   18.435  1.00 41.59  ? 31  ARG A C   1 
ATOM   251  O  O   . ARG A 1 31 ? -9.731  5.726   18.422  1.00 46.73  ? 31  ARG A O   1 
ATOM   252  C  CB  . ARG A 1 31 ? -10.828 2.972   19.958  1.00 48.12  ? 31  ARG A CB  1 
ATOM   253  C  CG  . ARG A 1 31 ? -11.178 4.001   21.019  1.00 42.98  ? 31  ARG A CG  1 
ATOM   254  C  CD  . ARG A 1 31 ? -11.566 3.325   22.325  1.00 48.83  ? 31  ARG A CD  1 
ATOM   255  N  NE  . ARG A 1 31 ? -10.516 2.427   22.798  1.00 43.75  ? 31  ARG A NE  1 
ATOM   256  C  CZ  . ARG A 1 31 ? -10.618 1.101   22.828  1.00 46.33  ? 31  ARG A CZ  1 
ATOM   257  N  NH1 . ARG A 1 31 ? -11.728 0.496   22.418  1.00 41.86  ? 31  ARG A NH1 1 
ATOM   258  N  NH2 . ARG A 1 31 ? -9.599  0.377   23.268  1.00 48.05  ? 31  ARG A NH2 1 
HETATM 259  N  N   . MSE A 1 32 ? -8.316  3.975   18.336  1.00 44.18  ? 32  MSE A N   1 
HETATM 260  C  CA  . MSE A 1 32 ? -7.105  4.800   18.233  1.00 45.96  ? 32  MSE A CA  1 
HETATM 261  C  C   . MSE A 1 32 ? -7.056  5.596   16.919  1.00 51.28  ? 32  MSE A C   1 
HETATM 262  O  O   . MSE A 1 32 ? -6.492  6.688   16.853  1.00 51.93  ? 32  MSE A O   1 
HETATM 263  C  CB  . MSE A 1 32 ? -5.844  3.923   18.308  1.00 48.79  ? 32  MSE A CB  1 
HETATM 264  C  CG  . MSE A 1 32 ? -5.523  3.363   19.684  1.00 42.68  ? 32  MSE A CG  1 
HETATM 265  SE SE  . MSE A 1 32 ? -4.056  2.094   19.650  1.00 47.98  ? 32  MSE A SE  1 
HETATM 266  C  CE  . MSE A 1 32 ? -2.586  3.352   19.811  1.00 37.57  ? 32  MSE A CE  1 
ATOM   267  N  N   . LEU A 1 33 ? -7.622  5.020   15.866  1.00 54.13  ? 33  LEU A N   1 
ATOM   268  C  CA  . LEU A 1 33 ? -7.636  5.621   14.530  1.00 61.58  ? 33  LEU A CA  1 
ATOM   269  C  C   . LEU A 1 33 ? -8.860  6.494   14.267  1.00 67.74  ? 33  LEU A C   1 
ATOM   270  O  O   . LEU A 1 33 ? -8.875  7.276   13.314  1.00 73.27  ? 33  LEU A O   1 
ATOM   271  C  CB  . LEU A 1 33 ? -7.609  4.511   13.483  1.00 52.89  ? 33  LEU A CB  1 
ATOM   272  C  CG  . LEU A 1 33 ? -6.419  3.561   13.515  1.00 48.57  ? 33  LEU A CG  1 
ATOM   273  C  CD1 . LEU A 1 33 ? -6.510  2.519   12.413  1.00 44.99  ? 33  LEU A CD1 1 
ATOM   274  C  CD2 . LEU A 1 33 ? -5.180  4.397   13.358  1.00 43.88  ? 33  LEU A CD2 1 
ATOM   275  N  N   . LYS A 1 34 ? -9.873  6.366   15.120  1.00 74.21  ? 34  LYS A N   1 
ATOM   276  C  CA  . LYS A 1 34 ? -11.105 7.117   14.946  1.00 75.82  ? 34  LYS A CA  1 
ATOM   277  C  C   . LYS A 1 34 ? -11.778 6.608   13.676  1.00 84.23  ? 34  LYS A C   1 
ATOM   278  O  O   . LYS A 1 34 ? -12.165 7.390   12.803  1.00 89.98  ? 34  LYS A O   1 
ATOM   279  C  CB  . LYS A 1 34 ? -10.816 8.613   14.810  1.00 72.81  ? 34  LYS A CB  1 
ATOM   280  C  CG  . LYS A 1 34 ? -10.445 9.307   16.107  1.00 70.20  ? 34  LYS A CG  1 
ATOM   281  C  CD  . LYS A 1 34 ? -8.941  9.346   16.363  1.00 69.89  ? 34  LYS A CD  1 
ATOM   282  C  CE  . LYS A 1 34 ? -8.675  9.909   17.758  1.00 70.57  ? 34  LYS A CE  1 
ATOM   283  N  NZ  . LYS A 1 34 ? -7.234  10.169  18.036  1.00 72.65  ? 34  LYS A NZ  1 
ATOM   284  N  N   . PHE A 1 35 ? -11.901 5.289   13.579  1.00 86.15  ? 35  PHE A N   1 
ATOM   285  C  CA  . PHE A 1 35 ? -12.526 4.639   12.432  1.00 89.07  ? 35  PHE A CA  1 
ATOM   286  C  C   . PHE A 1 35 ? -13.431 3.545   12.985  1.00 95.29  ? 35  PHE A C   1 
ATOM   287  O  O   . PHE A 1 35 ? -14.384 3.127   12.287  1.00 100.50 ? 35  PHE A O   1 
ATOM   288  C  CB  . PHE A 1 35 ? -11.454 4.026   11.525  1.00 81.52  ? 35  PHE A CB  1 
ATOM   289  C  CG  . PHE A 1 35 ? -12.008 3.284   10.341  1.00 78.82  ? 35  PHE A CG  1 
ATOM   290  C  CD1 . PHE A 1 35 ? -12.476 3.970   9.223   1.00 77.39  ? 35  PHE A CD1 1 
ATOM   291  C  CD2 . PHE A 1 35 ? -12.069 1.895   10.347  1.00 76.07  ? 35  PHE A CD2 1 
ATOM   292  C  CE1 . PHE A 1 35 ? -13.002 3.282   8.129   1.00 77.38  ? 35  PHE A CE1 1 
ATOM   293  C  CE2 . PHE A 1 35 ? -12.593 1.196   9.259   1.00 77.20  ? 35  PHE A CE2 1 
ATOM   294  C  CZ  . PHE A 1 35 ? -13.058 1.891   8.146   1.00 74.93  ? 35  PHE A CZ  1 
HETATM 295  N  N   . MSE B 1 1  ? 8.866   -9.062  15.888  1.00 38.59  ? 1   MSE B N   1 
HETATM 296  C  CA  . MSE B 1 1  ? 7.551   -9.021  15.181  1.00 41.18  ? 1   MSE B CA  1 
HETATM 297  C  C   . MSE B 1 1  ? 6.512   -9.896  15.881  1.00 40.95  ? 1   MSE B C   1 
HETATM 298  O  O   . MSE B 1 1  ? 6.796   -11.027 16.283  1.00 39.92  ? 1   MSE B O   1 
HETATM 299  C  CB  . MSE B 1 1  ? 7.696   -9.517  13.731  1.00 36.97  ? 1   MSE B CB  1 
HETATM 300  C  CG  . MSE B 1 1  ? 8.373   -8.573  12.745  1.00 53.15  ? 1   MSE B CG  1 
HETATM 301  SE SE  . MSE B 1 1  ? 7.311   -7.028  12.278  1.00 50.28  ? 1   MSE B SE  1 
HETATM 302  C  CE  . MSE B 1 1  ? 5.676   -7.885  12.321  1.00 49.72  ? 1   MSE B CE  1 
ATOM   303  N  N   . LYS B 1 2  ? 5.310   -9.351  16.031  1.00 36.16  ? 2   LYS B N   1 
ATOM   304  C  CA  . LYS B 1 2  ? 4.199   -10.072 16.628  1.00 43.17  ? 2   LYS B CA  1 
ATOM   305  C  C   . LYS B 1 2  ? 3.044   -9.968  15.634  1.00 44.05  ? 2   LYS B C   1 
ATOM   306  O  O   . LYS B 1 2  ? 3.007   -9.057  14.808  1.00 40.56  ? 2   LYS B O   1 
ATOM   307  C  CB  . LYS B 1 2  ? 3.845   -9.485  17.999  1.00 40.01  ? 2   LYS B CB  1 
ATOM   308  C  CG  . LYS B 1 2  ? 4.727   -10.051 19.106  1.00 50.30  ? 2   LYS B CG  1 
ATOM   309  C  CD  . LYS B 1 2  ? 4.301   -9.555  20.474  1.00 66.54  ? 2   LYS B CD  1 
ATOM   310  C  CE  . LYS B 1 2  ? 5.055   -10.270 21.586  1.00 73.23  ? 2   LYS B CE  1 
ATOM   311  N  NZ  . LYS B 1 2  ? 6.523   -10.302 21.315  1.00 88.20  ? 2   LYS B NZ  1 
ATOM   312  N  N   . THR B 1 3  ? 2.124   -10.922 15.690  1.00 48.29  ? 3   THR B N   1 
ATOM   313  C  CA  . THR B 1 3  ? 1.006   -10.946 14.764  1.00 44.26  ? 3   THR B CA  1 
ATOM   314  C  C   . THR B 1 3  ? -0.331  -10.603 15.407  1.00 46.09  ? 3   THR B C   1 
ATOM   315  O  O   . THR B 1 3  ? -0.641  -11.082 16.499  1.00 49.61  ? 3   THR B O   1 
ATOM   316  C  CB  . THR B 1 3  ? 0.926   -12.329 14.098  1.00 45.36  ? 3   THR B CB  1 
ATOM   317  O  OG1 . THR B 1 3  ? 1.496   -12.250 12.787  1.00 58.85  ? 3   THR B OG1 1 
ATOM   318  C  CG2 . THR B 1 3  ? -0.504  -12.821 14.026  1.00 54.10  ? 3   THR B CG2 1 
ATOM   319  N  N   . ILE B 1 4  ? -1.111  -9.761  14.732  1.00 43.03  ? 4   ILE B N   1 
ATOM   320  C  CA  . ILE B 1 4  ? -2.431  -9.377  15.230  1.00 42.30  ? 4   ILE B CA  1 
ATOM   321  C  C   . ILE B 1 4  ? -3.497  -9.582  14.157  1.00 45.87  ? 4   ILE B C   1 
ATOM   322  O  O   . ILE B 1 4  ? -3.226  -9.532  12.955  1.00 43.84  ? 4   ILE B O   1 
ATOM   323  C  CB  . ILE B 1 4  ? -2.494  -7.892  15.682  1.00 43.66  ? 4   ILE B CB  1 
ATOM   324  C  CG1 . ILE B 1 4  ? -2.534  -6.970  14.469  1.00 44.63  ? 4   ILE B CG1 1 
ATOM   325  C  CG2 . ILE B 1 4  ? -1.288  -7.551  16.528  1.00 51.55  ? 4   ILE B CG2 1 
ATOM   326  C  CD1 . ILE B 1 4  ? -2.724  -5.512  14.824  1.00 48.74  ? 4   ILE B CD1 1 
ATOM   327  N  N   . GLU B 1 5  ? -4.716  -9.822  14.615  1.00 42.56  ? 5   GLU B N   1 
ATOM   328  C  CA  . GLU B 1 5  ? -5.850  -10.028 13.731  1.00 46.29  ? 5   GLU B CA  1 
ATOM   329  C  C   . GLU B 1 5  ? -6.645  -8.740  13.598  1.00 44.46  ? 5   GLU B C   1 
ATOM   330  O  O   . GLU B 1 5  ? -6.829  -8.012  14.570  1.00 48.76  ? 5   GLU B O   1 
ATOM   331  C  CB  . GLU B 1 5  ? -6.765  -11.093 14.305  1.00 46.70  ? 5   GLU B CB  1 
ATOM   332  C  CG  . GLU B 1 5  ? -6.361  -12.515 14.061  1.00 62.72  ? 5   GLU B CG  1 
ATOM   333  C  CD  . GLU B 1 5  ? -7.346  -13.467 14.720  1.00 82.07  ? 5   GLU B CD  1 
ATOM   334  O  OE1 . GLU B 1 5  ? -8.508  -13.046 14.941  1.00 80.54  ? 5   GLU B OE1 1 
ATOM   335  O  OE2 . GLU B 1 5  ? -6.967  -14.622 15.012  1.00 87.01  ? 5   GLU B OE2 1 
ATOM   336  N  N   . VAL B 1 6  ? -7.117  -8.466  12.390  1.00 44.46  ? 6   VAL B N   1 
ATOM   337  C  CA  . VAL B 1 6  ? -7.917  -7.281  12.132  1.00 40.07  ? 6   VAL B CA  1 
ATOM   338  C  C   . VAL B 1 6  ? -9.019  -7.668  11.159  1.00 47.53  ? 6   VAL B C   1 
ATOM   339  O  O   . VAL B 1 6  ? -8.821  -8.538  10.306  1.00 47.86  ? 6   VAL B O   1 
ATOM   340  C  CB  . VAL B 1 6  ? -7.074  -6.149  11.516  1.00 44.50  ? 6   VAL B CB  1 
ATOM   341  C  CG1 . VAL B 1 6  ? -6.057  -5.652  12.525  1.00 38.30  ? 6   VAL B CG1 1 
ATOM   342  C  CG2 . VAL B 1 6  ? -6.374  -6.646  10.255  1.00 39.13  ? 6   VAL B CG2 1 
ATOM   343  N  N   . ASP B 1 7  ? -10.183 -7.036  11.287  1.00 47.67  ? 7   ASP B N   1 
ATOM   344  C  CA  . ASP B 1 7  ? -11.285 -7.358  10.392  1.00 49.14  ? 7   ASP B CA  1 
ATOM   345  C  C   . ASP B 1 7  ? -10.930 -6.914  8.975   1.00 51.32  ? 7   ASP B C   1 
ATOM   346  O  O   . ASP B 1 7  ? -10.139 -5.985  8.782   1.00 47.26  ? 7   ASP B O   1 
ATOM   347  C  CB  . ASP B 1 7  ? -12.585 -6.709  10.885  1.00 40.74  ? 7   ASP B CB  1 
ATOM   348  C  CG  . ASP B 1 7  ? -12.520 -5.201  10.913  1.00 41.16  ? 7   ASP B CG  1 
ATOM   349  O  OD1 . ASP B 1 7  ? -12.598 -4.579  9.835   1.00 53.41  ? 7   ASP B OD1 1 
ATOM   350  O  OD2 . ASP B 1 7  ? -12.391 -4.629  12.014  1.00 54.67  ? 7   ASP B OD2 1 
ATOM   351  N  N   . ASP B 1 8  ? -11.502 -7.600  7.990   1.00 49.14  ? 8   ASP B N   1 
ATOM   352  C  CA  . ASP B 1 8  ? -11.229 -7.314  6.586   1.00 48.18  ? 8   ASP B CA  1 
ATOM   353  C  C   . ASP B 1 8  ? -11.300 -5.838  6.225   1.00 45.96  ? 8   ASP B C   1 
ATOM   354  O  O   . ASP B 1 8  ? -10.404 -5.312  5.565   1.00 51.44  ? 8   ASP B O   1 
ATOM   355  C  CB  . ASP B 1 8  ? -12.181 -8.109  5.688   1.00 50.21  ? 8   ASP B CB  1 
ATOM   356  C  CG  . ASP B 1 8  ? -12.019 -9.611  5.853   1.00 58.15  ? 8   ASP B CG  1 
ATOM   357  O  OD1 . ASP B 1 8  ? -10.919 -10.051 6.251   1.00 62.23  ? 8   ASP B OD1 1 
ATOM   358  O  OD2 . ASP B 1 8  ? -12.984 -10.354 5.570   1.00 65.11  ? 8   ASP B OD2 1 
ATOM   359  N  N   . GLU B 1 9  ? -12.359 -5.168  6.662   1.00 44.68  ? 9   GLU B N   1 
ATOM   360  C  CA  . GLU B 1 9  ? -12.529 -3.751  6.364   1.00 44.93  ? 9   GLU B CA  1 
ATOM   361  C  C   . GLU B 1 9  ? -11.356 -2.930  6.896   1.00 45.63  ? 9   GLU B C   1 
ATOM   362  O  O   . GLU B 1 9  ? -10.830 -2.061  6.201   1.00 48.72  ? 9   GLU B O   1 
ATOM   363  C  CB  . GLU B 1 9  ? -13.835 -3.244  6.977   1.00 47.42  ? 9   GLU B CB  1 
ATOM   364  C  CG  . GLU B 1 9  ? -14.315 -1.912  6.427   1.00 67.90  ? 9   GLU B CG  1 
ATOM   365  C  CD  . GLU B 1 9  ? -15.499 -1.356  7.206   1.00 80.53  ? 9   GLU B CD  1 
ATOM   366  O  OE1 . GLU B 1 9  ? -15.291 -0.863  8.340   1.00 83.91  ? 9   GLU B OE1 1 
ATOM   367  O  OE2 . GLU B 1 9  ? -16.637 -1.421  6.689   1.00 89.53  ? 9   GLU B OE2 1 
ATOM   368  N  N   . LEU B 1 10 ? -10.953 -3.210  8.131   1.00 44.36  ? 10  LEU B N   1 
ATOM   369  C  CA  . LEU B 1 10 ? -9.846  -2.494  8.756   1.00 44.33  ? 10  LEU B CA  1 
ATOM   370  C  C   . LEU B 1 10 ? -8.530  -2.749  8.028   1.00 40.65  ? 10  LEU B C   1 
ATOM   371  O  O   . LEU B 1 10 ? -7.684  -1.860  7.931   1.00 40.08  ? 10  LEU B O   1 
ATOM   372  C  CB  . LEU B 1 10 ? -9.710  -2.902  10.228  1.00 37.65  ? 10  LEU B CB  1 
ATOM   373  C  CG  . LEU B 1 10 ? -8.587  -2.222  11.015  1.00 40.80  ? 10  LEU B CG  1 
ATOM   374  C  CD1 . LEU B 1 10 ? -8.714  -0.708  10.903  1.00 31.40  ? 10  LEU B CD1 1 
ATOM   375  C  CD2 . LEU B 1 10 ? -8.646  -2.663  12.470  1.00 41.68  ? 10  LEU B CD2 1 
ATOM   376  N  N   . TYR B 1 11 ? -8.360  -3.967  7.523   1.00 42.35  ? 11  TYR B N   1 
ATOM   377  C  CA  . TYR B 1 11 ? -7.148  -4.322  6.799   1.00 42.06  ? 11  TYR B CA  1 
ATOM   378  C  C   . TYR B 1 11 ? -7.049  -3.488  5.522   1.00 46.04  ? 11  TYR B C   1 
ATOM   379  O  O   . TYR B 1 11 ? -6.014  -2.879  5.242   1.00 44.65  ? 11  TYR B O   1 
ATOM   380  C  CB  . TYR B 1 11 ? -7.153  -5.816  6.463   1.00 34.68  ? 11  TYR B CB  1 
ATOM   381  C  CG  . TYR B 1 11 ? -5.920  -6.281  5.724   1.00 40.86  ? 11  TYR B CG  1 
ATOM   382  C  CD1 . TYR B 1 11 ? -5.748  -6.003  4.368   1.00 39.23  ? 11  TYR B CD1 1 
ATOM   383  C  CD2 . TYR B 1 11 ? -4.909  -6.972  6.388   1.00 33.93  ? 11  TYR B CD2 1 
ATOM   384  C  CE1 . TYR B 1 11 ? -4.599  -6.397  3.692   1.00 36.72  ? 11  TYR B CE1 1 
ATOM   385  C  CE2 . TYR B 1 11 ? -3.757  -7.371  5.723   1.00 42.15  ? 11  TYR B CE2 1 
ATOM   386  C  CZ  . TYR B 1 11 ? -3.608  -7.080  4.374   1.00 38.63  ? 11  TYR B CZ  1 
ATOM   387  O  OH  . TYR B 1 11 ? -2.469  -7.467  3.710   1.00 42.86  ? 11  TYR B OH  1 
ATOM   388  N  N   . SER B 1 12 ? -8.134  -3.458  4.756   1.00 46.48  ? 12  SER B N   1 
ATOM   389  C  CA  . SER B 1 12 ? -8.168  -2.693  3.517   1.00 45.06  ? 12  SER B CA  1 
ATOM   390  C  C   . SER B 1 12 ? -7.897  -1.222  3.804   1.00 40.29  ? 12  SER B C   1 
ATOM   391  O  O   . SER B 1 12 ? -7.172  -0.555  3.065   1.00 45.27  ? 12  SER B O   1 
ATOM   392  C  CB  . SER B 1 12 ? -9.530  -2.846  2.841   1.00 46.10  ? 12  SER B CB  1 
ATOM   393  O  OG  . SER B 1 12 ? -9.780  -4.201  2.514   1.00 61.44  ? 12  SER B OG  1 
ATOM   394  N  N   . TYR B 1 13 ? -8.482  -0.722  4.886   1.00 42.87  ? 13  TYR B N   1 
ATOM   395  C  CA  . TYR B 1 13 ? -8.305  0.671   5.275   1.00 40.76  ? 13  TYR B CA  1 
ATOM   396  C  C   . TYR B 1 13 ? -6.829  0.993   5.503   1.00 41.64  ? 13  TYR B C   1 
ATOM   397  O  O   . TYR B 1 13 ? -6.322  2.018   5.041   1.00 43.08  ? 13  TYR B O   1 
ATOM   398  C  CB  . TYR B 1 13 ? -9.095  0.959   6.551   1.00 41.49  ? 13  TYR B CB  1 
ATOM   399  C  CG  . TYR B 1 13 ? -9.050  2.405   6.978   1.00 46.40  ? 13  TYR B CG  1 
ATOM   400  C  CD1 . TYR B 1 13 ? -9.637  3.400   6.198   1.00 48.94  ? 13  TYR B CD1 1 
ATOM   401  C  CD2 . TYR B 1 13 ? -8.404  2.785   8.153   1.00 46.92  ? 13  TYR B CD2 1 
ATOM   402  C  CE1 . TYR B 1 13 ? -9.581  4.739   6.577   1.00 49.72  ? 13  TYR B CE1 1 
ATOM   403  C  CE2 . TYR B 1 13 ? -8.343  4.121   8.539   1.00 49.15  ? 13  TYR B CE2 1 
ATOM   404  C  CZ  . TYR B 1 13 ? -8.931  5.091   7.745   1.00 52.10  ? 13  TYR B CZ  1 
ATOM   405  O  OH  . TYR B 1 13 ? -8.856  6.414   8.115   1.00 54.37  ? 13  TYR B OH  1 
ATOM   406  N  N   . ILE B 1 14 ? -6.144  0.110   6.222   1.00 41.12  ? 14  ILE B N   1 
ATOM   407  C  CA  . ILE B 1 14 ? -4.728  0.287   6.515   1.00 40.28  ? 14  ILE B CA  1 
ATOM   408  C  C   . ILE B 1 14 ? -3.884  0.165   5.250   1.00 43.91  ? 14  ILE B C   1 
ATOM   409  O  O   . ILE B 1 14 ? -3.005  0.987   4.998   1.00 41.15  ? 14  ILE B O   1 
ATOM   410  C  CB  . ILE B 1 14 ? -4.242  -0.761  7.540   1.00 36.47  ? 14  ILE B CB  1 
ATOM   411  C  CG1 . ILE B 1 14 ? -4.973  -0.560  8.870   1.00 41.07  ? 14  ILE B CG1 1 
ATOM   412  C  CG2 . ILE B 1 14 ? -2.736  -0.648  7.732   1.00 34.34  ? 14  ILE B CG2 1 
ATOM   413  C  CD1 . ILE B 1 14 ? -4.688  -1.632  9.897   1.00 35.19  ? 14  ILE B CD1 1 
ATOM   414  N  N   . ALA B 1 15 ? -4.159  -0.866  4.456   1.00 38.67  ? 15  ALA B N   1 
ATOM   415  C  CA  . ALA B 1 15 ? -3.418  -1.096  3.224   1.00 38.98  ? 15  ALA B CA  1 
ATOM   416  C  C   . ALA B 1 15 ? -3.481  0.118   2.307   1.00 35.04  ? 15  ALA B C   1 
ATOM   417  O  O   . ALA B 1 15 ? -2.474  0.514   1.726   1.00 40.12  ? 15  ALA B O   1 
ATOM   418  C  CB  . ALA B 1 15 ? -3.965  -2.326  2.504   1.00 32.49  ? 15  ALA B CB  1 
ATOM   419  N  N   . SER B 1 16 ? -4.663  0.714   2.193   1.00 36.01  ? 16  SER B N   1 
ATOM   420  C  CA  . SER B 1 16 ? -4.848  1.872   1.327   1.00 41.07  ? 16  SER B CA  1 
ATOM   421  C  C   . SER B 1 16 ? -4.044  3.091   1.769   1.00 42.31  ? 16  SER B C   1 
ATOM   422  O  O   . SER B 1 16 ? -3.931  4.064   1.023   1.00 45.54  ? 16  SER B O   1 
ATOM   423  C  CB  . SER B 1 16 ? -6.330  2.236   1.241   1.00 42.44  ? 16  SER B CB  1 
ATOM   424  O  OG  . SER B 1 16 ? -6.802  2.730   2.479   1.00 53.83  ? 16  SER B OG  1 
ATOM   425  N  N   . HIS B 1 17 ? -3.484  3.045   2.975   1.00 40.49  ? 17  HIS B N   1 
ATOM   426  C  CA  . HIS B 1 17 ? -2.685  4.160   3.476   1.00 35.63  ? 17  HIS B CA  1 
ATOM   427  C  C   . HIS B 1 17 ? -1.205  4.041   3.123   1.00 37.20  ? 17  HIS B C   1 
ATOM   428  O  O   . HIS B 1 17 ? -0.383  4.831   3.591   1.00 42.58  ? 17  HIS B O   1 
ATOM   429  C  CB  . HIS B 1 17 ? -2.839  4.303   4.995   1.00 43.27  ? 17  HIS B CB  1 
ATOM   430  C  CG  . HIS B 1 17 ? -4.048  5.082   5.407   1.00 32.73  ? 17  HIS B CG  1 
ATOM   431  N  ND1 . HIS B 1 17 ? -5.323  4.564   5.349   1.00 43.47  ? 17  HIS B ND1 1 
ATOM   432  C  CD2 . HIS B 1 17 ? -4.179  6.360   5.832   1.00 38.02  ? 17  HIS B CD2 1 
ATOM   433  C  CE1 . HIS B 1 17 ? -6.189  5.491   5.719   1.00 43.59  ? 17  HIS B CE1 1 
ATOM   434  N  NE2 . HIS B 1 17 ? -5.521  6.590   6.017   1.00 44.91  ? 17  HIS B NE2 1 
ATOM   435  N  N   . THR B 1 18 ? -0.866  3.053   2.300   1.00 40.27  ? 18  THR B N   1 
ATOM   436  C  CA  . THR B 1 18 ? 0.517   2.861   1.879   1.00 40.06  ? 18  THR B CA  1 
ATOM   437  C  C   . THR B 1 18 ? 0.993   4.121   1.153   1.00 40.32  ? 18  THR B C   1 
ATOM   438  O  O   . THR B 1 18 ? 0.284   4.661   0.309   1.00 42.36  ? 18  THR B O   1 
ATOM   439  C  CB  . THR B 1 18 ? 0.649   1.644   0.925   1.00 38.89  ? 18  THR B CB  1 
ATOM   440  O  OG1 . THR B 1 18 ? 0.274   0.448   1.616   1.00 40.58  ? 18  THR B OG1 1 
ATOM   441  C  CG2 . THR B 1 18 ? 2.076   1.502   0.426   1.00 31.73  ? 18  THR B CG2 1 
ATOM   442  N  N   . LYS B 1 19 ? 2.186   4.595   1.498   1.00 36.57  ? 19  LYS B N   1 
ATOM   443  C  CA  . LYS B 1 19 ? 2.751   5.786   0.871   1.00 41.39  ? 19  LYS B CA  1 
ATOM   444  C  C   . LYS B 1 19 ? 4.030   5.406   0.141   1.00 40.55  ? 19  LYS B C   1 
ATOM   445  O  O   . LYS B 1 19 ? 4.462   6.091   -0.782  1.00 42.64  ? 19  LYS B O   1 
ATOM   446  C  CB  . LYS B 1 19 ? 3.081   6.853   1.920   1.00 48.40  ? 19  LYS B CB  1 
ATOM   447  C  CG  . LYS B 1 19 ? 1.912   7.308   2.772   1.00 53.74  ? 19  LYS B CG  1 
ATOM   448  C  CD  . LYS B 1 19 ? 0.800   7.926   1.942   1.00 59.72  ? 19  LYS B CD  1 
ATOM   449  C  CE  . LYS B 1 19 ? -0.315  8.435   2.842   1.00 51.91  ? 19  LYS B CE  1 
ATOM   450  N  NZ  . LYS B 1 19 ? -1.653  8.262   2.213   1.00 65.05  ? 19  LYS B NZ  1 
ATOM   451  N  N   . HIS B 1 20 ? 4.637   4.309   0.573   1.00 40.93  ? 20  HIS B N   1 
ATOM   452  C  CA  . HIS B 1 20 ? 5.869   3.815   -0.028  1.00 45.11  ? 20  HIS B CA  1 
ATOM   453  C  C   . HIS B 1 20 ? 5.640   2.360   -0.404  1.00 44.27  ? 20  HIS B C   1 
ATOM   454  O  O   . HIS B 1 20 ? 5.567   1.491   0.461   1.00 45.44  ? 20  HIS B O   1 
ATOM   455  C  CB  . HIS B 1 20 ? 7.012   3.946   0.974   1.00 37.27  ? 20  HIS B CB  1 
ATOM   456  C  CG  . HIS B 1 20 ? 7.233   5.351   1.445   1.00 56.98  ? 20  HIS B CG  1 
ATOM   457  N  ND1 . HIS B 1 20 ? 7.885   6.296   0.679   1.00 59.89  ? 20  HIS B ND1 1 
ATOM   458  C  CD2 . HIS B 1 20 ? 6.849   5.982   2.576   1.00 58.21  ? 20  HIS B CD2 1 
ATOM   459  C  CE1 . HIS B 1 20 ? 7.893   7.448   1.323   1.00 59.44  ? 20  HIS B CE1 1 
ATOM   460  N  NE2 . HIS B 1 20 ? 7.270   7.289   2.477   1.00 63.65  ? 20  HIS B NE2 1 
ATOM   461  N  N   . ILE B 1 21 ? 5.512   2.109   -1.702  1.00 43.15  ? 21  ILE B N   1 
ATOM   462  C  CA  . ILE B 1 21 ? 5.258   0.767   -2.211  1.00 39.53  ? 21  ILE B CA  1 
ATOM   463  C  C   . ILE B 1 21 ? 6.123   -0.307  -1.558  1.00 42.27  ? 21  ILE B C   1 
ATOM   464  O  O   . ILE B 1 21 ? 7.349   -0.207  -1.530  1.00 37.75  ? 21  ILE B O   1 
ATOM   465  C  CB  . ILE B 1 21 ? 5.438   0.724   -3.752  1.00 41.90  ? 21  ILE B CB  1 
ATOM   466  C  CG1 . ILE B 1 21 ? 4.443   1.688   -4.405  1.00 36.70  ? 21  ILE B CG1 1 
ATOM   467  C  CG2 . ILE B 1 21 ? 5.215   -0.689  -4.277  1.00 28.99  ? 21  ILE B CG2 1 
ATOM   468  C  CD1 . ILE B 1 21 ? 4.552   1.779   -5.910  1.00 38.87  ? 21  ILE B CD1 1 
ATOM   469  N  N   . GLY B 1 22 ? 5.462   -1.330  -1.020  1.00 43.46  ? 22  GLY B N   1 
ATOM   470  C  CA  . GLY B 1 22 ? 6.166   -2.425  -0.378  1.00 43.23  ? 22  GLY B CA  1 
ATOM   471  C  C   . GLY B 1 22 ? 6.523   -2.235  1.087   1.00 42.72  ? 22  GLY B C   1 
ATOM   472  O  O   . GLY B 1 22 ? 7.146   -3.111  1.683   1.00 37.40  ? 22  GLY B O   1 
ATOM   473  N  N   . GLU B 1 23 ? 6.136   -1.106  1.675   1.00 34.28  ? 23  GLU B N   1 
ATOM   474  C  CA  . GLU B 1 23 ? 6.453   -0.843  3.077   1.00 40.22  ? 23  GLU B CA  1 
ATOM   475  C  C   . GLU B 1 23 ? 5.649   -1.737  4.019   1.00 38.79  ? 23  GLU B C   1 
ATOM   476  O  O   . GLU B 1 23 ? 4.574   -2.225  3.666   1.00 36.93  ? 23  GLU B O   1 
ATOM   477  C  CB  . GLU B 1 23 ? 6.200   0.628   3.410   1.00 30.57  ? 23  GLU B CB  1 
ATOM   478  C  CG  . GLU B 1 23 ? 4.741   1.009   3.474   1.00 35.07  ? 23  GLU B CG  1 
ATOM   479  C  CD  . GLU B 1 23 ? 4.544   2.493   3.658   1.00 33.87  ? 23  GLU B CD  1 
ATOM   480  O  OE1 . GLU B 1 23 ? 5.373   3.121   4.349   1.00 42.59  ? 23  GLU B OE1 1 
ATOM   481  O  OE2 . GLU B 1 23 ? 3.554   3.030   3.123   1.00 42.08  ? 23  GLU B OE2 1 
ATOM   482  N  N   . SER B 1 24 ? 6.178   -1.942  5.221   1.00 37.53  ? 24  SER B N   1 
ATOM   483  C  CA  . SER B 1 24 ? 5.533   -2.790  6.220   1.00 35.25  ? 24  SER B CA  1 
ATOM   484  C  C   . SER B 1 24 ? 4.310   -2.166  6.888   1.00 34.35  ? 24  SER B C   1 
ATOM   485  O  O   . SER B 1 24 ? 4.075   -0.963  6.792   1.00 34.53  ? 24  SER B O   1 
ATOM   486  C  CB  . SER B 1 24 ? 6.550   -3.184  7.291   1.00 36.53  ? 24  SER B CB  1 
ATOM   487  O  OG  . SER B 1 24 ? 7.084   -2.038  7.931   1.00 37.39  ? 24  SER B OG  1 
ATOM   488  N  N   . ALA B 1 25 ? 3.532   -3.004  7.566   1.00 35.82  ? 25  ALA B N   1 
ATOM   489  C  CA  . ALA B 1 25 ? 2.337   -2.552  8.266   1.00 34.80  ? 25  ALA B CA  1 
ATOM   490  C  C   . ALA B 1 25 ? 2.738   -1.669  9.439   1.00 34.77  ? 25  ALA B C   1 
ATOM   491  O  O   . ALA B 1 25 ? 1.993   -0.776  9.836   1.00 36.38  ? 25  ALA B O   1 
ATOM   492  C  CB  . ALA B 1 25 ? 1.540   -3.743  8.759   1.00 32.33  ? 25  ALA B CB  1 
ATOM   493  N  N   . SER B 1 26 ? 3.921   -1.926  9.990   1.00 31.83  ? 26  SER B N   1 
ATOM   494  C  CA  . SER B 1 26 ? 4.430   -1.152  11.116  1.00 33.25  ? 26  SER B CA  1 
ATOM   495  C  C   . SER B 1 26 ? 4.707   0.285   10.696  1.00 37.02  ? 26  SER B C   1 
ATOM   496  O  O   . SER B 1 26 ? 4.462   1.220   11.459  1.00 39.06  ? 26  SER B O   1 
ATOM   497  C  CB  . SER B 1 26 ? 5.711   -1.783  11.660  1.00 28.52  ? 26  SER B CB  1 
ATOM   498  O  OG  . SER B 1 26 ? 5.469   -3.091  12.143  1.00 34.03  ? 26  SER B OG  1 
ATOM   499  N  N   . ASP B 1 27 ? 5.223   0.456   9.482   1.00 37.48  ? 27  ASP B N   1 
ATOM   500  C  CA  . ASP B 1 27 ? 5.517   1.787   8.962   1.00 31.92  ? 27  ASP B CA  1 
ATOM   501  C  C   . ASP B 1 27 ? 4.225   2.552   8.721   1.00 36.96  ? 27  ASP B C   1 
ATOM   502  O  O   . ASP B 1 27 ? 4.147   3.750   8.983   1.00 38.46  ? 27  ASP B O   1 
ATOM   503  C  CB  . ASP B 1 27 ? 6.297   1.698   7.650   1.00 36.64  ? 27  ASP B CB  1 
ATOM   504  C  CG  . ASP B 1 27 ? 7.747   1.313   7.851   1.00 45.72  ? 27  ASP B CG  1 
ATOM   505  O  OD1 . ASP B 1 27 ? 8.142   1.025   9.003   1.00 42.03  ? 27  ASP B OD1 1 
ATOM   506  O  OD2 . ASP B 1 27 ? 8.496   1.299   6.850   1.00 46.04  ? 27  ASP B OD2 1 
ATOM   507  N  N   . ILE B 1 28 ? 3.213   1.854   8.215   1.00 35.12  ? 28  ILE B N   1 
ATOM   508  C  CA  . ILE B 1 28 ? 1.927   2.476   7.934   1.00 35.79  ? 28  ILE B CA  1 
ATOM   509  C  C   . ILE B 1 28 ? 1.222   2.874   9.222   1.00 34.88  ? 28  ILE B C   1 
ATOM   510  O  O   . ILE B 1 28 ? 0.841   4.029   9.395   1.00 40.10  ? 28  ILE B O   1 
ATOM   511  C  CB  . ILE B 1 28 ? 1.001   1.530   7.141   1.00 35.85  ? 28  ILE B CB  1 
ATOM   512  C  CG1 . ILE B 1 28 ? 1.673   1.117   5.829   1.00 40.40  ? 28  ILE B CG1 1 
ATOM   513  C  CG2 . ILE B 1 28 ? -0.325  2.219   6.857   1.00 31.61  ? 28  ILE B CG2 1 
ATOM   514  C  CD1 . ILE B 1 28 ? 0.858   0.141   5.007   1.00 37.79  ? 28  ILE B CD1 1 
ATOM   515  N  N   . LEU B 1 29 ? 1.053   1.916   10.126  1.00 34.36  ? 29  LEU B N   1 
ATOM   516  C  CA  . LEU B 1 29 ? 0.380   2.190   11.387  1.00 37.53  ? 29  LEU B CA  1 
ATOM   517  C  C   . LEU B 1 29 ? 1.083   3.265   12.207  1.00 37.39  ? 29  LEU B C   1 
ATOM   518  O  O   . LEU B 1 29 ? 0.429   4.130   12.784  1.00 46.23  ? 29  LEU B O   1 
ATOM   519  C  CB  . LEU B 1 29 ? 0.228   0.900   12.202  1.00 38.16  ? 29  LEU B CB  1 
ATOM   520  C  CG  . LEU B 1 29 ? -0.917  -0.025  11.767  1.00 43.44  ? 29  LEU B CG  1 
ATOM   521  C  CD1 . LEU B 1 29 ? -0.844  -1.345  12.519  1.00 43.75  ? 29  LEU B CD1 1 
ATOM   522  C  CD2 . LEU B 1 29 ? -2.251  0.658   12.020  1.00 36.58  ? 29  LEU B CD2 1 
ATOM   523  N  N   . ARG B 1 30 ? 2.409   3.229   12.254  1.00 36.53  ? 30  ARG B N   1 
ATOM   524  C  CA  . ARG B 1 30 ? 3.146   4.235   13.008  1.00 39.44  ? 30  ARG B CA  1 
ATOM   525  C  C   . ARG B 1 30 ? 2.879   5.625   12.452  1.00 45.89  ? 30  ARG B C   1 
ATOM   526  O  O   . ARG B 1 30 ? 2.805   6.600   13.200  1.00 45.77  ? 30  ARG B O   1 
ATOM   527  C  CB  . ARG B 1 30 ? 4.647   3.946   12.977  1.00 36.63  ? 30  ARG B CB  1 
ATOM   528  C  CG  . ARG B 1 30 ? 5.083   2.908   13.989  1.00 35.55  ? 30  ARG B CG  1 
ATOM   529  C  CD  . ARG B 1 30 ? 6.515   2.484   13.761  1.00 42.45  ? 30  ARG B CD  1 
ATOM   530  N  NE  . ARG B 1 30 ? 6.945   1.507   14.752  1.00 39.27  ? 30  ARG B NE  1 
ATOM   531  C  CZ  . ARG B 1 30 ? 7.244   1.807   16.011  1.00 47.63  ? 30  ARG B CZ  1 
ATOM   532  N  NH1 . ARG B 1 30 ? 7.160   3.063   16.429  1.00 49.13  ? 30  ARG B NH1 1 
ATOM   533  N  NH2 . ARG B 1 30 ? 7.624   0.853   16.851  1.00 44.29  ? 30  ARG B NH2 1 
ATOM   534  N  N   . ARG B 1 31 ? 2.723   5.710   11.135  1.00 46.42  ? 31  ARG B N   1 
ATOM   535  C  CA  . ARG B 1 31 ? 2.462   6.985   10.485  1.00 44.42  ? 31  ARG B CA  1 
ATOM   536  C  C   . ARG B 1 31 ? 1.029   7.432   10.777  1.00 44.83  ? 31  ARG B C   1 
ATOM   537  O  O   . ARG B 1 31 ? 0.784   8.603   11.075  1.00 47.46  ? 31  ARG B O   1 
ATOM   538  C  CB  . ARG B 1 31 ? 2.701   6.853   8.978   1.00 44.22  ? 31  ARG B CB  1 
ATOM   539  C  CG  . ARG B 1 31 ? 2.811   8.170   8.235   1.00 42.09  ? 31  ARG B CG  1 
ATOM   540  C  CD  . ARG B 1 31 ? 3.340   7.946   6.833   1.00 38.21  ? 31  ARG B CD  1 
ATOM   541  N  NE  . ARG B 1 31 ? 2.586   6.906   6.143   1.00 39.24  ? 31  ARG B NE  1 
ATOM   542  C  CZ  . ARG B 1 31 ? 3.128   5.804   5.637   1.00 38.73  ? 31  ARG B CZ  1 
ATOM   543  N  NH1 . ARG B 1 31 ? 4.434   5.598   5.740   1.00 38.02  ? 31  ARG B NH1 1 
ATOM   544  N  NH2 . ARG B 1 31 ? 2.361   4.900   5.043   1.00 38.38  ? 31  ARG B NH2 1 
HETATM 545  N  N   . MSE B 1 32 ? 0.094   6.486   10.706  1.00 42.23  ? 32  MSE B N   1 
HETATM 546  C  CA  . MSE B 1 32 ? -1.320  6.748   10.974  1.00 42.52  ? 32  MSE B CA  1 
HETATM 547  C  C   . MSE B 1 32 ? -1.583  7.137   12.429  1.00 52.41  ? 32  MSE B C   1 
HETATM 548  O  O   . MSE B 1 32 ? -2.535  7.863   12.718  1.00 56.17  ? 32  MSE B O   1 
HETATM 549  C  CB  . MSE B 1 32 ? -2.162  5.510   10.639  1.00 38.94  ? 32  MSE B CB  1 
HETATM 550  C  CG  . MSE B 1 32 ? -2.368  5.243   9.152   1.00 30.01  ? 32  MSE B CG  1 
HETATM 551  SE SE  . MSE B 1 32 ? -3.254  3.568   8.797   1.00 45.87  ? 32  MSE B SE  1 
HETATM 552  C  CE  . MSE B 1 32 ? -5.071  4.196   8.789   1.00 36.53  ? 32  MSE B CE  1 
ATOM   553  N  N   . LEU B 1 33 ? -0.750  6.659   13.348  1.00 55.45  ? 33  LEU B N   1 
ATOM   554  C  CA  . LEU B 1 33 ? -0.949  6.962   14.762  1.00 56.09  ? 33  LEU B CA  1 
ATOM   555  C  C   . LEU B 1 33 ? -0.105  8.146   15.253  1.00 60.73  ? 33  LEU B C   1 
ATOM   556  O  O   . LEU B 1 33 ? -0.464  8.797   16.231  1.00 68.61  ? 33  LEU B O   1 
ATOM   557  C  CB  . LEU B 1 33 ? -0.645  5.713   15.594  1.00 46.22  ? 33  LEU B CB  1 
ATOM   558  C  CG  . LEU B 1 33 ? -1.377  4.423   15.194  1.00 43.14  ? 33  LEU B CG  1 
ATOM   559  C  CD1 . LEU B 1 33 ? -0.640  3.239   15.774  1.00 42.08  ? 33  LEU B CD1 1 
ATOM   560  C  CD2 . LEU B 1 33 ? -2.814  4.442   15.673  1.00 39.12  ? 33  LEU B CD2 1 
ATOM   561  N  N   . LYS B 1 34 ? 0.998   8.420   14.556  1.00 66.30  ? 34  LYS B N   1 
ATOM   562  C  CA  . LYS B 1 34 ? 1.934   9.509   14.877  1.00 72.44  ? 34  LYS B CA  1 
ATOM   563  C  C   . LYS B 1 34 ? 3.093   9.061   15.764  1.00 83.71  ? 34  LYS B C   1 
ATOM   564  O  O   . LYS B 1 34 ? 4.013   9.843   16.034  1.00 87.37  ? 34  LYS B O   1 
ATOM   565  C  CB  . LYS B 1 34 ? 1.228   10.696  15.545  1.00 74.11  ? 34  LYS B CB  1 
ATOM   566  C  CG  . LYS B 1 34 ? 0.353   11.517  14.602  1.00 72.94  ? 34  LYS B CG  1 
ATOM   567  C  CD  . LYS B 1 34 ? -1.110  11.145  14.740  1.00 75.43  ? 34  LYS B CD  1 
ATOM   568  C  CE  . LYS B 1 34 ? -1.954  11.796  13.657  1.00 75.49  ? 34  LYS B CE  1 
ATOM   569  N  NZ  . LYS B 1 34 ? -3.411  11.604  13.942  1.00 76.16  ? 34  LYS B NZ  1 
ATOM   570  N  N   . PHE B 1 35 ? 3.045   7.806   16.211  1.00 89.22  ? 35  PHE B N   1 
ATOM   571  C  CA  . PHE B 1 35 ? 4.089   7.212   17.064  1.00 89.11  ? 35  PHE B CA  1 
ATOM   572  C  C   . PHE B 1 35 ? 5.035   6.443   16.127  1.00 93.44  ? 35  PHE B C   1 
ATOM   573  O  O   . PHE B 1 35 ? 5.868   5.638   16.606  1.00 99.14  ? 35  PHE B O   1 
ATOM   574  C  CB  . PHE B 1 35 ? 3.417   6.277   18.099  1.00 79.11  ? 35  PHE B CB  1 
ATOM   575  C  CG  . PHE B 1 35 ? 4.325   5.199   18.682  1.00 78.94  ? 35  PHE B CG  1 
ATOM   576  C  CD1 . PHE B 1 35 ? 5.130   5.438   19.804  1.00 76.97  ? 35  PHE B CD1 1 
ATOM   577  C  CD2 . PHE B 1 35 ? 4.298   3.909   18.148  1.00 74.70  ? 35  PHE B CD2 1 
ATOM   578  C  CE1 . PHE B 1 35 ? 5.902   4.401   20.367  1.00 76.97  ? 35  PHE B CE1 1 
ATOM   579  C  CE2 . PHE B 1 35 ? 5.063   2.877   18.702  1.00 74.61  ? 35  PHE B CE2 1 
ATOM   580  C  CZ  . PHE B 1 35 ? 5.855   3.120   19.817  1.00 75.68  ? 35  PHE B CZ  1 
HETATM 581  N  N   . MSE C 1 1  ? 13.701  -7.647  -14.050 1.00 39.35  ? 1   MSE C N   1 
HETATM 582  C  CA  . MSE C 1 1  ? 12.945  -6.484  -13.512 1.00 38.84  ? 1   MSE C CA  1 
HETATM 583  C  C   . MSE C 1 1  ? 13.407  -5.204  -14.204 1.00 38.48  ? 1   MSE C C   1 
HETATM 584  O  O   . MSE C 1 1  ? 14.571  -5.081  -14.589 1.00 41.33  ? 1   MSE C O   1 
HETATM 585  C  CB  . MSE C 1 1  ? 13.179  -6.357  -12.007 1.00 35.40  ? 1   MSE C CB  1 
HETATM 586  C  CG  . MSE C 1 1  ? 12.999  -7.644  -11.231 1.00 42.32  ? 1   MSE C CG  1 
HETATM 587  SE SE  . MSE C 1 1  ? 11.235  -8.426  -11.408 1.00 49.67  ? 1   MSE C SE  1 
HETATM 588  C  CE  . MSE C 1 1  ? 10.184  -6.986  -10.662 1.00 34.31  ? 1   MSE C CE  1 
ATOM   589  N  N   . LYS C 1 2  ? 12.493  -4.257  -14.374 1.00 37.07  ? 2   LYS C N   1 
ATOM   590  C  CA  . LYS C 1 2  ? 12.825  -2.990  -15.009 1.00 38.60  ? 2   LYS C CA  1 
ATOM   591  C  C   . LYS C 1 2  ? 12.375  -1.818  -14.141 1.00 39.72  ? 2   LYS C C   1 
ATOM   592  O  O   . LYS C 1 2  ? 11.428  -1.932  -13.364 1.00 40.00  ? 2   LYS C O   1 
ATOM   593  C  CB  . LYS C 1 2  ? 12.189  -2.908  -16.404 1.00 40.96  ? 2   LYS C CB  1 
ATOM   594  C  CG  . LYS C 1 2  ? 12.943  -3.699  -17.472 1.00 43.24  ? 2   LYS C CG  1 
ATOM   595  C  CD  . LYS C 1 2  ? 13.646  -2.772  -18.456 1.00 60.80  ? 2   LYS C CD  1 
ATOM   596  C  CE  . LYS C 1 2  ? 14.584  -3.544  -19.377 1.00 82.14  ? 2   LYS C CE  1 
ATOM   597  N  NZ  . LYS C 1 2  ? 15.269  -2.662  -20.380 1.00 88.19  ? 2   LYS C NZ  1 
ATOM   598  N  N   . THR C 1 3  ? 13.065  -0.694  -14.278 1.00 41.59  ? 3   THR C N   1 
ATOM   599  C  CA  . THR C 1 3  ? 12.763  0.505   -13.509 1.00 43.01  ? 3   THR C CA  1 
ATOM   600  C  C   . THR C 1 3  ? 12.120  1.601   -14.358 1.00 45.93  ? 3   THR C C   1 
ATOM   601  O  O   . THR C 1 3  ? 12.530  1.835   -15.497 1.00 47.02  ? 3   THR C O   1 
ATOM   602  C  CB  . THR C 1 3  ? 14.055  1.045   -12.858 1.00 41.98  ? 3   THR C CB  1 
ATOM   603  O  OG1 . THR C 1 3  ? 14.243  0.412   -11.585 1.00 49.95  ? 3   THR C OG1 1 
ATOM   604  C  CG2 . THR C 1 3  ? 14.002  2.551   -12.700 1.00 49.66  ? 3   THR C CG2 1 
ATOM   605  N  N   . ILE C 1 4  ? 11.101  2.260   -13.808 1.00 43.00  ? 4   ILE C N   1 
ATOM   606  C  CA  . ILE C 1 4  ? 10.445  3.347   -14.526 1.00 42.31  ? 4   ILE C CA  1 
ATOM   607  C  C   . ILE C 1 4  ? 10.225  4.533   -13.594 1.00 47.73  ? 4   ILE C C   1 
ATOM   608  O  O   . ILE C 1 4  ? 10.103  4.375   -12.377 1.00 46.97  ? 4   ILE C O   1 
ATOM   609  C  CB  . ILE C 1 4  ? 9.071   2.938   -15.123 1.00 43.48  ? 4   ILE C CB  1 
ATOM   610  C  CG1 . ILE C 1 4  ? 7.992   3.012   -14.051 1.00 49.19  ? 4   ILE C CG1 1 
ATOM   611  C  CG2 . ILE C 1 4  ? 9.140   1.529   -15.688 1.00 45.63  ? 4   ILE C CG2 1 
ATOM   612  C  CD1 . ILE C 1 4  ? 6.605   2.763   -14.575 1.00 53.11  ? 4   ILE C CD1 1 
ATOM   613  N  N   . GLU C 1 5  ? 10.177  5.725   -14.174 1.00 42.10  ? 5   GLU C N   1 
ATOM   614  C  CA  . GLU C 1 5  ? 9.963   6.939   -13.400 1.00 44.16  ? 5   GLU C CA  1 
ATOM   615  C  C   . GLU C 1 5  ? 8.535   7.453   -13.553 1.00 44.69  ? 5   GLU C C   1 
ATOM   616  O  O   . GLU C 1 5  ? 7.978   7.449   -14.648 1.00 50.65  ? 5   GLU C O   1 
ATOM   617  C  CB  . GLU C 1 5  ? 10.918  8.025   -13.858 1.00 46.74  ? 5   GLU C CB  1 
ATOM   618  C  CG  . GLU C 1 5  ? 12.329  7.927   -13.351 1.00 63.58  ? 5   GLU C CG  1 
ATOM   619  C  CD  . GLU C 1 5  ? 13.103  9.174   -13.710 1.00 78.82  ? 5   GLU C CD  1 
ATOM   620  O  OE1 . GLU C 1 5  ? 12.637  9.914   -14.609 1.00 79.94  ? 5   GLU C OE1 1 
ATOM   621  O  OE2 . GLU C 1 5  ? 14.170  9.422   -13.111 1.00 86.41  ? 5   GLU C OE2 1 
ATOM   622  N  N   . VAL C 1 6  ? 7.953   7.895   -12.445 1.00 42.24  ? 6   VAL C N   1 
ATOM   623  C  CA  . VAL C 1 6  ? 6.596   8.433   -12.439 1.00 45.89  ? 6   VAL C CA  1 
ATOM   624  C  C   . VAL C 1 6  ? 6.598   9.673   -11.550 1.00 51.13  ? 6   VAL C C   1 
ATOM   625  O  O   . VAL C 1 6  ? 7.374   9.750   -10.592 1.00 48.92  ? 6   VAL C O   1 
ATOM   626  C  CB  . VAL C 1 6  ? 5.579   7.416   -11.866 1.00 45.97  ? 6   VAL C CB  1 
ATOM   627  C  CG1 . VAL C 1 6  ? 5.498   6.192   -12.762 1.00 39.00  ? 6   VAL C CG1 1 
ATOM   628  C  CG2 . VAL C 1 6  ? 5.994   7.011   -10.448 1.00 42.99  ? 6   VAL C CG2 1 
ATOM   629  N  N   . ASP C 1 7  ? 5.743   10.644  -11.865 1.00 50.51  ? 7   ASP C N   1 
ATOM   630  C  CA  . ASP C 1 7  ? 5.668   11.864  -11.073 1.00 47.30  ? 7   ASP C CA  1 
ATOM   631  C  C   . ASP C 1 7  ? 5.165   11.513  -9.677  1.00 49.65  ? 7   ASP C C   1 
ATOM   632  O  O   . ASP C 1 7  ? 4.457   10.517  -9.498  1.00 48.50  ? 7   ASP C O   1 
ATOM   633  C  CB  . ASP C 1 7  ? 4.750   12.893  -11.754 1.00 40.55  ? 7   ASP C CB  1 
ATOM   634  C  CG  . ASP C 1 7  ? 3.327   12.392  -11.940 1.00 47.98  ? 7   ASP C CG  1 
ATOM   635  O  OD1 . ASP C 1 7  ? 2.664   12.106  -10.924 1.00 51.30  ? 7   ASP C OD1 1 
ATOM   636  O  OD2 . ASP C 1 7  ? 2.875   12.296  -13.103 1.00 53.63  ? 7   ASP C OD2 1 
ATOM   637  N  N   . ASP C 1 8  ? 5.540   12.321  -8.691  1.00 49.04  ? 8   ASP C N   1 
ATOM   638  C  CA  . ASP C 1 8  ? 5.149   12.072  -7.305  1.00 46.09  ? 8   ASP C CA  1 
ATOM   639  C  C   . ASP C 1 8  ? 3.673   11.798  -7.114  1.00 45.23  ? 8   ASP C C   1 
ATOM   640  O  O   . ASP C 1 8  ? 3.289   10.864  -6.409  1.00 51.88  ? 8   ASP C O   1 
ATOM   641  C  CB  . ASP C 1 8  ? 5.553   13.248  -6.417  1.00 44.88  ? 8   ASP C CB  1 
ATOM   642  C  CG  . ASP C 1 8  ? 7.053   13.423  -6.336  1.00 51.83  ? 8   ASP C CG  1 
ATOM   643  O  OD1 . ASP C 1 8  ? 7.778   12.507  -6.779  1.00 57.34  ? 8   ASP C OD1 1 
ATOM   644  O  OD2 . ASP C 1 8  ? 7.503   14.470  -5.826  1.00 64.29  ? 8   ASP C OD2 1 
ATOM   645  N  N   . GLU C 1 9  ? 2.840   12.619  -7.733  1.00 42.69  ? 9   GLU C N   1 
ATOM   646  C  CA  . GLU C 1 9  ? 1.406   12.452  -7.598  1.00 47.07  ? 9   GLU C CA  1 
ATOM   647  C  C   . GLU C 1 9  ? 0.947   11.075  -8.071  1.00 50.73  ? 9   GLU C C   1 
ATOM   648  O  O   . GLU C 1 9  ? 0.125   10.436  -7.412  1.00 55.49  ? 9   GLU C O   1 
ATOM   649  C  CB  . GLU C 1 9  ? 0.684   13.549  -8.372  1.00 53.29  ? 9   GLU C CB  1 
ATOM   650  C  CG  . GLU C 1 9  ? -0.821  13.503  -8.235  1.00 64.86  ? 9   GLU C CG  1 
ATOM   651  C  CD  . GLU C 1 9  ? -1.512  14.405  -9.242  1.00 75.54  ? 9   GLU C CD  1 
ATOM   652  O  OE1 . GLU C 1 9  ? -0.833  14.875  -10.181 1.00 82.59  ? 9   GLU C OE1 1 
ATOM   653  O  OE2 . GLU C 1 9  ? -2.733  14.630  -9.100  1.00 76.78  ? 9   GLU C OE2 1 
ATOM   654  N  N   . LEU C 1 10 ? 1.478   10.616  -9.204  1.00 48.66  ? 10  LEU C N   1 
ATOM   655  C  CA  . LEU C 1 10 ? 1.106   9.313   -9.751  1.00 45.89  ? 10  LEU C CA  1 
ATOM   656  C  C   . LEU C 1 10 ? 1.588   8.178   -8.856  1.00 41.55  ? 10  LEU C C   1 
ATOM   657  O  O   . LEU C 1 10 ? 0.898   7.172   -8.693  1.00 41.76  ? 10  LEU C O   1 
ATOM   658  C  CB  . LEU C 1 10 ? 1.683   9.139   -11.161 1.00 40.56  ? 10  LEU C CB  1 
ATOM   659  C  CG  . LEU C 1 10 ? 1.433   7.805   -11.876 1.00 45.03  ? 10  LEU C CG  1 
ATOM   660  C  CD1 . LEU C 1 10 ? -0.056  7.508   -11.960 1.00 30.45  ? 10  LEU C CD1 1 
ATOM   661  C  CD2 . LEU C 1 10 ? 2.037   7.873   -13.268 1.00 44.10  ? 10  LEU C CD2 1 
ATOM   662  N  N   . TYR C 1 11 ? 2.776   8.344   -8.282  1.00 38.47  ? 11  TYR C N   1 
ATOM   663  C  CA  . TYR C 1 11 ? 3.343   7.338   -7.391  1.00 43.88  ? 11  TYR C CA  1 
ATOM   664  C  C   . TYR C 1 11 ? 2.426   7.123   -6.186  1.00 44.95  ? 11  TYR C C   1 
ATOM   665  O  O   . TYR C 1 11 ? 2.103   5.990   -5.833  1.00 45.77  ? 11  TYR C O   1 
ATOM   666  C  CB  . TYR C 1 11 ? 4.733   7.775   -6.917  1.00 36.79  ? 11  TYR C CB  1 
ATOM   667  C  CG  . TYR C 1 11 ? 5.401   6.778   -6.000  1.00 44.25  ? 11  TYR C CG  1 
ATOM   668  C  CD1 . TYR C 1 11 ? 5.052   6.697   -4.653  1.00 43.50  ? 11  TYR C CD1 1 
ATOM   669  C  CD2 . TYR C 1 11 ? 6.346   5.880   -6.489  1.00 35.53  ? 11  TYR C CD2 1 
ATOM   670  C  CE1 . TYR C 1 11 ? 5.628   5.745   -3.819  1.00 40.56  ? 11  TYR C CE1 1 
ATOM   671  C  CE2 . TYR C 1 11 ? 6.926   4.925   -5.665  1.00 46.12  ? 11  TYR C CE2 1 
ATOM   672  C  CZ  . TYR C 1 11 ? 6.561   4.862   -4.334  1.00 44.81  ? 11  TYR C CZ  1 
ATOM   673  O  OH  . TYR C 1 11 ? 7.124   3.908   -3.519  1.00 40.79  ? 11  TYR C OH  1 
ATOM   674  N  N   . SER C 1 12 ? 2.009   8.220   -5.561  1.00 43.47  ? 12  SER C N   1 
ATOM   675  C  CA  . SER C 1 12 ? 1.127   8.151   -4.405  1.00 43.64  ? 12  SER C CA  1 
ATOM   676  C  C   . SER C 1 12 ? -0.185  7.489   -4.794  1.00 41.89  ? 12  SER C C   1 
ATOM   677  O  O   . SER C 1 12 ? -0.727  6.674   -4.049  1.00 39.82  ? 12  SER C O   1 
ATOM   678  C  CB  . SER C 1 12 ? 0.849   9.553   -3.866  1.00 47.11  ? 12  SER C CB  1 
ATOM   679  O  OG  . SER C 1 12 ? 2.057   10.198  -3.498  1.00 59.86  ? 12  SER C OG  1 
ATOM   680  N  N   . TYR C 1 13 ? -0.689  7.845   -5.971  1.00 43.05  ? 13  TYR C N   1 
ATOM   681  C  CA  . TYR C 1 13 ? -1.941  7.289   -6.471  1.00 39.53  ? 13  TYR C CA  1 
ATOM   682  C  C   . TYR C 1 13 ? -1.853  5.769   -6.552  1.00 44.43  ? 13  TYR C C   1 
ATOM   683  O  O   . TYR C 1 13 ? -2.772  5.059   -6.146  1.00 45.91  ? 13  TYR C O   1 
ATOM   684  C  CB  . TYR C 1 13 ? -2.252  7.861   -7.856  1.00 41.68  ? 13  TYR C CB  1 
ATOM   685  C  CG  . TYR C 1 13 ? -3.562  7.384   -8.436  1.00 42.94  ? 13  TYR C CG  1 
ATOM   686  C  CD1 . TYR C 1 13 ? -4.775  7.757   -7.866  1.00 44.20  ? 13  TYR C CD1 1 
ATOM   687  C  CD2 . TYR C 1 13 ? -3.590  6.553   -9.553  1.00 43.19  ? 13  TYR C CD2 1 
ATOM   688  C  CE1 . TYR C 1 13 ? -5.985  7.318   -8.393  1.00 40.89  ? 13  TYR C CE1 1 
ATOM   689  C  CE2 . TYR C 1 13 ? -4.794  6.106   -10.087 1.00 45.09  ? 13  TYR C CE2 1 
ATOM   690  C  CZ  . TYR C 1 13 ? -5.985  6.492   -9.502  1.00 45.17  ? 13  TYR C CZ  1 
ATOM   691  O  OH  . TYR C 1 13 ? -7.174  6.047   -10.028 1.00 50.33  ? 13  TYR C OH  1 
ATOM   692  N  N   . ILE C 1 14 ? -0.736  5.277   -7.077  1.00 39.73  ? 14  ILE C N   1 
ATOM   693  C  CA  . ILE C 1 14 ? -0.518  3.845   -7.215  1.00 37.42  ? 14  ILE C CA  1 
ATOM   694  C  C   . ILE C 1 14 ? -0.366  3.173   -5.852  1.00 40.94  ? 14  ILE C C   1 
ATOM   695  O  O   . ILE C 1 14 ? -1.001  2.153   -5.579  1.00 34.94  ? 14  ILE C O   1 
ATOM   696  C  CB  . ILE C 1 14 ? 0.735   3.568   -8.072  1.00 40.51  ? 14  ILE C CB  1 
ATOM   697  C  CG1 . ILE C 1 14 ? 0.488   4.054   -9.505  1.00 43.99  ? 14  ILE C CG1 1 
ATOM   698  C  CG2 . ILE C 1 14 ? 1.073   2.087   -8.052  1.00 33.95  ? 14  ILE C CG2 1 
ATOM   699  C  CD1 . ILE C 1 14 ? 1.706   3.993   -10.401 1.00 32.83  ? 14  ILE C CD1 1 
ATOM   700  N  N   . ALA C 1 15 ? 0.473   3.757   -5.002  1.00 38.42  ? 15  ALA C N   1 
ATOM   701  C  CA  . ALA C 1 15 ? 0.711   3.223   -3.666  1.00 43.38  ? 15  ALA C CA  1 
ATOM   702  C  C   . ALA C 1 15 ? -0.596  3.030   -2.902  1.00 43.28  ? 15  ALA C C   1 
ATOM   703  O  O   . ALA C 1 15 ? -0.801  1.998   -2.263  1.00 42.18  ? 15  ALA C O   1 
ATOM   704  C  CB  . ALA C 1 15 ? 1.635   4.157   -2.887  1.00 35.69  ? 15  ALA C CB  1 
ATOM   705  N  N   . SER C 1 16 ? -1.477  4.024   -2.986  1.00 38.25  ? 16  SER C N   1 
ATOM   706  C  CA  . SER C 1 16 ? -2.758  3.985   -2.292  1.00 42.50  ? 16  SER C CA  1 
ATOM   707  C  C   . SER C 1 16 ? -3.670  2.857   -2.757  1.00 43.16  ? 16  SER C C   1 
ATOM   708  O  O   . SER C 1 16 ? -4.694  2.587   -2.133  1.00 48.37  ? 16  SER C O   1 
ATOM   709  C  CB  . SER C 1 16 ? -3.484  5.320   -2.457  1.00 43.90  ? 16  SER C CB  1 
ATOM   710  O  OG  . SER C 1 16 ? -3.866  5.518   -3.805  1.00 50.62  ? 16  SER C OG  1 
ATOM   711  N  N   . HIS C 1 17 ? -3.309  2.197   -3.852  1.00 44.44  ? 17  HIS C N   1 
ATOM   712  C  CA  . HIS C 1 17 ? -4.127  1.100   -4.352  1.00 40.21  ? 17  HIS C CA  1 
ATOM   713  C  C   . HIS C 1 17 ? -3.676  -0.245  -3.808  1.00 40.87  ? 17  HIS C C   1 
ATOM   714  O  O   . HIS C 1 17 ? -4.166  -1.287  -4.239  1.00 46.34  ? 17  HIS C O   1 
ATOM   715  C  CB  . HIS C 1 17 ? -4.129  1.068   -5.883  1.00 44.55  ? 17  HIS C CB  1 
ATOM   716  C  CG  . HIS C 1 17 ? -5.122  2.001   -6.503  1.00 33.52  ? 17  HIS C CG  1 
ATOM   717  N  ND1 . HIS C 1 17 ? -4.911  3.359   -6.599  1.00 39.89  ? 17  HIS C ND1 1 
ATOM   718  C  CD2 . HIS C 1 17 ? -6.355  1.775   -7.012  1.00 33.30  ? 17  HIS C CD2 1 
ATOM   719  C  CE1 . HIS C 1 17 ? -5.973  3.930   -7.139  1.00 37.10  ? 17  HIS C CE1 1 
ATOM   720  N  NE2 . HIS C 1 17 ? -6.863  2.991   -7.398  1.00 41.09  ? 17  HIS C NE2 1 
ATOM   721  N  N   . THR C 1 18 ? -2.740  -0.219  -2.863  1.00 41.19  ? 18  THR C N   1 
ATOM   722  C  CA  . THR C 1 18 ? -2.251  -1.445  -2.246  1.00 37.73  ? 18  THR C CA  1 
ATOM   723  C  C   . THR C 1 18 ? -3.436  -2.150  -1.596  1.00 40.82  ? 18  THR C C   1 
ATOM   724  O  O   . THR C 1 18 ? -4.220  -1.523  -0.888  1.00 40.67  ? 18  THR C O   1 
ATOM   725  C  CB  . THR C 1 18 ? -1.196  -1.143  -1.160  1.00 43.57  ? 18  THR C CB  1 
ATOM   726  O  OG1 . THR C 1 18 ? -0.034  -0.570  -1.771  1.00 43.80  ? 18  THR C OG1 1 
ATOM   727  C  CG2 . THR C 1 18 ? -0.803  -2.416  -0.421  1.00 37.94  ? 18  THR C CG2 1 
ATOM   728  N  N   . LYS C 1 19 ? -3.573  -3.446  -1.854  1.00 37.74  ? 19  LYS C N   1 
ATOM   729  C  CA  . LYS C 1 19 ? -4.667  -4.230  -1.289  1.00 40.97  ? 19  LYS C CA  1 
ATOM   730  C  C   . LYS C 1 19 ? -4.100  -5.303  -0.371  1.00 37.39  ? 19  LYS C C   1 
ATOM   731  O  O   . LYS C 1 19 ? -4.765  -5.772  0.545   1.00 41.77  ? 19  LYS C O   1 
ATOM   732  C  CB  . LYS C 1 19 ? -5.490  -4.872  -2.409  1.00 42.79  ? 19  LYS C CB  1 
ATOM   733  C  CG  . LYS C 1 19 ? -6.252  -3.872  -3.274  1.00 55.80  ? 19  LYS C CG  1 
ATOM   734  C  CD  . LYS C 1 19 ? -7.376  -3.199  -2.490  1.00 54.94  ? 19  LYS C CD  1 
ATOM   735  C  CE  . LYS C 1 19 ? -8.199  -2.252  -3.368  1.00 55.27  ? 19  LYS C CE  1 
ATOM   736  N  NZ  . LYS C 1 19 ? -7.417  -1.073  -3.845  1.00 56.31  ? 19  LYS C NZ  1 
ATOM   737  N  N   . HIS C 1 20 ? -2.857  -5.684  -0.638  1.00 38.02  ? 20  HIS C N   1 
ATOM   738  C  CA  . HIS C 1 20 ? -2.148  -6.676  0.153   1.00 39.15  ? 20  HIS C CA  1 
ATOM   739  C  C   . HIS C 1 20 ? -0.880  -5.984  0.637   1.00 40.61  ? 20  HIS C C   1 
ATOM   740  O  O   . HIS C 1 20 ? 0.024   -5.700  -0.147  1.00 38.68  ? 20  HIS C O   1 
ATOM   741  C  CB  . HIS C 1 20 ? -1.809  -7.892  -0.710  1.00 38.78  ? 20  HIS C CB  1 
ATOM   742  C  CG  . HIS C 1 20 ? -3.016  -8.612  -1.237  1.00 57.37  ? 20  HIS C CG  1 
ATOM   743  N  ND1 . HIS C 1 20 ? -3.890  -9.294  -0.414  1.00 65.30  ? 20  HIS C ND1 1 
ATOM   744  C  CD2 . HIS C 1 20 ? -3.509  -8.735  -2.488  1.00 57.67  ? 20  HIS C CD2 1 
ATOM   745  C  CE1 . HIS C 1 20 ? -4.868  -9.803  -1.138  1.00 60.18  ? 20  HIS C CE1 1 
ATOM   746  N  NE2 . HIS C 1 20 ? -4.664  -9.478  -2.405  1.00 60.95  ? 20  HIS C NE2 1 
ATOM   747  N  N   . ILE C 1 21 ? -0.832  -5.695  1.932   1.00 37.31  ? 21  ILE C N   1 
ATOM   748  C  CA  . ILE C 1 21 ? 0.306   -5.002  2.524   1.00 33.88  ? 21  ILE C CA  1 
ATOM   749  C  C   . ILE C 1 21 ? 1.672   -5.552  2.124   1.00 34.12  ? 21  ILE C C   1 
ATOM   750  O  O   . ILE C 1 21 ? 1.947   -6.745  2.260   1.00 34.67  ? 21  ILE C O   1 
ATOM   751  C  CB  . ILE C 1 21 ? 0.191   -4.983  4.070   1.00 37.18  ? 21  ILE C CB  1 
ATOM   752  C  CG1 . ILE C 1 21 ? -1.013  -4.130  4.475   1.00 36.87  ? 21  ILE C CG1 1 
ATOM   753  C  CG2 . ILE C 1 21 ? 1.465   -4.419  4.695   1.00 32.75  ? 21  ILE C CG2 1 
ATOM   754  C  CD1 . ILE C 1 21 ? -1.309  -4.123  5.956   1.00 36.92  ? 21  ILE C CD1 1 
ATOM   755  N  N   . GLY C 1 22 ? 2.522   -4.660  1.620   1.00 31.39  ? 22  GLY C N   1 
ATOM   756  C  CA  . GLY C 1 22 ? 3.860   -5.047  1.212   1.00 37.73  ? 22  GLY C CA  1 
ATOM   757  C  C   . GLY C 1 22 ? 3.994   -5.607  -0.193  1.00 34.94  ? 22  GLY C C   1 
ATOM   758  O  O   . GLY C 1 22 ? 5.083   -6.026  -0.582  1.00 36.85  ? 22  GLY C O   1 
ATOM   759  N  N   . GLU C 1 23 ? 2.908   -5.614  -0.961  1.00 31.00  ? 23  GLU C N   1 
ATOM   760  C  CA  . GLU C 1 23 ? 2.959   -6.144  -2.320  1.00 35.34  ? 23  GLU C CA  1 
ATOM   761  C  C   . GLU C 1 23 ? 3.741   -5.221  -3.252  1.00 37.79  ? 23  GLU C C   1 
ATOM   762  O  O   . GLU C 1 23 ? 3.906   -4.033  -2.976  1.00 41.26  ? 23  GLU C O   1 
ATOM   763  C  CB  . GLU C 1 23 ? 1.545   -6.377  -2.860  1.00 30.69  ? 23  GLU C CB  1 
ATOM   764  C  CG  . GLU C 1 23 ? 0.771   -5.129  -3.222  1.00 29.06  ? 23  GLU C CG  1 
ATOM   765  C  CD  . GLU C 1 23 ? -0.678  -5.436  -3.559  1.00 38.22  ? 23  GLU C CD  1 
ATOM   766  O  OE1 . GLU C 1 23 ? -0.938  -6.499  -4.160  1.00 40.49  ? 23  GLU C OE1 1 
ATOM   767  O  OE2 . GLU C 1 23 ? -1.560  -4.615  -3.233  1.00 40.95  ? 23  GLU C OE2 1 
ATOM   768  N  N   . SER C 1 24 ? 4.219   -5.779  -4.359  1.00 36.87  ? 24  SER C N   1 
ATOM   769  C  CA  . SER C 1 24 ? 5.011   -5.030  -5.330  1.00 35.12  ? 24  SER C CA  1 
ATOM   770  C  C   . SER C 1 24 ? 4.193   -4.109  -6.222  1.00 34.82  ? 24  SER C C   1 
ATOM   771  O  O   . SER C 1 24 ? 2.972   -4.226  -6.306  1.00 33.34  ? 24  SER C O   1 
ATOM   772  C  CB  . SER C 1 24 ? 5.789   -5.999  -6.215  1.00 37.70  ? 24  SER C CB  1 
ATOM   773  O  OG  . SER C 1 24 ? 4.900   -6.783  -6.988  1.00 37.52  ? 24  SER C OG  1 
ATOM   774  N  N   . ALA C 1 25 ? 4.886   -3.195  -6.893  1.00 36.43  ? 25  ALA C N   1 
ATOM   775  C  CA  . ALA C 1 25 ? 4.246   -2.252  -7.800  1.00 34.41  ? 25  ALA C CA  1 
ATOM   776  C  C   . ALA C 1 25 ? 3.595   -3.015  -8.952  1.00 34.68  ? 25  ALA C C   1 
ATOM   777  O  O   . ALA C 1 25 ? 2.553   -2.612  -9.462  1.00 33.05  ? 25  ALA C O   1 
ATOM   778  C  CB  . ALA C 1 25 ? 5.276   -1.267  -8.338  1.00 34.04  ? 25  ALA C CB  1 
ATOM   779  N  N   . SER C 1 26 ? 4.219   -4.121  -9.349  1.00 32.14  ? 26  SER C N   1 
ATOM   780  C  CA  . SER C 1 26 ? 3.710   -4.952  -10.435 1.00 32.64  ? 26  SER C CA  1 
ATOM   781  C  C   . SER C 1 26 ? 2.346   -5.528  -10.090 1.00 36.29  ? 26  SER C C   1 
ATOM   782  O  O   . SER C 1 26 ? 1.432   -5.510  -10.911 1.00 36.77  ? 26  SER C O   1 
ATOM   783  C  CB  . SER C 1 26 ? 4.684   -6.093  -10.732 1.00 33.33  ? 26  SER C CB  1 
ATOM   784  O  OG  . SER C 1 26 ? 5.910   -5.603  -11.241 1.00 37.55  ? 26  SER C OG  1 
ATOM   785  N  N   . ASP C 1 27 ? 2.218   -6.048  -8.873  1.00 40.98  ? 27  ASP C N   1 
ATOM   786  C  CA  . ASP C 1 27 ? 0.962   -6.622  -8.415  1.00 33.59  ? 27  ASP C CA  1 
ATOM   787  C  C   . ASP C 1 27 ? -0.138  -5.572  -8.409  1.00 35.88  ? 27  ASP C C   1 
ATOM   788  O  O   . ASP C 1 27 ? -1.273  -5.849  -8.785  1.00 41.44  ? 27  ASP C O   1 
ATOM   789  C  CB  . ASP C 1 27 ? 1.124   -7.197  -7.009  1.00 39.16  ? 27  ASP C CB  1 
ATOM   790  C  CG  . ASP C 1 27 ? 1.895   -8.500  -6.994  1.00 44.75  ? 27  ASP C CG  1 
ATOM   791  O  OD1 . ASP C 1 27 ? 2.489   -8.857  -8.033  1.00 49.93  ? 27  ASP C OD1 1 
ATOM   792  O  OD2 . ASP C 1 27 ? 1.913   -9.167  -5.939  1.00 53.96  ? 27  ASP C OD2 1 
ATOM   793  N  N   . ILE C 1 28 ? 0.206   -4.364  -7.980  1.00 36.35  ? 28  ILE C N   1 
ATOM   794  C  CA  . ILE C 1 28 ? -0.759  -3.275  -7.922  1.00 37.49  ? 28  ILE C CA  1 
ATOM   795  C  C   . ILE C 1 28 ? -1.176  -2.837  -9.323  1.00 37.28  ? 28  ILE C C   1 
ATOM   796  O  O   . ILE C 1 28 ? -2.366  -2.810  -9.638  1.00 38.39  ? 28  ILE C O   1 
ATOM   797  C  CB  . ILE C 1 28 ? -0.180  -2.057  -7.163  1.00 39.42  ? 28  ILE C CB  1 
ATOM   798  C  CG1 . ILE C 1 28 ? 0.316   -2.491  -5.782  1.00 40.74  ? 28  ILE C CG1 1 
ATOM   799  C  CG2 . ILE C 1 28 ? -1.250  -0.993  -6.993  1.00 35.55  ? 28  ILE C CG2 1 
ATOM   800  C  CD1 . ILE C 1 28 ? 0.924   -1.374  -4.965  1.00 31.03  ? 28  ILE C CD1 1 
ATOM   801  N  N   . LEU C 1 29 ? -0.196  -2.503  -10.161 1.00 37.76  ? 29  LEU C N   1 
ATOM   802  C  CA  . LEU C 1 29 ? -0.466  -2.055  -11.526 1.00 37.64  ? 29  LEU C CA  1 
ATOM   803  C  C   . LEU C 1 29 ? -1.197  -3.100  -12.354 1.00 38.12  ? 29  LEU C C   1 
ATOM   804  O  O   . LEU C 1 29 ? -2.085  -2.763  -13.135 1.00 43.55  ? 29  LEU C O   1 
ATOM   805  C  CB  . LEU C 1 29 ? 0.834   -1.656  -12.225 1.00 33.55  ? 29  LEU C CB  1 
ATOM   806  C  CG  . LEU C 1 29 ? 1.437   -0.311  -11.806 1.00 41.48  ? 29  LEU C CG  1 
ATOM   807  C  CD1 . LEU C 1 29 ? 2.807   -0.156  -12.429 1.00 39.52  ? 29  LEU C CD1 1 
ATOM   808  C  CD2 . LEU C 1 29 ? 0.528   0.828   -12.240 1.00 35.45  ? 29  LEU C CD2 1 
ATOM   809  N  N   . ARG C 1 30 ? -0.833  -4.366  -12.189 1.00 36.35  ? 30  ARG C N   1 
ATOM   810  C  CA  . ARG C 1 30 ? -1.490  -5.424  -12.942 1.00 36.97  ? 30  ARG C CA  1 
ATOM   811  C  C   . ARG C 1 30 ? -2.954  -5.544  -12.564 1.00 41.40  ? 30  ARG C C   1 
ATOM   812  O  O   . ARG C 1 30 ? -3.784  -5.926  -13.383 1.00 43.71  ? 30  ARG C O   1 
ATOM   813  C  CB  . ARG C 1 30 ? -0.782  -6.760  -12.727 1.00 33.68  ? 30  ARG C CB  1 
ATOM   814  C  CG  . ARG C 1 30 ? 0.503   -6.887  -13.514 1.00 31.65  ? 30  ARG C CG  1 
ATOM   815  C  CD  . ARG C 1 30 ? 1.250   -8.153  -13.167 1.00 33.68  ? 30  ARG C CD  1 
ATOM   816  N  NE  . ARG C 1 30 ? 2.407   -8.340  -14.037 1.00 33.12  ? 30  ARG C NE  1 
ATOM   817  C  CZ  . ARG C 1 30 ? 2.331   -8.724  -15.308 1.00 33.73  ? 30  ARG C CZ  1 
ATOM   818  N  NH1 . ARG C 1 30 ? 1.151   -8.971  -15.862 1.00 31.93  ? 30  ARG C NH1 1 
ATOM   819  N  NH2 . ARG C 1 30 ? 3.435   -8.856  -16.030 1.00 35.17  ? 30  ARG C NH2 1 
ATOM   820  N  N   . ARG C 1 31 ? -3.272  -5.209  -11.319 1.00 43.74  ? 31  ARG C N   1 
ATOM   821  C  CA  . ARG C 1 31 ? -4.643  -5.281  -10.844 1.00 40.13  ? 31  ARG C CA  1 
ATOM   822  C  C   . ARG C 1 31 ? -5.396  -4.046  -11.340 1.00 41.68  ? 31  ARG C C   1 
ATOM   823  O  O   . ARG C 1 31 ? -6.550  -4.138  -11.762 1.00 46.62  ? 31  ARG C O   1 
ATOM   824  C  CB  . ARG C 1 31 ? -4.654  -5.354  -9.314  1.00 45.27  ? 31  ARG C CB  1 
ATOM   825  C  CG  . ARG C 1 31 ? -5.998  -5.679  -8.687  1.00 38.04  ? 31  ARG C CG  1 
ATOM   826  C  CD  . ARG C 1 31 ? -5.814  -6.009  -7.211  1.00 43.59  ? 31  ARG C CD  1 
ATOM   827  N  NE  . ARG C 1 31 ? -5.084  -4.946  -6.524  1.00 43.86  ? 31  ARG C NE  1 
ATOM   828  C  CZ  . ARG C 1 31 ? -3.926  -5.110  -5.888  1.00 43.76  ? 31  ARG C CZ  1 
ATOM   829  N  NH1 . ARG C 1 31 ? -3.347  -6.305  -5.836  1.00 41.19  ? 31  ARG C NH1 1 
ATOM   830  N  NH2 . ARG C 1 31 ? -3.344  -4.071  -5.307  1.00 39.92  ? 31  ARG C NH2 1 
HETATM 831  N  N   . MSE C 1 32 ? -4.732  -2.895  -11.316 1.00 37.84  ? 32  MSE C N   1 
HETATM 832  C  CA  . MSE C 1 32 ? -5.340  -1.647  -11.766 1.00 40.51  ? 32  MSE C CA  1 
HETATM 833  C  C   . MSE C 1 32 ? -5.635  -1.617  -13.267 1.00 52.66  ? 32  MSE C C   1 
HETATM 834  O  O   . MSE C 1 32 ? -6.549  -0.912  -13.713 1.00 53.16  ? 32  MSE C O   1 
HETATM 835  C  CB  . MSE C 1 32 ? -4.432  -0.460  -11.428 1.00 36.93  ? 32  MSE C CB  1 
HETATM 836  C  CG  . MSE C 1 32 ? -4.065  -0.338  -9.958  1.00 30.18  ? 32  MSE C CG  1 
HETATM 837  SE SE  . MSE C 1 32 ? -3.111  1.293   -9.558  1.00 46.51  ? 32  MSE C SE  1 
HETATM 838  C  CE  . MSE C 1 32 ? -1.313  0.622   -9.642  1.00 59.79  ? 32  MSE C CE  1 
ATOM   839  N  N   . LEU C 1 33 ? -4.870  -2.378  -14.047 1.00 55.56  ? 33  LEU C N   1 
ATOM   840  C  CA  . LEU C 1 33 ? -5.049  -2.387  -15.497 1.00 56.36  ? 33  LEU C CA  1 
ATOM   841  C  C   . LEU C 1 33 ? -6.023  -3.417  -16.068 1.00 61.20  ? 33  LEU C C   1 
ATOM   842  O  O   . LEU C 1 33 ? -6.664  -3.144  -17.079 1.00 72.58  ? 33  LEU C O   1 
ATOM   843  C  CB  . LEU C 1 33 ? -3.695  -2.554  -16.187 1.00 44.01  ? 33  LEU C CB  1 
ATOM   844  C  CG  . LEU C 1 33 ? -2.679  -1.430  -15.964 1.00 46.17  ? 33  LEU C CG  1 
ATOM   845  C  CD1 . LEU C 1 33 ? -1.329  -1.851  -16.508 1.00 47.52  ? 33  LEU C CD1 1 
ATOM   846  C  CD2 . LEU C 1 33 ? -3.144  -0.153  -16.646 1.00 45.83  ? 33  LEU C CD2 1 
ATOM   847  N  N   . LYS C 1 34 ? -6.135  -4.582  -15.428 1.00 69.43  ? 34  LYS C N   1 
ATOM   848  C  CA  . LYS C 1 34 ? -7.006  -5.679  -15.882 1.00 82.46  ? 34  LYS C CA  1 
ATOM   849  C  C   . LYS C 1 34 ? -6.197  -6.603  -16.803 1.00 97.69  ? 34  LYS C C   1 
ATOM   850  O  O   . LYS C 1 34 ? -6.565  -7.765  -16.998 1.00 105.05 ? 34  LYS C O   1 
ATOM   851  C  CB  . LYS C 1 34 ? -8.256  -5.162  -16.615 1.00 77.28  ? 34  LYS C CB  1 
ATOM   852  C  CG  . LYS C 1 34 ? -9.353  -4.613  -15.704 1.00 75.20  ? 34  LYS C CG  1 
ATOM   853  C  CD  . LYS C 1 34 ? -8.792  -3.695  -14.631 1.00 73.83  ? 34  LYS C CD  1 
ATOM   854  C  CE  . LYS C 1 34 ? -9.782  -2.607  -14.265 1.00 72.42  ? 34  LYS C CE  1 
ATOM   855  N  NZ  . LYS C 1 34 ? -10.093 -1.776  -15.464 1.00 69.30  ? 34  LYS C NZ  1 
ATOM   856  N  N   . PHE C 1 35 ? -5.100  -6.055  -17.348 1.00 103.58 ? 35  PHE C N   1 
ATOM   857  C  CA  . PHE C 1 35 ? -4.105  -6.737  -18.211 1.00 100.34 ? 35  PHE C CA  1 
ATOM   858  C  C   . PHE C 1 35 ? -4.565  -7.931  -19.064 1.00 105.45 ? 35  PHE C C   1 
ATOM   859  O  O   . PHE C 1 35 ? -3.705  -8.520  -19.769 1.00 106.22 ? 35  PHE C O   1 
ATOM   860  C  CB  . PHE C 1 35 ? -2.930  -7.174  -17.314 1.00 85.37  ? 35  PHE C CB  1 
ATOM   861  C  CG  . PHE C 1 35 ? -1.691  -7.636  -18.054 1.00 76.38  ? 35  PHE C CG  1 
ATOM   862  C  CD1 . PHE C 1 35 ? -0.748  -6.719  -18.513 1.00 74.48  ? 35  PHE C CD1 1 
ATOM   863  C  CD2 . PHE C 1 35 ? -1.435  -8.998  -18.236 1.00 75.67  ? 35  PHE C CD2 1 
ATOM   864  C  CE1 . PHE C 1 35 ? 0.434   -7.150  -19.133 1.00 65.47  ? 35  PHE C CE1 1 
ATOM   865  C  CE2 . PHE C 1 35 ? -0.256  -9.437  -18.858 1.00 61.82  ? 35  PHE C CE2 1 
ATOM   866  C  CZ  . PHE C 1 35 ? 0.675   -8.509  -19.304 1.00 59.64  ? 35  PHE C CZ  1 
HETATM 867  N  N   . MSE D 1 1  ? 9.727   13.421  -8.609  1.00 59.66  ? 1   MSE D N   1 
HETATM 868  C  CA  . MSE D 1 1  ? 9.775   12.165  -9.414  1.00 62.27  ? 1   MSE D CA  1 
HETATM 869  C  C   . MSE D 1 1  ? 10.173  10.978  -8.540  1.00 59.34  ? 1   MSE D C   1 
HETATM 870  O  O   . MSE D 1 1  ? 11.152  11.043  -7.794  1.00 60.72  ? 1   MSE D O   1 
HETATM 871  C  CB  . MSE D 1 1  ? 10.783  12.302  -10.565 1.00 67.30  ? 1   MSE D CB  1 
HETATM 872  C  CG  . MSE D 1 1  ? 10.281  13.058  -11.799 1.00 77.93  ? 1   MSE D CG  1 
HETATM 873  SE SE  . MSE D 1 1  ? 8.923   12.083  -12.797 1.00 86.28  ? 1   MSE D SE  1 
HETATM 874  C  CE  . MSE D 1 1  ? 10.071  10.799  -13.605 1.00 78.47  ? 1   MSE D CE  1 
ATOM   875  N  N   . LYS D 1 2  ? 9.408   9.895   -8.622  1.00 55.93  ? 2   LYS D N   1 
ATOM   876  C  CA  . LYS D 1 2  ? 9.717   8.697   -7.850  1.00 54.07  ? 2   LYS D CA  1 
ATOM   877  C  C   . LYS D 1 2  ? 9.920   7.496   -8.774  1.00 52.73  ? 2   LYS D C   1 
ATOM   878  O  O   . LYS D 1 2  ? 9.268   7.378   -9.808  1.00 53.81  ? 2   LYS D O   1 
ATOM   879  C  CB  . LYS D 1 2  ? 8.597   8.405   -6.848  1.00 54.73  ? 2   LYS D CB  1 
ATOM   880  C  CG  . LYS D 1 2  ? 8.401   9.513   -5.835  1.00 56.76  ? 2   LYS D CG  1 
ATOM   881  C  CD  . LYS D 1 2  ? 8.407   8.970   -4.420  1.00 60.65  ? 2   LYS D CD  1 
ATOM   882  C  CE  . LYS D 1 2  ? 8.193   10.092  -3.431  1.00 69.80  ? 2   LYS D CE  1 
ATOM   883  N  NZ  . LYS D 1 2  ? 9.042   11.259  -3.818  1.00 75.14  ? 2   LYS D NZ  1 
ATOM   884  N  N   . THR D 1 3  ? 10.833  6.612   -8.391  1.00 50.40  ? 3   THR D N   1 
ATOM   885  C  CA  . THR D 1 3  ? 11.133  5.421   -9.172  1.00 47.02  ? 3   THR D CA  1 
ATOM   886  C  C   . THR D 1 3  ? 10.337  4.189   -8.731  1.00 49.31  ? 3   THR D C   1 
ATOM   887  O  O   . THR D 1 3  ? 10.101  3.971   -7.541  1.00 45.87  ? 3   THR D O   1 
ATOM   888  C  CB  . THR D 1 3  ? 12.651  5.137   -9.132  1.00 50.09  ? 3   THR D CB  1 
ATOM   889  O  OG1 . THR D 1 3  ? 13.268  5.734   -10.284 1.00 62.82  ? 3   THR D OG1 1 
ATOM   890  C  CG2 . THR D 1 3  ? 12.943  3.647   -9.083  1.00 58.87  ? 3   THR D CG2 1 
ATOM   891  N  N   . ILE D 1 4  ? 9.904   3.398   -9.712  1.00 46.96  ? 4   ILE D N   1 
ATOM   892  C  CA  . ILE D 1 4  ? 9.123   2.187   -9.461  1.00 40.55  ? 4   ILE D CA  1 
ATOM   893  C  C   . ILE D 1 4  ? 9.725   0.980   -10.173 1.00 42.82  ? 4   ILE D C   1 
ATOM   894  O  O   . ILE D 1 4  ? 10.240  1.098   -11.283 1.00 41.61  ? 4   ILE D O   1 
ATOM   895  C  CB  . ILE D 1 4  ? 7.661   2.363   -9.932  1.00 45.31  ? 4   ILE D CB  1 
ATOM   896  C  CG1 . ILE D 1 4  ? 6.838   3.007   -8.816  1.00 47.72  ? 4   ILE D CG1 1 
ATOM   897  C  CG2 . ILE D 1 4  ? 7.069   1.027   -10.329 1.00 49.88  ? 4   ILE D CG2 1 
ATOM   898  C  CD1 . ILE D 1 4  ? 5.480   3.483   -9.279  1.00 52.55  ? 4   ILE D CD1 1 
ATOM   899  N  N   . GLU D 1 5  ? 9.640   -0.182  -9.536  1.00 37.81  ? 5   GLU D N   1 
ATOM   900  C  CA  . GLU D 1 5  ? 10.160  -1.410  -10.122 1.00 40.34  ? 5   GLU D CA  1 
ATOM   901  C  C   . GLU D 1 5  ? 9.006   -2.289  -10.611 1.00 43.58  ? 5   GLU D C   1 
ATOM   902  O  O   . GLU D 1 5  ? 8.074   -2.594  -9.857  1.00 43.23  ? 5   GLU D O   1 
ATOM   903  C  CB  . GLU D 1 5  ? 10.984  -2.188  -9.104  1.00 37.16  ? 5   GLU D CB  1 
ATOM   904  C  CG  . GLU D 1 5  ? 11.686  -3.403  -9.695  1.00 57.88  ? 5   GLU D CG  1 
ATOM   905  C  CD  . GLU D 1 5  ? 12.545  -4.103  -8.666  1.00 66.29  ? 5   GLU D CD  1 
ATOM   906  O  OE1 . GLU D 1 5  ? 11.977  -4.626  -7.686  1.00 62.30  ? 5   GLU D OE1 1 
ATOM   907  O  OE2 . GLU D 1 5  ? 13.787  -4.123  -8.821  1.00 66.34  ? 5   GLU D OE2 1 
ATOM   908  N  N   . VAL D 1 6  ? 9.070   -2.681  -11.882 1.00 39.30  ? 6   VAL D N   1 
ATOM   909  C  CA  . VAL D 1 6  ? 8.049   -3.526  -12.493 1.00 37.60  ? 6   VAL D CA  1 
ATOM   910  C  C   . VAL D 1 6  ? 8.716   -4.719  -13.171 1.00 37.33  ? 6   VAL D C   1 
ATOM   911  O  O   . VAL D 1 6  ? 9.896   -4.659  -13.516 1.00 41.41  ? 6   VAL D O   1 
ATOM   912  C  CB  . VAL D 1 6  ? 7.236   -2.746  -13.559 1.00 41.10  ? 6   VAL D CB  1 
ATOM   913  C  CG1 . VAL D 1 6  ? 6.484   -1.596  -12.909 1.00 33.76  ? 6   VAL D CG1 1 
ATOM   914  C  CG2 . VAL D 1 6  ? 8.164   -2.227  -14.647 1.00 35.24  ? 6   VAL D CG2 1 
ATOM   915  N  N   . ASP D 1 7  ? 7.973   -5.806  -13.357 1.00 31.14  ? 7   ASP D N   1 
ATOM   916  C  CA  . ASP D 1 7  ? 8.541   -6.972  -14.018 1.00 37.82  ? 7   ASP D CA  1 
ATOM   917  C  C   . ASP D 1 7  ? 8.703   -6.657  -15.505 1.00 38.18  ? 7   ASP D C   1 
ATOM   918  O  O   . ASP D 1 7  ? 8.029   -5.779  -16.036 1.00 32.08  ? 7   ASP D O   1 
ATOM   919  C  CB  . ASP D 1 7  ? 7.658   -8.214  -13.797 1.00 31.82  ? 7   ASP D CB  1 
ATOM   920  C  CG  . ASP D 1 7  ? 6.247   -8.048  -14.331 1.00 39.29  ? 7   ASP D CG  1 
ATOM   921  O  OD1 . ASP D 1 7  ? 6.087   -7.857  -15.552 1.00 38.52  ? 7   ASP D OD1 1 
ATOM   922  O  OD2 . ASP D 1 7  ? 5.293   -8.122  -13.529 1.00 32.01  ? 7   ASP D OD2 1 
ATOM   923  N  N   . ASP D 1 8  ? 9.609   -7.365  -16.168 1.00 36.84  ? 8   ASP D N   1 
ATOM   924  C  CA  . ASP D 1 8  ? 9.876   -7.131  -17.582 1.00 34.69  ? 8   ASP D CA  1 
ATOM   925  C  C   . ASP D 1 8  ? 8.650   -7.144  -18.487 1.00 31.92  ? 8   ASP D C   1 
ATOM   926  O  O   . ASP D 1 8  ? 8.490   -6.255  -19.318 1.00 38.24  ? 8   ASP D O   1 
ATOM   927  C  CB  . ASP D 1 8  ? 10.902  -8.140  -18.095 1.00 32.48  ? 8   ASP D CB  1 
ATOM   928  C  CG  . ASP D 1 8  ? 12.226  -8.034  -17.372 1.00 41.42  ? 8   ASP D CG  1 
ATOM   929  O  OD1 . ASP D 1 8  ? 12.429  -7.040  -16.644 1.00 40.88  ? 8   ASP D OD1 1 
ATOM   930  O  OD2 . ASP D 1 8  ? 13.072  -8.941  -17.533 1.00 56.25  ? 8   ASP D OD2 1 
ATOM   931  N  N   . GLU D 1 9  ? 7.788   -8.143  -18.332 1.00 35.36  ? 9   GLU D N   1 
ATOM   932  C  CA  . GLU D 1 9  ? 6.595   -8.236  -19.166 1.00 32.48  ? 9   GLU D CA  1 
ATOM   933  C  C   . GLU D 1 9  ? 5.706   -7.005  -19.036 1.00 37.90  ? 9   GLU D C   1 
ATOM   934  O  O   . GLU D 1 9  ? 5.171   -6.512  -20.028 1.00 33.33  ? 9   GLU D O   1 
ATOM   935  C  CB  . GLU D 1 9  ? 5.779   -9.480  -18.811 1.00 31.81  ? 9   GLU D CB  1 
ATOM   936  C  CG  . GLU D 1 9  ? 4.589   -9.687  -19.732 1.00 30.33  ? 9   GLU D CG  1 
ATOM   937  C  CD  . GLU D 1 9  ? 3.701   -10.838 -19.309 1.00 39.58  ? 9   GLU D CD  1 
ATOM   938  O  OE1 . GLU D 1 9  ? 3.024   -10.717 -18.266 1.00 40.11  ? 9   GLU D OE1 1 
ATOM   939  O  OE2 . GLU D 1 9  ? 3.685   -11.864 -20.020 1.00 35.18  ? 9   GLU D OE2 1 
ATOM   940  N  N   . LEU D 1 10 ? 5.546   -6.519  -17.808 1.00 34.32  ? 10  LEU D N   1 
ATOM   941  C  CA  . LEU D 1 10 ? 4.722   -5.345  -17.551 1.00 33.26  ? 10  LEU D CA  1 
ATOM   942  C  C   . LEU D 1 10 ? 5.352   -4.093  -18.146 1.00 30.20  ? 10  LEU D C   1 
ATOM   943  O  O   . LEU D 1 10 ? 4.649   -3.197  -18.605 1.00 32.17  ? 10  LEU D O   1 
ATOM   944  C  CB  . LEU D 1 10 ? 4.519   -5.154  -16.045 1.00 30.21  ? 10  LEU D CB  1 
ATOM   945  C  CG  . LEU D 1 10 ? 3.705   -3.930  -15.612 1.00 33.11  ? 10  LEU D CG  1 
ATOM   946  C  CD1 . LEU D 1 10 ? 2.317   -3.990  -16.219 1.00 28.12  ? 10  LEU D CD1 1 
ATOM   947  C  CD2 . LEU D 1 10 ? 3.622   -3.879  -14.098 1.00 32.61  ? 10  LEU D CD2 1 
ATOM   948  N  N   . TYR D 1 11 ? 6.680   -4.032  -18.139 1.00 29.82  ? 11  TYR D N   1 
ATOM   949  C  CA  . TYR D 1 11 ? 7.381   -2.884  -18.691 1.00 35.60  ? 11  TYR D CA  1 
ATOM   950  C  C   . TYR D 1 11 ? 7.140   -2.795  -20.191 1.00 37.30  ? 11  TYR D C   1 
ATOM   951  O  O   . TYR D 1 11 ? 6.785   -1.736  -20.706 1.00 42.35  ? 11  TYR D O   1 
ATOM   952  C  CB  . TYR D 1 11 ? 8.880   -2.985  -18.411 1.00 29.67  ? 11  TYR D CB  1 
ATOM   953  C  CG  . TYR D 1 11 ? 9.678   -1.820  -18.946 1.00 31.71  ? 11  TYR D CG  1 
ATOM   954  C  CD1 . TYR D 1 11 ? 10.076  -1.774  -20.280 1.00 34.82  ? 11  TYR D CD1 1 
ATOM   955  C  CD2 . TYR D 1 11 ? 10.025  -0.756  -18.120 1.00 30.64  ? 11  TYR D CD2 1 
ATOM   956  C  CE1 . TYR D 1 11 ? 10.799  -0.696  -20.780 1.00 35.95  ? 11  TYR D CE1 1 
ATOM   957  C  CE2 . TYR D 1 11 ? 10.746  0.326   -18.605 1.00 38.31  ? 11  TYR D CE2 1 
ATOM   958  C  CZ  . TYR D 1 11 ? 11.132  0.349   -19.936 1.00 42.42  ? 11  TYR D CZ  1 
ATOM   959  O  OH  . TYR D 1 11 ? 11.855  1.416   -20.414 1.00 46.76  ? 11  TYR D OH  1 
ATOM   960  N  N   . SER D 1 12 ? 7.332   -3.910  -20.886 1.00 37.62  ? 12  SER D N   1 
ATOM   961  C  CA  . SER D 1 12 ? 7.128   -3.957  -22.330 1.00 38.83  ? 12  SER D CA  1 
ATOM   962  C  C   . SER D 1 12 ? 5.687   -3.600  -22.668 1.00 39.49  ? 12  SER D C   1 
ATOM   963  O  O   . SER D 1 12 ? 5.426   -2.896  -23.639 1.00 37.50  ? 12  SER D O   1 
ATOM   964  C  CB  . SER D 1 12 ? 7.448   -5.353  -22.864 1.00 39.63  ? 12  SER D CB  1 
ATOM   965  O  OG  . SER D 1 12 ? 8.799   -5.689  -22.611 1.00 45.32  ? 12  SER D OG  1 
ATOM   966  N  N   . TYR D 1 13 ? 4.757   -4.089  -21.854 1.00 39.23  ? 13  TYR D N   1 
ATOM   967  C  CA  . TYR D 1 13 ? 3.341   -3.829  -22.059 1.00 34.74  ? 13  TYR D CA  1 
ATOM   968  C  C   . TYR D 1 13 ? 3.063   -2.332  -22.004 1.00 40.60  ? 13  TYR D C   1 
ATOM   969  O  O   . TYR D 1 13 ? 2.320   -1.799  -22.827 1.00 44.95  ? 13  TYR D O   1 
ATOM   970  C  CB  . TYR D 1 13 ? 2.521   -4.542  -20.984 1.00 41.09  ? 13  TYR D CB  1 
ATOM   971  C  CG  . TYR D 1 13 ? 1.025   -4.405  -21.151 1.00 40.00  ? 13  TYR D CG  1 
ATOM   972  C  CD1 . TYR D 1 13 ? 0.366   -5.002  -22.223 1.00 39.49  ? 13  TYR D CD1 1 
ATOM   973  C  CD2 . TYR D 1 13 ? 0.266   -3.686  -20.230 1.00 43.02  ? 13  TYR D CD2 1 
ATOM   974  C  CE1 . TYR D 1 13 ? -1.010  -4.886  -22.375 1.00 39.79  ? 13  TYR D CE1 1 
ATOM   975  C  CE2 . TYR D 1 13 ? -1.111  -3.564  -20.373 1.00 42.41  ? 13  TYR D CE2 1 
ATOM   976  C  CZ  . TYR D 1 13 ? -1.741  -4.165  -21.446 1.00 41.41  ? 13  TYR D CZ  1 
ATOM   977  O  OH  . TYR D 1 13 ? -3.102  -4.039  -21.597 1.00 50.36  ? 13  TYR D OH  1 
ATOM   978  N  N   . ILE D 1 14 ? 3.664   -1.661  -21.028 1.00 36.87  ? 14  ILE D N   1 
ATOM   979  C  CA  . ILE D 1 14 ? 3.484   -0.224  -20.862 1.00 32.76  ? 14  ILE D CA  1 
ATOM   980  C  C   . ILE D 1 14 ? 4.142   0.552   -22.000 1.00 38.15  ? 14  ILE D C   1 
ATOM   981  O  O   . ILE D 1 14 ? 3.556   1.484   -22.547 1.00 34.88  ? 14  ILE D O   1 
ATOM   982  C  CB  . ILE D 1 14 ? 4.075   0.257   -19.520 1.00 31.83  ? 14  ILE D CB  1 
ATOM   983  C  CG1 . ILE D 1 14 ? 3.287   -0.359  -18.359 1.00 36.85  ? 14  ILE D CG1 1 
ATOM   984  C  CG2 . ILE D 1 14 ? 4.032   1.773   -19.442 1.00 33.14  ? 14  ILE D CG2 1 
ATOM   985  C  CD1 . ILE D 1 14 ? 3.853   -0.045  -16.994 1.00 32.33  ? 14  ILE D CD1 1 
ATOM   986  N  N   . ALA D 1 15 ? 5.361   0.162   -22.349 1.00 34.01  ? 15  ALA D N   1 
ATOM   987  C  CA  . ALA D 1 15 ? 6.093   0.825   -23.415 1.00 41.00  ? 15  ALA D CA  1 
ATOM   988  C  C   . ALA D 1 15 ? 5.345   0.723   -24.742 1.00 41.80  ? 15  ALA D C   1 
ATOM   989  O  O   . ALA D 1 15 ? 5.311   1.680   -25.514 1.00 49.90  ? 15  ALA D O   1 
ATOM   990  C  CB  . ALA D 1 15 ? 7.485   0.218   -23.551 1.00 33.45  ? 15  ALA D CB  1 
ATOM   991  N  N   . SER D 1 16 ? 4.736   -0.430  -24.997 1.00 37.02  ? 16  SER D N   1 
ATOM   992  C  CA  . SER D 1 16 ? 4.007   -0.640  -26.240 1.00 36.82  ? 16  SER D CA  1 
ATOM   993  C  C   . SER D 1 16 ? 2.756   0.225   -26.341 1.00 43.59  ? 16  SER D C   1 
ATOM   994  O  O   . SER D 1 16 ? 2.111   0.260   -27.389 1.00 48.47  ? 16  SER D O   1 
ATOM   995  C  CB  . SER D 1 16 ? 3.621   -2.113  -26.393 1.00 38.45  ? 16  SER D CB  1 
ATOM   996  O  OG  . SER D 1 16 ? 2.570   -2.466  -25.508 1.00 48.92  ? 16  SER D OG  1 
ATOM   997  N  N   . HIS D 1 17 ? 2.403   0.912   -25.257 1.00 40.97  ? 17  HIS D N   1 
ATOM   998  C  CA  . HIS D 1 17 ? 1.225   1.775   -25.270 1.00 35.74  ? 17  HIS D CA  1 
ATOM   999  C  C   . HIS D 1 17 ? 1.575   3.222   -25.589 1.00 33.70  ? 17  HIS D C   1 
ATOM   1000 O  O   . HIS D 1 17 ? 0.736   4.113   -25.470 1.00 41.92  ? 17  HIS D O   1 
ATOM   1001 C  CB  . HIS D 1 17 ? 0.472   1.701   -23.936 1.00 36.78  ? 17  HIS D CB  1 
ATOM   1002 C  CG  . HIS D 1 17 ? -0.502  0.567   -23.857 1.00 33.58  ? 17  HIS D CG  1 
ATOM   1003 N  ND1 . HIS D 1 17 ? -0.108  -0.748  -23.739 1.00 39.94  ? 17  HIS D ND1 1 
ATOM   1004 C  CD2 . HIS D 1 17 ? -1.855  0.549   -23.927 1.00 35.26  ? 17  HIS D CD2 1 
ATOM   1005 C  CE1 . HIS D 1 17 ? -1.175  -1.527  -23.741 1.00 36.83  ? 17  HIS D CE1 1 
ATOM   1006 N  NE2 . HIS D 1 17 ? -2.248  -0.765  -23.855 1.00 39.94  ? 17  HIS D NE2 1 
ATOM   1007 N  N   . THR D 1 18 ? 2.818   3.455   -25.991 1.00 38.74  ? 18  THR D N   1 
ATOM   1008 C  CA  . THR D 1 18 ? 3.252   4.799   -26.350 1.00 39.90  ? 18  THR D CA  1 
ATOM   1009 C  C   . THR D 1 18 ? 2.407   5.279   -27.528 1.00 42.47  ? 18  THR D C   1 
ATOM   1010 O  O   . THR D 1 18 ? 2.236   4.557   -28.509 1.00 41.69  ? 18  THR D O   1 
ATOM   1011 C  CB  . THR D 1 18 ? 4.731   4.812   -26.767 1.00 40.22  ? 18  THR D CB  1 
ATOM   1012 O  OG1 . THR D 1 18 ? 5.539   4.373   -25.670 1.00 40.64  ? 18  THR D OG1 1 
ATOM   1013 C  CG2 . THR D 1 18 ? 5.162   6.212   -27.178 1.00 40.24  ? 18  THR D CG2 1 
ATOM   1014 N  N   . LYS D 1 19 ? 1.866   6.490   -27.420 1.00 44.54  ? 19  LYS D N   1 
ATOM   1015 C  CA  . LYS D 1 19 ? 1.048   7.065   -28.482 1.00 43.32  ? 19  LYS D CA  1 
ATOM   1016 C  C   . LYS D 1 19 ? 1.793   8.242   -29.077 1.00 41.92  ? 19  LYS D C   1 
ATOM   1017 O  O   . LYS D 1 19 ? 1.634   8.568   -30.250 1.00 47.28  ? 19  LYS D O   1 
ATOM   1018 C  CB  . LYS D 1 19 ? -0.291  7.559   -27.938 1.00 50.02  ? 19  LYS D CB  1 
ATOM   1019 C  CG  . LYS D 1 19 ? -1.139  6.491   -27.280 1.00 61.35  ? 19  LYS D CG  1 
ATOM   1020 C  CD  . LYS D 1 19 ? -1.378  5.312   -28.206 1.00 62.93  ? 19  LYS D CD  1 
ATOM   1021 C  CE  . LYS D 1 19 ? -2.276  4.284   -27.536 1.00 70.23  ? 19  LYS D CE  1 
ATOM   1022 N  NZ  . LYS D 1 19 ? -2.219  2.957   -28.217 1.00 75.80  ? 19  LYS D NZ  1 
ATOM   1023 N  N   . HIS D 1 20 ? 2.606   8.880   -28.244 1.00 42.95  ? 20  HIS D N   1 
ATOM   1024 C  CA  . HIS D 1 20 ? 3.397   10.029  -28.651 1.00 46.03  ? 20  HIS D CA  1 
ATOM   1025 C  C   . HIS D 1 20 ? 4.866   9.699   -28.427 1.00 49.65  ? 20  HIS D C   1 
ATOM   1026 O  O   . HIS D 1 20 ? 5.346   9.692   -27.295 1.00 51.20  ? 20  HIS D O   1 
ATOM   1027 C  CB  . HIS D 1 20 ? 2.980   11.243  -27.827 1.00 48.09  ? 20  HIS D CB  1 
ATOM   1028 C  CG  . HIS D 1 20 ? 1.516   11.544  -27.920 1.00 60.52  ? 20  HIS D CG  1 
ATOM   1029 N  ND1 . HIS D 1 20 ? 0.966   12.228  -28.988 1.00 61.48  ? 20  HIS D ND1 1 
ATOM   1030 C  CD2 . HIS D 1 20 ? 0.482   11.199  -27.123 1.00 62.10  ? 20  HIS D CD2 1 
ATOM   1031 C  CE1 . HIS D 1 20 ? -0.342  12.286  -28.839 1.00 60.60  ? 20  HIS D CE1 1 
ATOM   1032 N  NE2 . HIS D 1 20 ? -0.667  11.669  -27.716 1.00 60.51  ? 20  HIS D NE2 1 
ATOM   1033 N  N   . ILE D 1 21 ? 5.566   9.411   -29.519 1.00 45.41  ? 21  ILE D N   1 
ATOM   1034 C  CA  . ILE D 1 21 ? 6.977   9.053   -29.474 1.00 44.08  ? 21  ILE D CA  1 
ATOM   1035 C  C   . ILE D 1 21 ? 7.806   9.894   -28.508 1.00 41.68  ? 21  ILE D C   1 
ATOM   1036 O  O   . ILE D 1 21 ? 7.842   11.119  -28.602 1.00 45.23  ? 21  ILE D O   1 
ATOM   1037 C  CB  . ILE D 1 21 ? 7.601   9.145   -30.880 1.00 39.43  ? 21  ILE D CB  1 
ATOM   1038 C  CG1 . ILE D 1 21 ? 6.865   8.194   -31.826 1.00 39.53  ? 21  ILE D CG1 1 
ATOM   1039 C  CG2 . ILE D 1 21 ? 9.080   8.796   -30.824 1.00 38.15  ? 21  ILE D CG2 1 
ATOM   1040 C  CD1 . ILE D 1 21 ? 7.377   8.217   -33.247 1.00 42.20  ? 21  ILE D CD1 1 
ATOM   1041 N  N   . GLY D 1 22 ? 8.470   9.216   -27.574 1.00 42.65  ? 22  GLY D N   1 
ATOM   1042 C  CA  . GLY D 1 22 ? 9.304   9.902   -26.606 1.00 42.42  ? 22  GLY D CA  1 
ATOM   1043 C  C   . GLY D 1 22 ? 8.602   10.363  -25.341 1.00 40.88  ? 22  GLY D C   1 
ATOM   1044 O  O   . GLY D 1 22 ? 9.236   10.958  -24.472 1.00 46.08  ? 22  GLY D O   1 
ATOM   1045 N  N   . GLU D 1 23 ? 7.305   10.096  -25.221 1.00 37.70  ? 23  GLU D N   1 
ATOM   1046 C  CA  . GLU D 1 23 ? 6.572   10.521  -24.031 1.00 45.50  ? 23  GLU D CA  1 
ATOM   1047 C  C   . GLU D 1 23 ? 7.012   9.722   -22.804 1.00 49.23  ? 23  GLU D C   1 
ATOM   1048 O  O   . GLU D 1 23 ? 7.557   8.624   -22.933 1.00 48.07  ? 23  GLU D O   1 
ATOM   1049 C  CB  . GLU D 1 23 ? 5.059   10.392  -24.254 1.00 36.22  ? 23  GLU D CB  1 
ATOM   1050 C  CG  . GLU D 1 23 ? 4.520   8.980   -24.324 1.00 37.38  ? 23  GLU D CG  1 
ATOM   1051 C  CD  . GLU D 1 23 ? 3.049   8.952   -24.703 1.00 44.01  ? 23  GLU D CD  1 
ATOM   1052 O  OE1 . GLU D 1 23 ? 2.313   9.881   -24.302 1.00 48.07  ? 23  GLU D OE1 1 
ATOM   1053 O  OE2 . GLU D 1 23 ? 2.619   8.001   -25.391 1.00 44.78  ? 23  GLU D OE2 1 
ATOM   1054 N  N   . SER D 1 24 ? 6.781   10.281  -21.618 1.00 49.59  ? 24  SER D N   1 
ATOM   1055 C  CA  . SER D 1 24 ? 7.185   9.640   -20.368 1.00 46.49  ? 24  SER D CA  1 
ATOM   1056 C  C   . SER D 1 24 ? 6.272   8.504   -19.922 1.00 46.32  ? 24  SER D C   1 
ATOM   1057 O  O   . SER D 1 24 ? 5.181   8.311   -20.460 1.00 41.88  ? 24  SER D O   1 
ATOM   1058 C  CB  . SER D 1 24 ? 7.269   10.679  -19.244 1.00 43.74  ? 24  SER D CB  1 
ATOM   1059 O  OG  . SER D 1 24 ? 5.984   11.172  -18.901 1.00 45.45  ? 24  SER D OG  1 
ATOM   1060 N  N   . ALA D 1 25 ? 6.740   7.752   -18.930 1.00 45.19  ? 25  ALA D N   1 
ATOM   1061 C  CA  . ALA D 1 25 ? 5.979   6.639   -18.384 1.00 40.45  ? 25  ALA D CA  1 
ATOM   1062 C  C   . ALA D 1 25 ? 4.729   7.191   -17.718 1.00 38.43  ? 25  ALA D C   1 
ATOM   1063 O  O   . ALA D 1 25 ? 3.664   6.573   -17.755 1.00 37.75  ? 25  ALA D O   1 
ATOM   1064 C  CB  . ALA D 1 25 ? 6.823   5.884   -17.371 1.00 41.76  ? 25  ALA D CB  1 
ATOM   1065 N  N   . SER D 1 26 ? 4.869   8.368   -17.112 1.00 41.25  ? 26  SER D N   1 
ATOM   1066 C  CA  . SER D 1 26 ? 3.759   9.025   -16.430 1.00 45.53  ? 26  SER D CA  1 
ATOM   1067 C  C   . SER D 1 26 ? 2.606   9.305   -17.381 1.00 47.35  ? 26  SER D C   1 
ATOM   1068 O  O   . SER D 1 26 ? 1.445   9.047   -17.055 1.00 49.56  ? 26  SER D O   1 
ATOM   1069 C  CB  . SER D 1 26 ? 4.225   10.338  -15.794 1.00 47.12  ? 26  SER D CB  1 
ATOM   1070 O  OG  . SER D 1 26 ? 5.178   10.102  -14.768 1.00 43.54  ? 26  SER D OG  1 
ATOM   1071 N  N   . ASP D 1 27 ? 2.934   9.829   -18.559 1.00 49.28  ? 27  ASP D N   1 
ATOM   1072 C  CA  . ASP D 1 27 ? 1.922   10.148  -19.560 1.00 47.55  ? 27  ASP D CA  1 
ATOM   1073 C  C   . ASP D 1 27 ? 1.232   8.897   -20.084 1.00 46.13  ? 27  ASP D C   1 
ATOM   1074 O  O   . ASP D 1 27 ? 0.034   8.914   -20.372 1.00 43.46  ? 27  ASP D O   1 
ATOM   1075 C  CB  . ASP D 1 27 ? 2.543   10.926  -20.724 1.00 55.24  ? 27  ASP D CB  1 
ATOM   1076 C  CG  . ASP D 1 27 ? 3.046   12.292  -20.302 1.00 60.10  ? 27  ASP D CG  1 
ATOM   1077 O  OD1 . ASP D 1 27 ? 2.236   13.087  -19.774 1.00 66.05  ? 27  ASP D OD1 1 
ATOM   1078 O  OD2 . ASP D 1 27 ? 4.247   12.572  -20.498 1.00 65.81  ? 27  ASP D OD2 1 
ATOM   1079 N  N   . ILE D 1 28 ? 1.988   7.813   -20.208 1.00 42.17  ? 28  ILE D N   1 
ATOM   1080 C  CA  . ILE D 1 28 ? 1.429   6.559   -20.688 1.00 44.67  ? 28  ILE D CA  1 
ATOM   1081 C  C   . ILE D 1 28 ? 0.507   5.967   -19.624 1.00 41.52  ? 28  ILE D C   1 
ATOM   1082 O  O   . ILE D 1 28 ? -0.653  5.670   -19.892 1.00 41.72  ? 28  ILE D O   1 
ATOM   1083 C  CB  . ILE D 1 28 ? 2.544   5.547   -21.014 1.00 41.05  ? 28  ILE D CB  1 
ATOM   1084 C  CG1 . ILE D 1 28 ? 3.454   6.106   -22.113 1.00 40.40  ? 28  ILE D CG1 1 
ATOM   1085 C  CG2 . ILE D 1 28 ? 1.926   4.214   -21.432 1.00 36.20  ? 28  ILE D CG2 1 
ATOM   1086 C  CD1 . ILE D 1 28 ? 4.614   5.198   -22.461 1.00 37.77  ? 28  ILE D CD1 1 
ATOM   1087 N  N   . LEU D 1 29 ? 1.026   5.815   -18.411 1.00 44.41  ? 29  LEU D N   1 
ATOM   1088 C  CA  . LEU D 1 29 ? 0.247   5.257   -17.305 1.00 48.67  ? 29  LEU D CA  1 
ATOM   1089 C  C   . LEU D 1 29 ? -1.006  6.071   -17.002 1.00 44.93  ? 29  LEU D C   1 
ATOM   1090 O  O   . LEU D 1 29 ? -2.085  5.509   -16.801 1.00 47.07  ? 29  LEU D O   1 
ATOM   1091 C  CB  . LEU D 1 29 ? 1.114   5.142   -16.044 1.00 40.96  ? 29  LEU D CB  1 
ATOM   1092 C  CG  . LEU D 1 29 ? 2.153   4.017   -16.073 1.00 44.86  ? 29  LEU D CG  1 
ATOM   1093 C  CD1 . LEU D 1 29 ? 3.060   4.112   -14.856 1.00 43.04  ? 29  LEU D CD1 1 
ATOM   1094 C  CD2 . LEU D 1 29 ? 1.444   2.665   -16.111 1.00 42.97  ? 29  LEU D CD2 1 
ATOM   1095 N  N   . ARG D 1 30 ? -0.869  7.392   -16.973 1.00 44.95  ? 30  ARG D N   1 
ATOM   1096 C  CA  . ARG D 1 30 ? -2.016  8.245   -16.707 1.00 47.31  ? 30  ARG D CA  1 
ATOM   1097 C  C   . ARG D 1 30 ? -3.108  7.984   -17.735 1.00 47.95  ? 30  ARG D C   1 
ATOM   1098 O  O   . ARG D 1 30 ? -4.287  7.910   -17.393 1.00 52.94  ? 30  ARG D O   1 
ATOM   1099 C  CB  . ARG D 1 30 ? -1.595  9.718   -16.722 1.00 43.16  ? 30  ARG D CB  1 
ATOM   1100 C  CG  . ARG D 1 30 ? -0.930  10.158  -15.425 1.00 43.23  ? 30  ARG D CG  1 
ATOM   1101 C  CD  . ARG D 1 30 ? -0.278  11.524  -15.545 1.00 44.93  ? 30  ARG D CD  1 
ATOM   1102 N  NE  . ARG D 1 30 ? 0.261   11.984  -14.269 1.00 43.83  ? 30  ARG D NE  1 
ATOM   1103 C  CZ  . ARG D 1 30 ? -0.487  12.352  -13.232 1.00 52.09  ? 30  ARG D CZ  1 
ATOM   1104 N  NH1 . ARG D 1 30 ? -1.811  12.318  -13.324 1.00 51.65  ? 30  ARG D NH1 1 
ATOM   1105 N  NH2 . ARG D 1 30 ? 0.086   12.756  -12.105 1.00 44.52  ? 30  ARG D NH2 1 
ATOM   1106 N  N   . ARG D 1 31 ? -2.709  7.810   -18.992 1.00 47.87  ? 31  ARG D N   1 
ATOM   1107 C  CA  . ARG D 1 31 ? -3.663  7.560   -20.064 1.00 42.61  ? 31  ARG D CA  1 
ATOM   1108 C  C   . ARG D 1 31 ? -4.298  6.175   -19.899 1.00 43.10  ? 31  ARG D C   1 
ATOM   1109 O  O   . ARG D 1 31 ? -5.508  6.019   -20.056 1.00 47.72  ? 31  ARG D O   1 
ATOM   1110 C  CB  . ARG D 1 31 ? -2.954  7.676   -21.415 1.00 41.96  ? 31  ARG D CB  1 
ATOM   1111 C  CG  . ARG D 1 31 ? -3.878  7.677   -22.609 1.00 44.03  ? 31  ARG D CG  1 
ATOM   1112 C  CD  . ARG D 1 31 ? -3.134  8.108   -23.865 1.00 48.32  ? 31  ARG D CD  1 
ATOM   1113 N  NE  . ARG D 1 31 ? -1.963  7.274   -24.127 1.00 42.44  ? 31  ARG D NE  1 
ATOM   1114 C  CZ  . ARG D 1 31 ? -0.712  7.724   -24.146 1.00 43.45  ? 31  ARG D CZ  1 
ATOM   1115 N  NH1 . ARG D 1 31 ? -0.455  9.007   -23.922 1.00 43.58  ? 31  ARG D NH1 1 
ATOM   1116 N  NH2 . ARG D 1 31 ? 0.289   6.885   -24.378 1.00 46.60  ? 31  ARG D NH2 1 
HETATM 1117 N  N   . MSE D 1 32 ? -3.474  5.183   -19.562 1.00 46.66  ? 32  MSE D N   1 
HETATM 1118 C  CA  . MSE D 1 32 ? -3.930  3.809   -19.355 1.00 47.64  ? 32  MSE D CA  1 
HETATM 1119 C  C   . MSE D 1 32 ? -4.858  3.678   -18.144 1.00 51.83  ? 32  MSE D C   1 
HETATM 1120 O  O   . MSE D 1 32 ? -5.771  2.844   -18.128 1.00 52.68  ? 32  MSE D O   1 
HETATM 1121 C  CB  . MSE D 1 32 ? -2.728  2.867   -19.166 1.00 41.36  ? 32  MSE D CB  1 
HETATM 1122 C  CG  . MSE D 1 32 ? -1.949  2.547   -20.440 1.00 38.93  ? 32  MSE D CG  1 
HETATM 1123 SE SE  . MSE D 1 32 ? -0.300  1.561   -20.137 1.00 47.39  ? 32  MSE D SE  1 
HETATM 1124 C  CE  . MSE D 1 32 ? -1.037  -0.211  -20.205 1.00 33.64  ? 32  MSE D CE  1 
ATOM   1125 N  N   . LEU D 1 33 ? -4.610  4.480   -17.114 1.00 56.10  ? 33  LEU D N   1 
ATOM   1126 C  CA  . LEU D 1 33 ? -5.432  4.425   -15.906 1.00 61.16  ? 33  LEU D CA  1 
ATOM   1127 C  C   . LEU D 1 33 ? -6.578  5.435   -15.947 1.00 68.01  ? 33  LEU D C   1 
ATOM   1128 O  O   . LEU D 1 33 ? -7.452  5.427   -15.078 1.00 72.12  ? 33  LEU D O   1 
ATOM   1129 C  CB  . LEU D 1 33 ? -4.553  4.663   -14.673 1.00 51.11  ? 33  LEU D CB  1 
ATOM   1130 C  CG  . LEU D 1 33 ? -3.291  3.809   -14.490 1.00 47.05  ? 33  LEU D CG  1 
ATOM   1131 C  CD1 . LEU D 1 33 ? -2.486  4.389   -13.334 1.00 47.44  ? 33  LEU D CD1 1 
ATOM   1132 C  CD2 . LEU D 1 33 ? -3.659  2.363   -14.205 1.00 44.70  ? 33  LEU D CD2 1 
ATOM   1133 N  N   . LYS D 1 34 ? -6.584  6.284   -16.974 1.00 75.41  ? 34  LYS D N   1 
ATOM   1134 C  CA  . LYS D 1 34 ? -7.637  7.284   -17.110 1.00 78.38  ? 34  LYS D CA  1 
ATOM   1135 C  C   . LYS D 1 34 ? -7.529  8.325   -15.999 1.00 87.04  ? 34  LYS D C   1 
ATOM   1136 O  O   . LYS D 1 34 ? -8.490  9.046   -15.709 1.00 92.23  ? 34  LYS D O   1 
ATOM   1137 C  CB  . LYS D 1 34 ? -8.998  6.598   -17.055 1.00 71.22  ? 34  LYS D CB  1 
ATOM   1138 C  CG  . LYS D 1 34 ? -9.281  5.705   -18.246 1.00 67.92  ? 34  LYS D CG  1 
ATOM   1139 C  CD  . LYS D 1 34 ? -9.379  4.236   -17.860 1.00 74.84  ? 34  LYS D CD  1 
ATOM   1140 C  CE  . LYS D 1 34 ? -9.498  3.395   -19.128 1.00 73.86  ? 34  LYS D CE  1 
ATOM   1141 N  NZ  . LYS D 1 34 ? -9.553  1.933   -18.842 1.00 73.86  ? 34  LYS D NZ  1 
ATOM   1142 N  N   . PHE D 1 35 ? -6.344  8.402   -15.397 1.00 91.95  ? 35  PHE D N   1 
ATOM   1143 C  CA  . PHE D 1 35 ? -6.060  9.350   -14.321 1.00 91.26  ? 35  PHE D CA  1 
ATOM   1144 C  C   . PHE D 1 35 ? -5.162  10.486  -14.839 1.00 94.62  ? 35  PHE D C   1 
ATOM   1145 O  O   . PHE D 1 35 ? -5.208  11.636  -14.325 1.00 95.31  ? 35  PHE D O   1 
ATOM   1146 C  CB  . PHE D 1 35 ? -5.356  8.627   -13.175 1.00 84.04  ? 35  PHE D CB  1 
ATOM   1147 C  CG  . PHE D 1 35 ? -4.805  9.551   -12.133 1.00 81.57  ? 35  PHE D CG  1 
ATOM   1148 C  CD1 . PHE D 1 35 ? -5.646  10.165  -11.209 1.00 81.08  ? 35  PHE D CD1 1 
ATOM   1149 C  CD2 . PHE D 1 35 ? -3.439  9.812   -12.080 1.00 81.38  ? 35  PHE D CD2 1 
ATOM   1150 C  CE1 . PHE D 1 35 ? -5.133  11.033  -10.249 1.00 76.25  ? 35  PHE D CE1 1 
ATOM   1151 C  CE2 . PHE D 1 35 ? -2.915  10.679  -11.124 1.00 78.03  ? 35  PHE D CE2 1 
ATOM   1152 C  CZ  . PHE D 1 35 ? -3.763  11.286  -10.207 1.00 76.27  ? 35  PHE D CZ  1 
HETATM 1153 CA CA  . CA  E 2 .  ? 5.128   -9.234  4.318   1.00 59.54  ? 501 CA  A CA  1 
HETATM 1154 O  O   . HOH F 3 .  ? -6.973  -6.618  24.627  1.00 40.99  ? 502 HOH A O   1 
HETATM 1155 O  O   . HOH F 3 .  ? -7.741  -9.465  18.399  1.00 47.64  ? 503 HOH A O   1 
HETATM 1156 O  O   . HOH F 3 .  ? 6.415   -6.894  8.492   1.00 39.32  ? 504 HOH A O   1 
HETATM 1157 O  O   . HOH F 3 .  ? -9.875  -14.732 6.124   1.00 66.43  ? 505 HOH A O   1 
HETATM 1158 O  O   . HOH F 3 .  ? -12.012 -15.177 7.770   1.00 70.14  ? 506 HOH A O   1 
HETATM 1159 O  O   . HOH F 3 .  ? 1.507   -7.467  7.296   1.00 17.33  ? 507 HOH A O   1 
HETATM 1160 O  O   . HOH F 3 .  ? 1.321   -11.518 22.526  1.00 67.17  ? 508 HOH A O   1 
HETATM 1161 O  O   . HOH F 3 .  ? 2.894   -6.251  24.994  1.00 57.44  ? 509 HOH A O   1 
HETATM 1162 O  O   . HOH F 3 .  ? 5.270   -7.160  22.274  1.00 59.85  ? 510 HOH A O   1 
HETATM 1163 O  O   . HOH F 3 .  ? 3.722   -0.697  26.172  1.00 65.38  ? 511 HOH A O   1 
HETATM 1164 O  O   . HOH F 3 .  ? 2.304   -3.087  26.883  1.00 55.05  ? 512 HOH A O   1 
HETATM 1165 O  O   . HOH F 3 .  ? 5.793   -0.047  23.315  1.00 50.66  ? 513 HOH A O   1 
HETATM 1166 O  O   . HOH F 3 .  ? -15.725 -2.432  30.231  1.00 65.43  ? 514 HOH A O   1 
HETATM 1167 O  O   . HOH F 3 .  ? -7.677  -11.533 20.621  1.00 62.20  ? 515 HOH A O   1 
HETATM 1168 O  O   . HOH F 3 .  ? -9.365  -8.024  15.705  1.00 41.03  ? 516 HOH A O   1 
HETATM 1169 O  O   . HOH F 3 .  ? -16.881 -5.500  17.783  1.00 65.58  ? 517 HOH A O   1 
HETATM 1170 O  O   . HOH F 3 .  ? 8.159   -11.025 19.075  1.00 59.98  ? 518 HOH A O   1 
HETATM 1171 O  O   . HOH F 3 .  ? -9.761  -12.473 4.703   1.00 74.81  ? 519 HOH A O   1 
HETATM 1172 O  O   . HOH F 3 .  ? -1.738  4.623   27.160  1.00 67.27  ? 520 HOH A O   1 
HETATM 1173 O  O   . HOH F 3 .  ? 0.343   5.874   26.026  1.00 72.39  ? 521 HOH A O   1 
HETATM 1174 O  O   . HOH F 3 .  ? 4.717   8.339   26.737  1.00 78.33  ? 522 HOH A O   1 
HETATM 1175 O  O   . HOH F 3 .  ? -3.707  5.035   29.067  1.00 74.88  ? 523 HOH A O   1 
HETATM 1176 O  O   . HOH F 3 .  ? 7.712   -1.621  24.385  1.00 64.93  ? 524 HOH A O   1 
HETATM 1177 O  O   . HOH F 3 .  ? 11.471  -4.543  20.493  1.00 57.68  ? 525 HOH A O   1 
HETATM 1178 O  O   . HOH F 3 .  ? 8.422   -4.110  23.461  1.00 61.04  ? 526 HOH A O   1 
HETATM 1179 O  O   . HOH F 3 .  ? -14.349 -2.754  22.540  1.00 52.94  ? 527 HOH A O   1 
HETATM 1180 O  O   . HOH F 3 .  ? -7.873  4.004   23.248  1.00 38.65  ? 528 HOH A O   1 
HETATM 1181 O  O   . HOH F 3 .  ? -10.896 -12.059 24.327  1.00 67.83  ? 529 HOH A O   1 
HETATM 1182 O  O   . HOH F 3 .  ? 1.342   -12.201 7.076   1.00 67.60  ? 530 HOH A O   1 
HETATM 1183 O  O   . HOH F 3 .  ? -5.590  1.750   28.007  1.00 48.07  ? 531 HOH A O   1 
HETATM 1184 O  O   . HOH F 3 .  ? -2.713  7.949   23.453  1.00 65.47  ? 532 HOH A O   1 
HETATM 1185 O  O   . HOH F 3 .  ? -4.302  -12.827 6.638   1.00 47.53  ? 533 HOH A O   1 
HETATM 1186 O  O   . HOH F 3 .  ? 12.014  -3.197  24.953  1.00 72.54  ? 534 HOH A O   1 
HETATM 1187 O  O   . HOH F 3 .  ? 11.043  -7.225  21.661  1.00 61.25  ? 535 HOH A O   1 
HETATM 1188 O  O   . HOH F 3 .  ? -13.917 -7.637  20.853  1.00 57.44  ? 536 HOH A O   1 
HETATM 1189 O  O   . HOH F 3 .  ? 6.467   -13.131 7.432   1.00 73.03  ? 537 HOH A O   1 
HETATM 1190 O  O   . HOH F 3 .  ? -13.267 3.559   26.243  1.00 58.25  ? 538 HOH A O   1 
HETATM 1191 O  O   . HOH F 3 .  ? -13.652 0.363   18.786  1.00 55.82  ? 539 HOH A O   1 
HETATM 1192 O  O   . HOH F 3 .  ? -14.300 1.077   21.942  1.00 58.89  ? 540 HOH A O   1 
HETATM 1193 O  O   . HOH F 3 .  ? -6.337  10.787  20.695  1.00 73.67  ? 541 HOH A O   1 
HETATM 1194 O  O   . HOH F 3 .  ? -15.697 2.264   15.188  1.00 68.28  ? 542 HOH A O   1 
HETATM 1195 O  O   . HOH F 3 .  ? 4.112   1.783   25.152  1.00 63.85  ? 543 HOH A O   1 
HETATM 1196 O  O   . HOH F 3 .  ? -8.138  11.943  13.121  1.00 69.97  ? 544 HOH A O   1 
HETATM 1197 O  O   . HOH F 3 .  ? 3.338   -9.350  6.704   1.00 59.00  ? 545 HOH A O   1 
HETATM 1198 O  O   . HOH F 3 .  ? -14.872 3.490   21.473  1.00 67.15  ? 546 HOH A O   1 
HETATM 1199 O  O   . HOH G 3 .  ? 7.851   3.165   5.044   1.00 42.73  ? 51  HOH B O   1 
HETATM 1200 O  O   . HOH G 3 .  ? 5.209   -12.491 13.478  1.00 59.78  ? 52  HOH B O   1 
HETATM 1201 O  O   . HOH G 3 .  ? 4.119   -5.731  7.073   1.00 36.55  ? 53  HOH B O   1 
HETATM 1202 O  O   . HOH G 3 .  ? 9.146   -5.213  0.947   1.00 38.78  ? 54  HOH B O   1 
HETATM 1203 O  O   . HOH G 3 .  ? 7.239   -5.024  3.850   1.00 44.37  ? 55  HOH B O   1 
HETATM 1204 O  O   . HOH G 3 .  ? 5.301   -4.711  10.005  1.00 38.95  ? 56  HOH B O   1 
HETATM 1205 O  O   . HOH G 3 .  ? -9.317  -10.781 16.758  1.00 53.99  ? 57  HOH B O   1 
HETATM 1206 O  O   . HOH G 3 .  ? -4.833  -10.107 17.747  1.00 28.70  ? 58  HOH B O   1 
HETATM 1207 O  O   . HOH G 3 .  ? -13.689 -9.631  8.852   1.00 49.14  ? 59  HOH B O   1 
HETATM 1208 O  O   . HOH G 3 .  ? 2.339   -1.768  1.889   1.00 42.33  ? 60  HOH B O   1 
HETATM 1209 O  O   . HOH G 3 .  ? 9.614   -1.139  9.325   1.00 38.67  ? 61  HOH B O   1 
HETATM 1210 O  O   . HOH G 3 .  ? 10.473  6.852   3.807   1.00 72.22  ? 62  HOH B O   1 
HETATM 1211 O  O   . HOH G 3 .  ? -7.109  -1.715  0.497   1.00 58.85  ? 63  HOH B O   1 
HETATM 1212 O  O   . HOH G 3 .  ? -14.352 -5.633  13.934  1.00 60.13  ? 64  HOH B O   1 
HETATM 1213 O  O   . HOH G 3 .  ? 2.825   -13.308 17.425  1.00 46.69  ? 65  HOH B O   1 
HETATM 1214 O  O   . HOH G 3 .  ? 9.898   -11.691 15.523  1.00 46.29  ? 66  HOH B O   1 
HETATM 1215 O  O   . HOH G 3 .  ? -9.292  -6.883  2.989   1.00 66.77  ? 67  HOH B O   1 
HETATM 1216 O  O   . HOH G 3 .  ? 6.305   5.076   9.580   1.00 42.22  ? 68  HOH B O   1 
HETATM 1217 O  O   . HOH G 3 .  ? -0.810  -8.630  5.272   1.00 50.31  ? 69  HOH B O   1 
HETATM 1218 O  O   . HOH G 3 .  ? -0.333  7.444   5.778   1.00 31.38  ? 70  HOH B O   1 
HETATM 1219 O  O   . HOH G 3 .  ? 6.562   6.877   7.047   1.00 50.07  ? 71  HOH B O   1 
HETATM 1220 O  O   . HOH G 3 .  ? 8.215   6.912   15.870  1.00 82.61  ? 72  HOH B O   1 
HETATM 1221 O  O   . HOH G 3 .  ? -14.857 -6.406  7.766   1.00 59.28  ? 73  HOH B O   1 
HETATM 1222 O  O   . HOH G 3 .  ? -2.189  5.919   0.537   1.00 53.51  ? 74  HOH B O   1 
HETATM 1223 O  O   . HOH G 3 .  ? -3.614  9.552   3.275   1.00 58.09  ? 75  HOH B O   1 
HETATM 1224 O  O   . HOH G 3 .  ? 2.282   10.672  10.456  1.00 55.51  ? 76  HOH B O   1 
HETATM 1225 O  O   . HOH G 3 .  ? -1.654  7.360   18.653  1.00 62.87  ? 77  HOH B O   1 
HETATM 1226 O  O   . HOH G 3 .  ? 8.168   -13.032 17.215  1.00 59.77  ? 78  HOH B O   1 
HETATM 1227 O  O   . HOH G 3 .  ? -13.284 -3.490  2.879   1.00 56.44  ? 79  HOH B O   1 
HETATM 1228 O  O   . HOH G 3 .  ? -12.613 -7.003  1.827   1.00 76.53  ? 80  HOH B O   1 
HETATM 1229 O  O   . HOH G 3 .  ? -19.896 -4.718  6.563   1.00 71.47  ? 81  HOH B O   1 
HETATM 1230 O  O   . HOH G 3 .  ? 0.083   -9.817  2.335   1.00 58.80  ? 82  HOH B O   1 
HETATM 1231 O  O   . HOH G 3 .  ? -9.295  5.580   2.434   1.00 61.83  ? 83  HOH B O   1 
HETATM 1232 O  O   . HOH G 3 .  ? -6.493  7.078   0.930   1.00 61.74  ? 84  HOH B O   1 
HETATM 1233 O  O   . HOH G 3 .  ? -7.194  8.642   6.918   1.00 65.32  ? 85  HOH B O   1 
HETATM 1234 O  O   . HOH G 3 .  ? 5.878   9.494   4.199   1.00 55.39  ? 86  HOH B O   1 
HETATM 1235 O  O   . HOH G 3 .  ? -2.465  11.507  17.724  1.00 71.32  ? 87  HOH B O   1 
HETATM 1236 O  O   . HOH G 3 .  ? -3.555  13.153  9.750   1.00 68.20  ? 88  HOH B O   1 
HETATM 1237 O  O   . HOH G 3 .  ? -2.074  -14.964 17.584  1.00 61.28  ? 89  HOH B O   1 
HETATM 1238 O  O   . HOH G 3 .  ? -5.045  9.885   15.186  1.00 54.56  ? 90  HOH B O   1 
HETATM 1239 O  O   . HOH G 3 .  ? -4.988  15.418  15.825  1.00 56.79  ? 91  HOH B O   1 
HETATM 1240 O  O   . HOH G 3 .  ? 4.913   -6.237  4.437   1.00 47.28  ? 92  HOH B O   1 
HETATM 1241 O  O   . HOH H 3 .  ? -0.353  -9.087  -4.145  1.00 39.39  ? 51  HOH C O   1 
HETATM 1242 O  O   . HOH H 3 .  ? 7.103   -4.902  -9.045  1.00 34.79  ? 52  HOH C O   1 
HETATM 1243 O  O   . HOH H 3 .  ? 6.720   -8.474  -8.650  1.00 29.54  ? 53  HOH C O   1 
HETATM 1244 O  O   . HOH H 3 .  ? -6.137  0.267   -1.660  1.00 39.90  ? 54  HOH C O   1 
HETATM 1245 O  O   . HOH H 3 .  ? -1.991  -8.506  -9.032  1.00 44.12  ? 55  HOH C O   1 
HETATM 1246 O  O   . HOH H 3 .  ? 7.483   9.632   -16.108 1.00 49.80  ? 56  HOH C O   1 
HETATM 1247 O  O   . HOH H 3 .  ? 7.699   -3.156  -6.162  1.00 37.10  ? 57  HOH C O   1 
HETATM 1248 O  O   . HOH H 3 .  ? 2.808   -1.882  -1.723  1.00 45.59  ? 58  HOH C O   1 
HETATM 1249 O  O   . HOH H 3 .  ? -4.105  -9.793  2.250   1.00 59.04  ? 59  HOH C O   1 
HETATM 1250 O  O   . HOH H 3 .  ? 16.921  -5.248  -15.804 1.00 48.96  ? 60  HOH C O   1 
HETATM 1251 O  O   . HOH H 3 .  ? 16.305  -7.581  -14.639 1.00 61.02  ? 61  HOH C O   1 
HETATM 1252 O  O   . HOH H 3 .  ? 15.625  -0.659  -15.959 1.00 43.51  ? 62  HOH C O   1 
HETATM 1253 O  O   . HOH H 3 .  ? 10.206  10.594  -16.595 1.00 57.88  ? 63  HOH C O   1 
HETATM 1254 O  O   . HOH H 3 .  ? -3.576  9.051   -3.260  1.00 67.26  ? 64  HOH C O   1 
HETATM 1255 O  O   . HOH H 3 .  ? -6.418  -2.243  -6.765  1.00 35.55  ? 65  HOH C O   1 
HETATM 1256 O  O   . HOH H 3 .  ? 3.895   -8.560  -4.323  1.00 52.71  ? 66  HOH C O   1 
HETATM 1257 O  O   . HOH H 3 .  ? 10.885  5.460   -17.331 1.00 21.15  ? 67  HOH C O   1 
HETATM 1258 O  O   . HOH H 3 .  ? 3.236   8.597   -1.681  1.00 51.27  ? 68  HOH C O   1 
HETATM 1259 O  O   . HOH H 3 .  ? 2.751   -9.559  -10.623 1.00 37.85  ? 69  HOH C O   1 
HETATM 1260 O  O   . HOH H 3 .  ? -4.053  -9.164  -11.291 1.00 51.77  ? 70  HOH C O   1 
HETATM 1261 O  O   . HOH H 3 .  ? 0.114   -10.605 -10.716 1.00 56.41  ? 71  HOH C O   1 
HETATM 1262 O  O   . HOH H 3 .  ? 17.279  -5.227  -13.237 1.00 63.17  ? 72  HOH C O   1 
HETATM 1263 O  O   . HOH H 3 .  ? 14.665  1.838   -17.066 1.00 64.18  ? 73  HOH C O   1 
HETATM 1264 O  O   . HOH H 3 .  ? -11.016 -3.644  -18.818 1.00 67.31  ? 74  HOH C O   1 
HETATM 1265 O  O   . HOH H 3 .  ? 10.815  -3.409  -2.488  1.00 54.59  ? 75  HOH C O   1 
HETATM 1266 O  O   . HOH H 3 .  ? 8.216   -3.808  -3.177  1.00 52.53  ? 76  HOH C O   1 
HETATM 1267 O  O   . HOH H 3 .  ? 7.326   -6.237  -2.718  1.00 42.18  ? 77  HOH C O   1 
HETATM 1268 O  O   . HOH H 3 .  ? 4.503   -8.435  1.716   1.00 53.07  ? 78  HOH C O   1 
HETATM 1269 O  O   . HOH H 3 .  ? -2.712  -10.107 -5.934  1.00 64.44  ? 79  HOH C O   1 
HETATM 1270 O  O   . HOH H 3 .  ? 3.332   15.192  -8.777  1.00 63.88  ? 80  HOH C O   1 
HETATM 1271 O  O   . HOH H 3 .  ? 8.909   2.449   -4.736  1.00 45.80  ? 81  HOH C O   1 
HETATM 1272 O  O   . HOH H 3 .  ? -7.304  -5.059  1.066   1.00 58.28  ? 82  HOH C O   1 
HETATM 1273 O  O   . HOH H 3 .  ? -8.438  -5.663  -11.098 1.00 65.50  ? 83  HOH C O   1 
HETATM 1274 O  O   . HOH H 3 .  ? 7.414   17.931  -7.316  1.00 76.02  ? 84  HOH C O   1 
HETATM 1275 O  O   . HOH H 3 .  ? 2.712   13.303  -3.366  1.00 67.16  ? 85  HOH C O   1 
HETATM 1276 O  O   . HOH H 3 .  ? 5.373   10.553  -3.858  1.00 68.18  ? 86  HOH C O   1 
HETATM 1277 O  O   . HOH H 3 .  ? -8.778  4.118   -3.946  1.00 62.94  ? 87  HOH C O   1 
HETATM 1278 O  O   . HOH H 3 .  ? -2.785  -12.533 -2.140  1.00 62.69  ? 88  HOH C O   1 
HETATM 1279 O  O   . HOH H 3 .  ? -7.731  -7.557  -3.621  1.00 55.84  ? 89  HOH C O   1 
HETATM 1280 O  O   . HOH H 3 .  ? 7.439   -7.015  0.636   1.00 48.69  ? 90  HOH C O   1 
HETATM 1281 O  O   . HOH H 3 .  ? -14.304 -0.149  -17.790 1.00 70.85  ? 91  HOH C O   1 
HETATM 1282 O  O   . HOH H 3 .  ? 7.076   15.048  -9.535  1.00 51.50  ? 92  HOH C O   1 
HETATM 1283 O  O   . HOH H 3 .  ? 0.043   14.315  -4.647  1.00 65.08  ? 93  HOH C O   1 
HETATM 1284 O  O   . HOH H 3 .  ? -9.218  0.157   -16.870 1.00 60.64  ? 94  HOH C O   1 
HETATM 1285 O  O   . HOH H 3 .  ? -12.622 -0.722  -11.716 1.00 69.99  ? 95  HOH C O   1 
HETATM 1286 O  O   . HOH H 3 .  ? 7.265   -8.585  2.647   1.00 65.19  ? 96  HOH C O   1 
HETATM 1287 O  O   . HOH H 3 .  ? -1.710  -10.226 -14.625 1.00 45.88  ? 97  HOH C O   1 
HETATM 1288 O  O   . HOH H 3 .  ? 5.343   -10.254 -1.144  0.50 90.17  ? 98  HOH C O   1 
HETATM 1289 O  O   . HOH H 3 .  ? 2.214   -11.832 -5.392  1.00 65.85  ? 99  HOH C O   1 
HETATM 1290 O  O   . HOH I 3 .  ? 8.457   -0.087  -6.515  1.00 21.46  ? 51  HOH D O   1 
HETATM 1291 O  O   . HOH I 3 .  ? 5.285   -12.286 -22.024 1.00 42.50  ? 52  HOH D O   1 
HETATM 1292 O  O   . HOH I 3 .  ? 12.525  3.362   -18.816 1.00 50.24  ? 53  HOH D O   1 
HETATM 1293 O  O   . HOH I 3 .  ? 7.587   -3.036  -25.845 1.00 50.01  ? 54  HOH D O   1 
HETATM 1294 O  O   . HOH I 3 .  ? 4.897   -7.652  -22.523 1.00 52.05  ? 55  HOH D O   1 
HETATM 1295 O  O   . HOH I 3 .  ? 11.156  -5.209  -20.663 1.00 56.33  ? 56  HOH D O   1 
HETATM 1296 O  O   . HOH I 3 .  ? 14.967  -7.080  -8.391  1.00 66.88  ? 57  HOH D O   1 
HETATM 1297 O  O   . HOH I 3 .  ? 16.634  -6.358  -6.672  1.00 72.63  ? 58  HOH D O   1 
HETATM 1298 O  O   . HOH I 3 .  ? 8.617   -10.683 -16.859 1.00 46.71  ? 59  HOH D O   1 
HETATM 1299 O  O   . HOH I 3 .  ? 4.126   -6.200  -25.026 1.00 49.99  ? 60  HOH D O   1 
HETATM 1300 O  O   . HOH I 3 .  ? -4.910  -2.106  -24.221 1.00 69.27  ? 61  HOH D O   1 
HETATM 1301 O  O   . HOH I 3 .  ? -2.676  4.351   -24.478 1.00 37.79  ? 62  HOH D O   1 
HETATM 1302 O  O   . HOH I 3 .  ? 10.297  11.294  -21.775 1.00 54.70  ? 63  HOH D O   1 
HETATM 1303 O  O   . HOH I 3 .  ? 0.586   15.433  -19.926 1.00 62.68  ? 64  HOH D O   1 
HETATM 1304 O  O   . HOH I 3 .  ? 2.178   12.515  -23.841 1.00 56.48  ? 65  HOH D O   1 
HETATM 1305 O  O   . HOH I 3 .  ? -1.081  11.301  -20.562 1.00 55.17  ? 66  HOH D O   1 
HETATM 1306 O  O   . HOH I 3 .  ? 15.271  -3.171  -11.410 1.00 56.89  ? 67  HOH D O   1 
HETATM 1307 O  O   . HOH I 3 .  ? -0.616  -1.550  -28.306 1.00 67.15  ? 68  HOH D O   1 
HETATM 1308 O  O   . HOH I 3 .  ? 5.363   -9.534  -11.231 1.00 38.99  ? 69  HOH D O   1 
HETATM 1309 O  O   . HOH I 3 .  ? 9.675   8.133   -18.259 1.00 47.37  ? 70  HOH D O   1 
HETATM 1310 O  O   . HOH I 3 .  ? -3.393  9.503   -27.748 1.00 70.39  ? 71  HOH D O   1 
HETATM 1311 O  O   . HOH I 3 .  ? 7.884   6.201   -24.638 1.00 49.34  ? 72  HOH D O   1 
HETATM 1312 O  O   . HOH I 3 .  ? 9.277   -5.287  -7.255  1.00 36.79  ? 73  HOH D O   1 
HETATM 1313 O  O   . HOH I 3 .  ? 3.293   15.728  -20.881 1.00 65.20  ? 74  HOH D O   1 
HETATM 1314 O  O   . HOH I 3 .  ? 12.783  13.746  -7.977  1.00 66.51  ? 75  HOH D O   1 
HETATM 1315 O  O   . HOH I 3 .  ? 11.944  12.400  -5.568  1.00 66.67  ? 76  HOH D O   1 
HETATM 1316 O  O   . HOH I 3 .  ? 0.712   2.456   -28.707 1.00 47.44  ? 77  HOH D O   1 
HETATM 1317 O  O   . HOH I 3 .  ? 4.478   15.593  -18.485 1.00 77.50  ? 78  HOH D O   1 
HETATM 1318 O  O   . HOH I 3 .  ? 12.860  10.257  -4.308  1.00 76.44  ? 79  HOH D O   1 
HETATM 1319 O  O   . HOH I 3 .  ? 13.038  9.399   -9.786  1.00 73.41  ? 80  HOH D O   1 
HETATM 1320 O  O   . HOH I 3 .  ? 12.434  7.131   -5.889  1.00 54.04  ? 81  HOH D O   1 
HETATM 1321 O  O   . HOH I 3 .  ? 9.258   -10.419 -20.514 1.00 48.57  ? 82  HOH D O   1 
HETATM 1322 O  O   . HOH I 3 .  ? 9.701   -8.293  -22.053 1.00 52.17  ? 83  HOH D O   1 
HETATM 1323 O  O   . HOH I 3 .  ? 7.115   -9.074  -23.077 1.00 63.42  ? 84  HOH D O   1 
HETATM 1324 O  O   . HOH I 3 .  ? 11.525  8.719   -20.395 1.00 56.45  ? 85  HOH D O   1 
HETATM 1325 O  O   . HOH I 3 .  ? 1.929   13.373  -16.951 1.00 57.20  ? 86  HOH D O   1 
HETATM 1326 O  O   . HOH I 3 .  ? 5.957   13.689  -21.880 1.00 62.15  ? 87  HOH D O   1 
HETATM 1327 O  O   . HOH I 3 .  ? -0.492  13.612  -18.478 1.00 56.06  ? 88  HOH D O   1 
HETATM 1328 O  O   . HOH I 3 .  ? -11.164 3.141   -14.544 1.00 69.95  ? 89  HOH D O   1 
# 
